data_7X2E
# 
_entry.id   7X2E 
# 
_audit_conform.dict_name       mmcif_pdbx.dic 
_audit_conform.dict_version    5.380 
_audit_conform.dict_location   http://mmcif.pdb.org/dictionaries/ascii/mmcif_pdbx.dic 
# 
loop_
_database_2.database_id 
_database_2.database_code 
_database_2.pdbx_database_accession 
_database_2.pdbx_DOI 
PDB   7X2E         pdb_00007x2e 10.2210/pdb7x2e/pdb 
WWPDB D_1300027927 ?            ?                   
# 
_pdbx_database_status.status_code                     REL 
_pdbx_database_status.status_code_sf                  REL 
_pdbx_database_status.status_code_mr                  ? 
_pdbx_database_status.entry_id                        7X2E 
_pdbx_database_status.recvd_initial_deposition_date   2022-02-25 
_pdbx_database_status.SG_entry                        N 
_pdbx_database_status.deposit_site                    PDBJ 
_pdbx_database_status.process_site                    PDBJ 
_pdbx_database_status.status_code_cs                  ? 
_pdbx_database_status.status_code_nmr_data            ? 
_pdbx_database_status.methods_development_category    ? 
_pdbx_database_status.pdb_format_compatible           Y 
# 
loop_
_audit_author.name 
_audit_author.pdbx_ordinal 
_audit_author.identifier_ORCID 
'Yan, W.'  1 ?                   
'Chen, G.' 2 ?                   
'Li, J.'   3 0000-0002-8921-1626 
# 
_citation.abstract                  ? 
_citation.abstract_id_CAS           ? 
_citation.book_id_ISBN              ? 
_citation.book_publisher            ? 
_citation.book_publisher_city       ? 
_citation.book_title                ? 
_citation.coordinate_linkage        ? 
_citation.country                   US 
_citation.database_id_Medline       ? 
_citation.details                   ? 
_citation.id                        primary 
_citation.journal_abbrev            'Faseb J.' 
_citation.journal_id_ASTM           FAJOEC 
_citation.journal_id_CSD            2074 
_citation.journal_id_ISSN           1530-6860 
_citation.journal_full              ? 
_citation.journal_issue             ? 
_citation.journal_volume            36 
_citation.language                  ? 
_citation.page_first                e22425 
_citation.page_last                 e22425 
_citation.title                     
'Structure of the Harmonin PDZ2 and coiled-coil domains in a complex with CDHR2 tail and its implications.' 
_citation.year                      2022 
_citation.database_id_CSD           ? 
_citation.pdbx_database_id_DOI      10.1096/fj.202200403RR 
_citation.pdbx_database_id_PubMed   35747925 
_citation.pdbx_database_id_patent   ? 
_citation.unpublished_flag          ? 
# 
loop_
_citation_author.citation_id 
_citation_author.name 
_citation_author.ordinal 
_citation_author.identifier_ORCID 
primary 'Yan, W.'  1 ?                   
primary 'Chen, G.' 2 ?                   
primary 'Li, J.'   3 0000-0002-8921-1626 
# 
_cell.angle_alpha                  90.000 
_cell.angle_alpha_esd              ? 
_cell.angle_beta                   107.770 
_cell.angle_beta_esd               ? 
_cell.angle_gamma                  90.000 
_cell.angle_gamma_esd              ? 
_cell.entry_id                     7X2E 
_cell.details                      ? 
_cell.formula_units_Z              ? 
_cell.length_a                     54.516 
_cell.length_a_esd                 ? 
_cell.length_b                     50.681 
_cell.length_b_esd                 ? 
_cell.length_c                     72.847 
_cell.length_c_esd                 ? 
_cell.volume                       ? 
_cell.volume_esd                   ? 
_cell.Z_PDB                        4 
_cell.reciprocal_angle_alpha       ? 
_cell.reciprocal_angle_beta        ? 
_cell.reciprocal_angle_gamma       ? 
_cell.reciprocal_angle_alpha_esd   ? 
_cell.reciprocal_angle_beta_esd    ? 
_cell.reciprocal_angle_gamma_esd   ? 
_cell.reciprocal_length_a          ? 
_cell.reciprocal_length_b          ? 
_cell.reciprocal_length_c          ? 
_cell.reciprocal_length_a_esd      ? 
_cell.reciprocal_length_b_esd      ? 
_cell.reciprocal_length_c_esd      ? 
_cell.pdbx_unique_axis             ? 
# 
_symmetry.entry_id                         7X2E 
_symmetry.cell_setting                     ? 
_symmetry.Int_Tables_number                5 
_symmetry.space_group_name_Hall            ? 
_symmetry.space_group_name_H-M             'C 1 2 1' 
_symmetry.pdbx_full_space_group_name_H-M   ? 
# 
loop_
_entity.id 
_entity.type 
_entity.src_method 
_entity.pdbx_description 
_entity.formula_weight 
_entity.pdbx_number_of_molecules 
_entity.pdbx_ec 
_entity.pdbx_mutation 
_entity.pdbx_fragment 
_entity.details 
1 polymer     man Harmonin                           20037.754 1   ? ? ? ? 
2 polymer     syn 'Cadherin-related family member 2' 2022.217  1   ? ? ? ? 
3 non-polymer syn GLYCEROL                           92.094    2   ? ? ? ? 
4 water       nat water                              18.015    204 ? ? ? ? 
# 
_entity_name_com.entity_id   1 
_entity_name_com.name        'Usher syndrome type-1C protein' 
# 
loop_
_entity_poly.entity_id 
_entity_poly.type 
_entity_poly.nstd_linkage 
_entity_poly.nstd_monomer 
_entity_poly.pdbx_seq_one_letter_code 
_entity_poly.pdbx_seq_one_letter_code_can 
_entity_poly.pdbx_strand_id 
_entity_poly.pdbx_target_identifier 
1 'polypeptide(L)' no no 
;GGVRGSLGSPGNRENKEKKVFISLVGSRGLGCSISSGPIQKPGIFISHVKPGSLSAEVGLEIGDQIVEVNGVDFSNLDHK
EAVNVLKSSRSLTISIVAAAGRELFMTDRERLAEARQRELQRQELLMQKRLAMESNKILQEQQEMERQRRKEIAQKAAEE
NERYRKEMEQIVEEEEKF
;
;GGVRGSLGSPGNRENKEKKVFISLVGSRGLGCSISSGPIQKPGIFISHVKPGSLSAEVGLEIGDQIVEVNGVDFSNLDHK
EAVNVLKSSRSLTISIVAAAGRELFMTDRERLAEARQRELQRQELLMQKRLAMESNKILQEQQEMERQRRKEIAQKAAEE
NERYRKEMEQIVEEEEKF
;
A ? 
2 'polypeptide(L)' no no QQKKNLSFTNPGLDTTDL QQKKNLSFTNPGLDTTDL B ? 
# 
loop_
_entity_poly_seq.entity_id 
_entity_poly_seq.num 
_entity_poly_seq.mon_id 
_entity_poly_seq.hetero 
1 1   GLY n 
1 2   GLY n 
1 3   VAL n 
1 4   ARG n 
1 5   GLY n 
1 6   SER n 
1 7   LEU n 
1 8   GLY n 
1 9   SER n 
1 10  PRO n 
1 11  GLY n 
1 12  ASN n 
1 13  ARG n 
1 14  GLU n 
1 15  ASN n 
1 16  LYS n 
1 17  GLU n 
1 18  LYS n 
1 19  LYS n 
1 20  VAL n 
1 21  PHE n 
1 22  ILE n 
1 23  SER n 
1 24  LEU n 
1 25  VAL n 
1 26  GLY n 
1 27  SER n 
1 28  ARG n 
1 29  GLY n 
1 30  LEU n 
1 31  GLY n 
1 32  CYS n 
1 33  SER n 
1 34  ILE n 
1 35  SER n 
1 36  SER n 
1 37  GLY n 
1 38  PRO n 
1 39  ILE n 
1 40  GLN n 
1 41  LYS n 
1 42  PRO n 
1 43  GLY n 
1 44  ILE n 
1 45  PHE n 
1 46  ILE n 
1 47  SER n 
1 48  HIS n 
1 49  VAL n 
1 50  LYS n 
1 51  PRO n 
1 52  GLY n 
1 53  SER n 
1 54  LEU n 
1 55  SER n 
1 56  ALA n 
1 57  GLU n 
1 58  VAL n 
1 59  GLY n 
1 60  LEU n 
1 61  GLU n 
1 62  ILE n 
1 63  GLY n 
1 64  ASP n 
1 65  GLN n 
1 66  ILE n 
1 67  VAL n 
1 68  GLU n 
1 69  VAL n 
1 70  ASN n 
1 71  GLY n 
1 72  VAL n 
1 73  ASP n 
1 74  PHE n 
1 75  SER n 
1 76  ASN n 
1 77  LEU n 
1 78  ASP n 
1 79  HIS n 
1 80  LYS n 
1 81  GLU n 
1 82  ALA n 
1 83  VAL n 
1 84  ASN n 
1 85  VAL n 
1 86  LEU n 
1 87  LYS n 
1 88  SER n 
1 89  SER n 
1 90  ARG n 
1 91  SER n 
1 92  LEU n 
1 93  THR n 
1 94  ILE n 
1 95  SER n 
1 96  ILE n 
1 97  VAL n 
1 98  ALA n 
1 99  ALA n 
1 100 ALA n 
1 101 GLY n 
1 102 ARG n 
1 103 GLU n 
1 104 LEU n 
1 105 PHE n 
1 106 MET n 
1 107 THR n 
1 108 ASP n 
1 109 ARG n 
1 110 GLU n 
1 111 ARG n 
1 112 LEU n 
1 113 ALA n 
1 114 GLU n 
1 115 ALA n 
1 116 ARG n 
1 117 GLN n 
1 118 ARG n 
1 119 GLU n 
1 120 LEU n 
1 121 GLN n 
1 122 ARG n 
1 123 GLN n 
1 124 GLU n 
1 125 LEU n 
1 126 LEU n 
1 127 MET n 
1 128 GLN n 
1 129 LYS n 
1 130 ARG n 
1 131 LEU n 
1 132 ALA n 
1 133 MET n 
1 134 GLU n 
1 135 SER n 
1 136 ASN n 
1 137 LYS n 
1 138 ILE n 
1 139 LEU n 
1 140 GLN n 
1 141 GLU n 
1 142 GLN n 
1 143 GLN n 
1 144 GLU n 
1 145 MET n 
1 146 GLU n 
1 147 ARG n 
1 148 GLN n 
1 149 ARG n 
1 150 ARG n 
1 151 LYS n 
1 152 GLU n 
1 153 ILE n 
1 154 ALA n 
1 155 GLN n 
1 156 LYS n 
1 157 ALA n 
1 158 ALA n 
1 159 GLU n 
1 160 GLU n 
1 161 ASN n 
1 162 GLU n 
1 163 ARG n 
1 164 TYR n 
1 165 ARG n 
1 166 LYS n 
1 167 GLU n 
1 168 MET n 
1 169 GLU n 
1 170 GLN n 
1 171 ILE n 
1 172 VAL n 
1 173 GLU n 
1 174 GLU n 
1 175 GLU n 
1 176 GLU n 
1 177 LYS n 
1 178 PHE n 
2 1   GLN n 
2 2   GLN n 
2 3   LYS n 
2 4   LYS n 
2 5   ASN n 
2 6   LEU n 
2 7   SER n 
2 8   PHE n 
2 9   THR n 
2 10  ASN n 
2 11  PRO n 
2 12  GLY n 
2 13  LEU n 
2 14  ASP n 
2 15  THR n 
2 16  THR n 
2 17  ASP n 
2 18  LEU n 
# 
_entity_src_gen.entity_id                          1 
_entity_src_gen.pdbx_src_id                        1 
_entity_src_gen.pdbx_alt_source_flag               sample 
_entity_src_gen.pdbx_seq_type                      'Biological sequence' 
_entity_src_gen.pdbx_beg_seq_num                   1 
_entity_src_gen.pdbx_end_seq_num                   178 
_entity_src_gen.gene_src_common_name               human 
_entity_src_gen.gene_src_genus                     ? 
_entity_src_gen.pdbx_gene_src_gene                 USH1C 
_entity_src_gen.gene_src_species                   ? 
_entity_src_gen.gene_src_strain                    ? 
_entity_src_gen.gene_src_tissue                    ? 
_entity_src_gen.gene_src_tissue_fraction           ? 
_entity_src_gen.gene_src_details                   ? 
_entity_src_gen.pdbx_gene_src_fragment             ? 
_entity_src_gen.pdbx_gene_src_scientific_name      'Homo sapiens' 
_entity_src_gen.pdbx_gene_src_ncbi_taxonomy_id     9606 
_entity_src_gen.pdbx_gene_src_variant              ? 
_entity_src_gen.pdbx_gene_src_cell_line            ? 
_entity_src_gen.pdbx_gene_src_atcc                 ? 
_entity_src_gen.pdbx_gene_src_organ                ? 
_entity_src_gen.pdbx_gene_src_organelle            ? 
_entity_src_gen.pdbx_gene_src_cell                 ? 
_entity_src_gen.pdbx_gene_src_cellular_location    ? 
_entity_src_gen.host_org_common_name               ? 
_entity_src_gen.pdbx_host_org_scientific_name      'Escherichia coli' 
_entity_src_gen.pdbx_host_org_ncbi_taxonomy_id     562 
_entity_src_gen.host_org_genus                     ? 
_entity_src_gen.pdbx_host_org_gene                 ? 
_entity_src_gen.pdbx_host_org_organ                ? 
_entity_src_gen.host_org_species                   ? 
_entity_src_gen.pdbx_host_org_tissue               ? 
_entity_src_gen.pdbx_host_org_tissue_fraction      ? 
_entity_src_gen.pdbx_host_org_strain               ? 
_entity_src_gen.pdbx_host_org_variant              ? 
_entity_src_gen.pdbx_host_org_cell_line            ? 
_entity_src_gen.pdbx_host_org_atcc                 ? 
_entity_src_gen.pdbx_host_org_culture_collection   ? 
_entity_src_gen.pdbx_host_org_cell                 ? 
_entity_src_gen.pdbx_host_org_organelle            ? 
_entity_src_gen.pdbx_host_org_cellular_location    ? 
_entity_src_gen.pdbx_host_org_vector_type          ? 
_entity_src_gen.pdbx_host_org_vector               ? 
_entity_src_gen.host_org_details                   ? 
_entity_src_gen.expression_system_id               ? 
_entity_src_gen.plasmid_name                       ? 
_entity_src_gen.plasmid_details                    ? 
_entity_src_gen.pdbx_description                   ? 
# 
_pdbx_entity_src_syn.entity_id              2 
_pdbx_entity_src_syn.pdbx_src_id            1 
_pdbx_entity_src_syn.pdbx_alt_source_flag   sample 
_pdbx_entity_src_syn.pdbx_beg_seq_num       1 
_pdbx_entity_src_syn.pdbx_end_seq_num       18 
_pdbx_entity_src_syn.organism_scientific    'Mus musculus' 
_pdbx_entity_src_syn.organism_common_name   'house mouse' 
_pdbx_entity_src_syn.ncbi_taxonomy_id       10090 
_pdbx_entity_src_syn.details                ? 
# 
loop_
_struct_ref.id 
_struct_ref.db_name 
_struct_ref.db_code 
_struct_ref.pdbx_db_accession 
_struct_ref.pdbx_db_isoform 
_struct_ref.entity_id 
_struct_ref.pdbx_seq_one_letter_code 
_struct_ref.pdbx_align_begin 
1 UNP USH1C_HUMAN Q9Y6N9 ? 1 
;GGVRGSLGSPGNRENKEKKVFISLVGSRGLGCSISSGPIQKPGIFISHVKPGSLSAEVGLEIGDQIVEVNGVDFSNLDHK
EAVNVLKSSRSLTISIVAAAGRELFMTDRERLAEARQRELQRQELLMQKRLAMESNKILQEQQEMERQRRKEIAQKAAEE
NERYRKEMEQIVEEEEKF
;
193  
2 UNP CDHR2_MOUSE E9Q7P9 ? 2 QQKKNLSFTNPGLDTTDL 1291 
# 
loop_
_struct_ref_seq.align_id 
_struct_ref_seq.ref_id 
_struct_ref_seq.pdbx_PDB_id_code 
_struct_ref_seq.pdbx_strand_id 
_struct_ref_seq.seq_align_beg 
_struct_ref_seq.pdbx_seq_align_beg_ins_code 
_struct_ref_seq.seq_align_end 
_struct_ref_seq.pdbx_seq_align_end_ins_code 
_struct_ref_seq.pdbx_db_accession 
_struct_ref_seq.db_align_beg 
_struct_ref_seq.pdbx_db_align_beg_ins_code 
_struct_ref_seq.db_align_end 
_struct_ref_seq.pdbx_db_align_end_ins_code 
_struct_ref_seq.pdbx_auth_seq_align_beg 
_struct_ref_seq.pdbx_auth_seq_align_end 
1 1 7X2E A 1 ? 178 ? Q9Y6N9 193  ? 370  ? 193  370  
2 2 7X2E B 1 ? 18  ? E9Q7P9 1291 ? 1308 ? 1291 1308 
# 
loop_
_chem_comp.id 
_chem_comp.type 
_chem_comp.mon_nstd_flag 
_chem_comp.name 
_chem_comp.pdbx_synonyms 
_chem_comp.formula 
_chem_comp.formula_weight 
ALA 'L-peptide linking' y ALANINE         ?                               'C3 H7 N O2'     89.093  
ARG 'L-peptide linking' y ARGININE        ?                               'C6 H15 N4 O2 1' 175.209 
ASN 'L-peptide linking' y ASPARAGINE      ?                               'C4 H8 N2 O3'    132.118 
ASP 'L-peptide linking' y 'ASPARTIC ACID' ?                               'C4 H7 N O4'     133.103 
CYS 'L-peptide linking' y CYSTEINE        ?                               'C3 H7 N O2 S'   121.158 
GLN 'L-peptide linking' y GLUTAMINE       ?                               'C5 H10 N2 O3'   146.144 
GLU 'L-peptide linking' y 'GLUTAMIC ACID' ?                               'C5 H9 N O4'     147.129 
GLY 'peptide linking'   y GLYCINE         ?                               'C2 H5 N O2'     75.067  
GOL non-polymer         . GLYCEROL        'GLYCERIN; PROPANE-1,2,3-TRIOL' 'C3 H8 O3'       92.094  
HIS 'L-peptide linking' y HISTIDINE       ?                               'C6 H10 N3 O2 1' 156.162 
HOH non-polymer         . WATER           ?                               'H2 O'           18.015  
ILE 'L-peptide linking' y ISOLEUCINE      ?                               'C6 H13 N O2'    131.173 
LEU 'L-peptide linking' y LEUCINE         ?                               'C6 H13 N O2'    131.173 
LYS 'L-peptide linking' y LYSINE          ?                               'C6 H15 N2 O2 1' 147.195 
MET 'L-peptide linking' y METHIONINE      ?                               'C5 H11 N O2 S'  149.211 
PHE 'L-peptide linking' y PHENYLALANINE   ?                               'C9 H11 N O2'    165.189 
PRO 'L-peptide linking' y PROLINE         ?                               'C5 H9 N O2'     115.130 
SER 'L-peptide linking' y SERINE          ?                               'C3 H7 N O3'     105.093 
THR 'L-peptide linking' y THREONINE       ?                               'C4 H9 N O3'     119.119 
TYR 'L-peptide linking' y TYROSINE        ?                               'C9 H11 N O3'    181.189 
VAL 'L-peptide linking' y VALINE          ?                               'C5 H11 N O2'    117.146 
# 
_exptl.absorpt_coefficient_mu     ? 
_exptl.absorpt_correction_T_max   ? 
_exptl.absorpt_correction_T_min   ? 
_exptl.absorpt_correction_type    ? 
_exptl.absorpt_process_details    ? 
_exptl.entry_id                   7X2E 
_exptl.crystals_number            1 
_exptl.details                    ? 
_exptl.method                     'X-RAY DIFFRACTION' 
_exptl.method_details             ? 
# 
_exptl_crystal.colour                      ? 
_exptl_crystal.density_diffrn              ? 
_exptl_crystal.density_Matthews            2.17 
_exptl_crystal.density_method              ? 
_exptl_crystal.density_percent_sol         43.37 
_exptl_crystal.description                 ? 
_exptl_crystal.F_000                       ? 
_exptl_crystal.id                          1 
_exptl_crystal.preparation                 ? 
_exptl_crystal.size_max                    ? 
_exptl_crystal.size_mid                    ? 
_exptl_crystal.size_min                    ? 
_exptl_crystal.size_rad                    ? 
_exptl_crystal.colour_lustre               ? 
_exptl_crystal.colour_modifier             ? 
_exptl_crystal.colour_primary              ? 
_exptl_crystal.density_meas                ? 
_exptl_crystal.density_meas_esd            ? 
_exptl_crystal.density_meas_gt             ? 
_exptl_crystal.density_meas_lt             ? 
_exptl_crystal.density_meas_temp           ? 
_exptl_crystal.density_meas_temp_esd       ? 
_exptl_crystal.density_meas_temp_gt        ? 
_exptl_crystal.density_meas_temp_lt        ? 
_exptl_crystal.pdbx_crystal_image_url      ? 
_exptl_crystal.pdbx_crystal_image_format   ? 
_exptl_crystal.pdbx_mosaicity              ? 
_exptl_crystal.pdbx_mosaicity_esd          ? 
# 
_exptl_crystal_grow.apparatus       ? 
_exptl_crystal_grow.atmosphere      ? 
_exptl_crystal_grow.crystal_id      1 
_exptl_crystal_grow.details         ? 
_exptl_crystal_grow.method          'VAPOR DIFFUSION, SITTING DROP' 
_exptl_crystal_grow.method_ref      ? 
_exptl_crystal_grow.pH              ? 
_exptl_crystal_grow.pressure        ? 
_exptl_crystal_grow.pressure_esd    ? 
_exptl_crystal_grow.seeding         ? 
_exptl_crystal_grow.seeding_ref     ? 
_exptl_crystal_grow.temp            289 
_exptl_crystal_grow.temp_details    ? 
_exptl_crystal_grow.temp_esd        ? 
_exptl_crystal_grow.time            ? 
_exptl_crystal_grow.pdbx_details    '20% w/v polyethylene glycol 3000, 100 mM tri-sodium citrate, pH 5.5.' 
_exptl_crystal_grow.pdbx_pH_range   ? 
# 
_diffrn.ambient_environment              ? 
_diffrn.ambient_temp                     100 
_diffrn.ambient_temp_details             ? 
_diffrn.ambient_temp_esd                 ? 
_diffrn.crystal_id                       1 
_diffrn.crystal_support                  ? 
_diffrn.crystal_treatment                ? 
_diffrn.details                          ? 
_diffrn.id                               1 
_diffrn.ambient_pressure                 ? 
_diffrn.ambient_pressure_esd             ? 
_diffrn.ambient_pressure_gt              ? 
_diffrn.ambient_pressure_lt              ? 
_diffrn.ambient_temp_gt                  ? 
_diffrn.ambient_temp_lt                  ? 
_diffrn.pdbx_serial_crystal_experiment   N 
# 
_diffrn_detector.details                      ? 
_diffrn_detector.detector                     PIXEL 
_diffrn_detector.diffrn_id                    1 
_diffrn_detector.type                         'DECTRIS PILATUS 6M' 
_diffrn_detector.area_resol_mean              ? 
_diffrn_detector.dtime                        ? 
_diffrn_detector.pdbx_frames_total            ? 
_diffrn_detector.pdbx_collection_time_total   ? 
_diffrn_detector.pdbx_collection_date         2021-01-08 
_diffrn_detector.pdbx_frequency               ? 
# 
_diffrn_radiation.collimation                      ? 
_diffrn_radiation.diffrn_id                        1 
_diffrn_radiation.filter_edge                      ? 
_diffrn_radiation.inhomogeneity                    ? 
_diffrn_radiation.monochromator                    ? 
_diffrn_radiation.polarisn_norm                    ? 
_diffrn_radiation.polarisn_ratio                   ? 
_diffrn_radiation.probe                            ? 
_diffrn_radiation.type                             ? 
_diffrn_radiation.xray_symbol                      ? 
_diffrn_radiation.wavelength_id                    1 
_diffrn_radiation.pdbx_monochromatic_or_laue_m_l   M 
_diffrn_radiation.pdbx_wavelength_list             ? 
_diffrn_radiation.pdbx_wavelength                  ? 
_diffrn_radiation.pdbx_diffrn_protocol             'SINGLE WAVELENGTH' 
_diffrn_radiation.pdbx_analyzer                    ? 
_diffrn_radiation.pdbx_scattering_type             x-ray 
# 
_diffrn_radiation_wavelength.id           1 
_diffrn_radiation_wavelength.wavelength   0.97915 
_diffrn_radiation_wavelength.wt           1.0 
# 
_diffrn_source.current                     ? 
_diffrn_source.details                     ? 
_diffrn_source.diffrn_id                   1 
_diffrn_source.power                       ? 
_diffrn_source.size                        ? 
_diffrn_source.source                      SYNCHROTRON 
_diffrn_source.target                      ? 
_diffrn_source.type                        'SSRF BEAMLINE BL18U1' 
_diffrn_source.voltage                     ? 
_diffrn_source.take-off_angle              ? 
_diffrn_source.pdbx_wavelength_list        0.97915 
_diffrn_source.pdbx_wavelength             ? 
_diffrn_source.pdbx_synchrotron_beamline   BL18U1 
_diffrn_source.pdbx_synchrotron_site       SSRF 
# 
_reflns.B_iso_Wilson_estimate                          ? 
_reflns.entry_id                                       7X2E 
_reflns.data_reduction_details                         ? 
_reflns.data_reduction_method                          ? 
_reflns.d_resolution_high                              1.850 
_reflns.d_resolution_low                               30.000 
_reflns.details                                        ? 
_reflns.limit_h_max                                    ? 
_reflns.limit_h_min                                    ? 
_reflns.limit_k_max                                    ? 
_reflns.limit_k_min                                    ? 
_reflns.limit_l_max                                    ? 
_reflns.limit_l_min                                    ? 
_reflns.number_all                                     ? 
_reflns.number_obs                                     16311 
_reflns.observed_criterion                             ? 
_reflns.observed_criterion_F_max                       ? 
_reflns.observed_criterion_F_min                       ? 
_reflns.observed_criterion_I_max                       ? 
_reflns.observed_criterion_I_min                       ? 
_reflns.observed_criterion_sigma_F                     ? 
_reflns.observed_criterion_sigma_I                     ? 
_reflns.percent_possible_obs                           99.900 
_reflns.R_free_details                                 ? 
_reflns.Rmerge_F_all                                   ? 
_reflns.Rmerge_F_obs                                   ? 
_reflns.Friedel_coverage                               ? 
_reflns.number_gt                                      ? 
_reflns.threshold_expression                           ? 
_reflns.pdbx_redundancy                                6.300 
_reflns.pdbx_Rmerge_I_obs                              0.107 
_reflns.pdbx_Rmerge_I_all                              ? 
_reflns.pdbx_Rsym_value                                ? 
_reflns.pdbx_netI_over_av_sigmaI                       ? 
_reflns.pdbx_netI_over_sigmaI                          5.200 
_reflns.pdbx_res_netI_over_av_sigmaI_2                 ? 
_reflns.pdbx_res_netI_over_sigmaI_2                    ? 
_reflns.pdbx_chi_squared                               0.632 
_reflns.pdbx_scaling_rejects                           ? 
_reflns.pdbx_d_res_high_opt                            ? 
_reflns.pdbx_d_res_low_opt                             ? 
_reflns.pdbx_d_res_opt_method                          ? 
_reflns.phase_calculation_details                      ? 
_reflns.pdbx_Rrim_I_all                                0.117 
_reflns.pdbx_Rpim_I_all                                0.046 
_reflns.pdbx_d_opt                                     ? 
_reflns.pdbx_number_measured_all                       102320 
_reflns.pdbx_diffrn_id                                 1 
_reflns.pdbx_ordinal                                   1 
_reflns.pdbx_CC_half                                   ? 
_reflns.pdbx_CC_star                                   ? 
_reflns.pdbx_R_split                                   ? 
_reflns.pdbx_aniso_diffraction_limit_axis_1_ortho[1]   ? 
_reflns.pdbx_aniso_diffraction_limit_axis_1_ortho[2]   ? 
_reflns.pdbx_aniso_diffraction_limit_axis_1_ortho[3]   ? 
_reflns.pdbx_aniso_diffraction_limit_axis_2_ortho[1]   ? 
_reflns.pdbx_aniso_diffraction_limit_axis_2_ortho[2]   ? 
_reflns.pdbx_aniso_diffraction_limit_axis_2_ortho[3]   ? 
_reflns.pdbx_aniso_diffraction_limit_axis_3_ortho[1]   ? 
_reflns.pdbx_aniso_diffraction_limit_axis_3_ortho[2]   ? 
_reflns.pdbx_aniso_diffraction_limit_axis_3_ortho[3]   ? 
_reflns.pdbx_aniso_diffraction_limit_1                 ? 
_reflns.pdbx_aniso_diffraction_limit_2                 ? 
_reflns.pdbx_aniso_diffraction_limit_3                 ? 
_reflns.pdbx_aniso_B_tensor_eigenvector_1_ortho[1]     ? 
_reflns.pdbx_aniso_B_tensor_eigenvector_1_ortho[2]     ? 
_reflns.pdbx_aniso_B_tensor_eigenvector_1_ortho[3]     ? 
_reflns.pdbx_aniso_B_tensor_eigenvector_2_ortho[1]     ? 
_reflns.pdbx_aniso_B_tensor_eigenvector_2_ortho[2]     ? 
_reflns.pdbx_aniso_B_tensor_eigenvector_2_ortho[3]     ? 
_reflns.pdbx_aniso_B_tensor_eigenvector_3_ortho[1]     ? 
_reflns.pdbx_aniso_B_tensor_eigenvector_3_ortho[2]     ? 
_reflns.pdbx_aniso_B_tensor_eigenvector_3_ortho[3]     ? 
_reflns.pdbx_aniso_B_tensor_eigenvalue_1               ? 
_reflns.pdbx_aniso_B_tensor_eigenvalue_2               ? 
_reflns.pdbx_aniso_B_tensor_eigenvalue_3               ? 
_reflns.pdbx_orthogonalization_convention              ? 
_reflns.pdbx_percent_possible_ellipsoidal              ? 
_reflns.pdbx_percent_possible_spherical                ? 
_reflns.pdbx_percent_possible_ellipsoidal_anomalous    ? 
_reflns.pdbx_percent_possible_spherical_anomalous      ? 
_reflns.pdbx_redundancy_anomalous                      ? 
_reflns.pdbx_CC_half_anomalous                         ? 
_reflns.pdbx_absDiff_over_sigma_anomalous              ? 
_reflns.pdbx_percent_possible_anomalous                ? 
_reflns.pdbx_observed_signal_threshold                 ? 
_reflns.pdbx_signal_type                               ? 
_reflns.pdbx_signal_details                            ? 
_reflns.pdbx_signal_software_id                        ? 
# 
loop_
_reflns_shell.d_res_high 
_reflns_shell.d_res_low 
_reflns_shell.meanI_over_sigI_all 
_reflns_shell.meanI_over_sigI_obs 
_reflns_shell.number_measured_all 
_reflns_shell.number_measured_obs 
_reflns_shell.number_possible 
_reflns_shell.number_unique_all 
_reflns_shell.number_unique_obs 
_reflns_shell.percent_possible_all 
_reflns_shell.percent_possible_obs 
_reflns_shell.Rmerge_F_all 
_reflns_shell.Rmerge_F_obs 
_reflns_shell.Rmerge_I_all 
_reflns_shell.Rmerge_I_obs 
_reflns_shell.meanI_over_sigI_gt 
_reflns_shell.meanI_over_uI_all 
_reflns_shell.meanI_over_uI_gt 
_reflns_shell.number_measured_gt 
_reflns_shell.number_unique_gt 
_reflns_shell.percent_possible_gt 
_reflns_shell.Rmerge_F_gt 
_reflns_shell.Rmerge_I_gt 
_reflns_shell.pdbx_redundancy 
_reflns_shell.pdbx_Rsym_value 
_reflns_shell.pdbx_chi_squared 
_reflns_shell.pdbx_netI_over_sigmaI_all 
_reflns_shell.pdbx_netI_over_sigmaI_obs 
_reflns_shell.pdbx_Rrim_I_all 
_reflns_shell.pdbx_Rpim_I_all 
_reflns_shell.pdbx_rejects 
_reflns_shell.pdbx_ordinal 
_reflns_shell.pdbx_diffrn_id 
_reflns_shell.pdbx_CC_half 
_reflns_shell.pdbx_CC_star 
_reflns_shell.pdbx_R_split 
_reflns_shell.pdbx_percent_possible_ellipsoidal 
_reflns_shell.pdbx_percent_possible_spherical 
_reflns_shell.pdbx_percent_possible_ellipsoidal_anomalous 
_reflns_shell.pdbx_percent_possible_spherical_anomalous 
_reflns_shell.pdbx_redundancy_anomalous 
_reflns_shell.pdbx_CC_half_anomalous 
_reflns_shell.pdbx_absDiff_over_sigma_anomalous 
_reflns_shell.pdbx_percent_possible_anomalous 
1.850 1.880  ? ? ? ? ? ? 809 99.800  ? ? ? ? 0.893 ? ? ? ? ? ? ? ? 6.500 ? 0.611 ? ? 0.968 0.369 ? 1  1 0.776 ? ? ? ? ? ? ? ? ? ? 
1.880 1.920  ? ? ? ? ? ? 780 99.700  ? ? ? ? 0.754 ? ? ? ? ? ? ? ? 6.500 ? 0.610 ? ? 0.817 0.313 ? 2  1 0.851 ? ? ? ? ? ? ? ? ? ? 
1.920 1.950  ? ? ? ? ? ? 851 99.800  ? ? ? ? 0.571 ? ? ? ? ? ? ? ? 6.400 ? 0.761 ? ? 0.620 0.239 ? 3  1 0.858 ? ? ? ? ? ? ? ? ? ? 
1.950 1.990  ? ? ? ? ? ? 776 99.700  ? ? ? ? 0.552 ? ? ? ? ? ? ? ? 6.300 ? 0.581 ? ? 0.600 0.233 ? 4  1 0.897 ? ? ? ? ? ? ? ? ? ? 
1.990 2.040  ? ? ? ? ? ? 819 99.600  ? ? ? ? 0.395 ? ? ? ? ? ? ? ? 6.200 ? 0.553 ? ? 0.429 0.168 ? 5  1 0.930 ? ? ? ? ? ? ? ? ? ? 
2.040 2.080  ? ? ? ? ? ? 803 99.600  ? ? ? ? 0.336 ? ? ? ? ? ? ? ? 6.100 ? 0.596 ? ? 0.367 0.146 ? 6  1 0.930 ? ? ? ? ? ? ? ? ? ? 
2.080 2.140  ? ? ? ? ? ? 808 100.000 ? ? ? ? 0.277 ? ? ? ? ? ? ? ? 5.700 ? 0.537 ? ? 0.305 0.126 ? 7  1 0.953 ? ? ? ? ? ? ? ? ? ? 
2.140 2.190  ? ? ? ? ? ? 843 99.800  ? ? ? ? 0.245 ? ? ? ? ? ? ? ? 5.900 ? 0.562 ? ? 0.269 0.109 ? 8  1 0.969 ? ? ? ? ? ? ? ? ? ? 
2.190 2.260  ? ? ? ? ? ? 777 100.000 ? ? ? ? 0.264 ? ? ? ? ? ? ? ? 6.200 ? 0.965 ? ? 0.288 0.113 ? 9  1 0.960 ? ? ? ? ? ? ? ? ? ? 
2.260 2.330  ? ? ? ? ? ? 835 99.800  ? ? ? ? 0.190 ? ? ? ? ? ? ? ? 6.600 ? 0.559 ? ? 0.206 0.078 ? 10 1 0.984 ? ? ? ? ? ? ? ? ? ? 
2.330 2.410  ? ? ? ? ? ? 785 99.700  ? ? ? ? 0.159 ? ? ? ? ? ? ? ? 6.500 ? 0.533 ? ? 0.173 0.066 ? 11 1 0.987 ? ? ? ? ? ? ? ? ? ? 
2.410 2.510  ? ? ? ? ? ? 826 100.000 ? ? ? ? 0.141 ? ? ? ? ? ? ? ? 6.400 ? 0.533 ? ? 0.153 0.060 ? 12 1 0.991 ? ? ? ? ? ? ? ? ? ? 
2.510 2.620  ? ? ? ? ? ? 813 100.000 ? ? ? ? 0.118 ? ? ? ? ? ? ? ? 6.500 ? 0.541 ? ? 0.129 0.050 ? 13 1 0.992 ? ? ? ? ? ? ? ? ? ? 
2.620 2.760  ? ? ? ? ? ? 812 100.000 ? ? ? ? 0.106 ? ? ? ? ? ? ? ? 5.800 ? 0.577 ? ? 0.117 0.048 ? 14 1 0.991 ? ? ? ? ? ? ? ? ? ? 
2.760 2.940  ? ? ? ? ? ? 813 100.000 ? ? ? ? 0.083 ? ? ? ? ? ? ? ? 6.100 ? 0.568 ? ? 0.091 0.036 ? 15 1 0.995 ? ? ? ? ? ? ? ? ? ? 
2.940 3.160  ? ? ? ? ? ? 836 100.000 ? ? ? ? 0.072 ? ? ? ? ? ? ? ? 6.700 ? 0.610 ? ? 0.078 0.030 ? 16 1 0.997 ? ? ? ? ? ? ? ? ? ? 
3.160 3.480  ? ? ? ? ? ? 817 100.000 ? ? ? ? 0.057 ? ? ? ? ? ? ? ? 6.600 ? 0.679 ? ? 0.062 0.024 ? 17 1 0.997 ? ? ? ? ? ? ? ? ? ? 
3.480 3.980  ? ? ? ? ? ? 822 100.000 ? ? ? ? 0.046 ? ? ? ? ? ? ? ? 6.000 ? 0.750 ? ? 0.051 0.020 ? 18 1 0.998 ? ? ? ? ? ? ? ? ? ? 
3.980 5.010  ? ? ? ? ? ? 833 100.000 ? ? ? ? 0.038 ? ? ? ? ? ? ? ? 6.300 ? 0.771 ? ? 0.042 0.017 ? 19 1 0.999 ? ? ? ? ? ? ? ? ? ? 
5.010 30.000 ? ? ? ? ? ? 853 99.600  ? ? ? ? 0.040 ? ? ? ? ? ? ? ? 6.000 ? 0.751 ? ? 0.044 0.017 ? 20 1 0.999 ? ? ? ? ? ? ? ? ? ? 
# 
_refine.aniso_B[1][1]                            ? 
_refine.aniso_B[1][2]                            ? 
_refine.aniso_B[1][3]                            ? 
_refine.aniso_B[2][2]                            ? 
_refine.aniso_B[2][3]                            ? 
_refine.aniso_B[3][3]                            ? 
_refine.B_iso_max                                77.920 
_refine.B_iso_mean                               24.0993 
_refine.B_iso_min                                8.520 
_refine.correlation_coeff_Fo_to_Fc               ? 
_refine.correlation_coeff_Fo_to_Fc_free          ? 
_refine.details                                  ? 
_refine.diff_density_max                         ? 
_refine.diff_density_max_esd                     ? 
_refine.diff_density_min                         ? 
_refine.diff_density_min_esd                     ? 
_refine.diff_density_rms                         ? 
_refine.diff_density_rms_esd                     ? 
_refine.entry_id                                 7X2E 
_refine.pdbx_refine_id                           'X-RAY DIFFRACTION' 
_refine.ls_abs_structure_details                 ? 
_refine.ls_abs_structure_Flack                   ? 
_refine.ls_abs_structure_Flack_esd               ? 
_refine.ls_abs_structure_Rogers                  ? 
_refine.ls_abs_structure_Rogers_esd              ? 
_refine.ls_d_res_high                            1.8500 
_refine.ls_d_res_low                             28.2600 
_refine.ls_extinction_coef                       ? 
_refine.ls_extinction_coef_esd                   ? 
_refine.ls_extinction_expression                 ? 
_refine.ls_extinction_method                     ? 
_refine.ls_goodness_of_fit_all                   ? 
_refine.ls_goodness_of_fit_all_esd               ? 
_refine.ls_goodness_of_fit_obs                   ? 
_refine.ls_goodness_of_fit_obs_esd               ? 
_refine.ls_hydrogen_treatment                    ? 
_refine.ls_matrix_type                           ? 
_refine.ls_number_constraints                    ? 
_refine.ls_number_parameters                     ? 
_refine.ls_number_reflns_all                     ? 
_refine.ls_number_reflns_obs                     16308 
_refine.ls_number_reflns_R_free                  840 
_refine.ls_number_reflns_R_work                  15468 
_refine.ls_number_restraints                     ? 
_refine.ls_percent_reflns_obs                    99.4000 
_refine.ls_percent_reflns_R_free                 5.1500 
_refine.ls_R_factor_all                          ? 
_refine.ls_R_factor_obs                          0.1825 
_refine.ls_R_factor_R_free                       0.2162 
_refine.ls_R_factor_R_free_error                 ? 
_refine.ls_R_factor_R_free_error_details         ? 
_refine.ls_R_factor_R_work                       0.1806 
_refine.ls_R_Fsqd_factor_obs                     ? 
_refine.ls_R_I_factor_obs                        ? 
_refine.ls_redundancy_reflns_all                 ? 
_refine.ls_redundancy_reflns_obs                 ? 
_refine.ls_restrained_S_all                      ? 
_refine.ls_restrained_S_obs                      ? 
_refine.ls_shift_over_esd_max                    ? 
_refine.ls_shift_over_esd_mean                   ? 
_refine.ls_structure_factor_coef                 ? 
_refine.ls_weighting_details                     ? 
_refine.ls_weighting_scheme                      ? 
_refine.ls_wR_factor_all                         ? 
_refine.ls_wR_factor_obs                         ? 
_refine.ls_wR_factor_R_free                      ? 
_refine.ls_wR_factor_R_work                      ? 
_refine.occupancy_max                            ? 
_refine.occupancy_min                            ? 
_refine.solvent_model_details                    'FLAT BULK SOLVENT MODEL' 
_refine.solvent_model_param_bsol                 ? 
_refine.solvent_model_param_ksol                 ? 
_refine.pdbx_R_complete                          ? 
_refine.ls_R_factor_gt                           ? 
_refine.ls_goodness_of_fit_gt                    ? 
_refine.ls_goodness_of_fit_ref                   ? 
_refine.ls_shift_over_su_max                     ? 
_refine.ls_shift_over_su_max_lt                  ? 
_refine.ls_shift_over_su_mean                    ? 
_refine.ls_shift_over_su_mean_lt                 ? 
_refine.pdbx_ls_sigma_I                          ? 
_refine.pdbx_ls_sigma_F                          1.400 
_refine.pdbx_ls_sigma_Fsqd                       ? 
_refine.pdbx_data_cutoff_high_absF               ? 
_refine.pdbx_data_cutoff_high_rms_absF           ? 
_refine.pdbx_data_cutoff_low_absF                ? 
_refine.pdbx_isotropic_thermal_model             ? 
_refine.pdbx_ls_cross_valid_method               THROUGHOUT 
_refine.pdbx_method_to_determine_struct          'MOLECULAR REPLACEMENT' 
_refine.pdbx_starting_model                      2KBS 
_refine.pdbx_stereochemistry_target_values       ML 
_refine.pdbx_R_Free_selection_details            ? 
_refine.pdbx_stereochem_target_val_spec_case     ? 
_refine.pdbx_overall_ESU_R                       ? 
_refine.pdbx_overall_ESU_R_Free                  ? 
_refine.pdbx_solvent_vdw_probe_radii             1.1100 
_refine.pdbx_solvent_ion_probe_radii             ? 
_refine.pdbx_solvent_shrinkage_radii             0.9000 
_refine.pdbx_real_space_R                        ? 
_refine.pdbx_density_correlation                 ? 
_refine.pdbx_pd_number_of_powder_patterns        ? 
_refine.pdbx_pd_number_of_points                 ? 
_refine.pdbx_pd_meas_number_of_points            ? 
_refine.pdbx_pd_proc_ls_prof_R_factor            ? 
_refine.pdbx_pd_proc_ls_prof_wR_factor           ? 
_refine.pdbx_pd_Marquardt_correlation_coeff      ? 
_refine.pdbx_pd_Fsqrd_R_factor                   ? 
_refine.pdbx_pd_ls_matrix_band_width             ? 
_refine.pdbx_overall_phase_error                 19.9300 
_refine.pdbx_overall_SU_R_free_Cruickshank_DPI   ? 
_refine.pdbx_overall_SU_R_free_Blow_DPI          ? 
_refine.pdbx_overall_SU_R_Blow_DPI               ? 
_refine.pdbx_TLS_residual_ADP_flag               ? 
_refine.pdbx_diffrn_id                           1 
_refine.overall_SU_B                             ? 
_refine.overall_SU_ML                            0.1600 
_refine.overall_SU_R_Cruickshank_DPI             ? 
_refine.overall_SU_R_free                        ? 
_refine.overall_FOM_free_R_set                   ? 
_refine.overall_FOM_work_R_set                   ? 
_refine.pdbx_average_fsc_overall                 ? 
_refine.pdbx_average_fsc_work                    ? 
_refine.pdbx_average_fsc_free                    ? 
# 
_refine_hist.pdbx_refine_id                   'X-RAY DIFFRACTION' 
_refine_hist.cycle_id                         final 
_refine_hist.details                          ? 
_refine_hist.d_res_high                       1.8500 
_refine_hist.d_res_low                        28.2600 
_refine_hist.number_atoms_solvent             204 
_refine_hist.number_atoms_total               1525 
_refine_hist.number_reflns_all                ? 
_refine_hist.number_reflns_obs                ? 
_refine_hist.number_reflns_R_free             ? 
_refine_hist.number_reflns_R_work             ? 
_refine_hist.R_factor_all                     ? 
_refine_hist.R_factor_obs                     ? 
_refine_hist.R_factor_R_free                  ? 
_refine_hist.R_factor_R_work                  ? 
_refine_hist.pdbx_number_residues_total       170 
_refine_hist.pdbx_B_iso_mean_ligand           37.99 
_refine_hist.pdbx_B_iso_mean_solvent          33.67 
_refine_hist.pdbx_number_atoms_protein        1309 
_refine_hist.pdbx_number_atoms_nucleic_acid   0 
_refine_hist.pdbx_number_atoms_ligand         12 
_refine_hist.pdbx_number_atoms_lipid          ? 
_refine_hist.pdbx_number_atoms_carb           ? 
_refine_hist.pdbx_pseudo_atom_details         ? 
# 
loop_
_refine_ls_shell.pdbx_refine_id 
_refine_ls_shell.d_res_high 
_refine_ls_shell.d_res_low 
_refine_ls_shell.number_reflns_all 
_refine_ls_shell.number_reflns_obs 
_refine_ls_shell.number_reflns_R_free 
_refine_ls_shell.number_reflns_R_work 
_refine_ls_shell.percent_reflns_obs 
_refine_ls_shell.percent_reflns_R_free 
_refine_ls_shell.R_factor_all 
_refine_ls_shell.R_factor_obs 
_refine_ls_shell.R_factor_R_free 
_refine_ls_shell.R_factor_R_free_error 
_refine_ls_shell.R_factor_R_work 
_refine_ls_shell.redundancy_reflns_all 
_refine_ls_shell.redundancy_reflns_obs 
_refine_ls_shell.wR_factor_all 
_refine_ls_shell.wR_factor_obs 
_refine_ls_shell.wR_factor_R_free 
_refine_ls_shell.wR_factor_R_work 
_refine_ls_shell.pdbx_R_complete 
_refine_ls_shell.pdbx_total_number_of_bins_used 
_refine_ls_shell.pdbx_phase_error 
_refine_ls_shell.pdbx_fsc_work 
_refine_ls_shell.pdbx_fsc_free 
'X-RAY DIFFRACTION' 1.8500 1.9600  2647 . 130 2517 97.0000  . . . 0.2600 0.0000 0.2421 . . . . . . . 6 . . . 
'X-RAY DIFFRACTION' 1.9600 2.1100  2706 . 150 2556 100.0000 . . . 0.2359 0.0000 0.1909 . . . . . . . 6 . . . 
'X-RAY DIFFRACTION' 2.1100 2.3300  2714 . 142 2572 100.0000 . . . 0.2201 0.0000 0.1753 . . . . . . . 6 . . . 
'X-RAY DIFFRACTION' 2.3300 2.6600  2722 . 139 2583 100.0000 . . . 0.1879 0.0000 0.1846 . . . . . . . 6 . . . 
'X-RAY DIFFRACTION' 2.6600 3.3500  2733 . 149 2584 100.0000 . . . 0.2451 0.0000 0.1745 . . . . . . . 6 . . . 
'X-RAY DIFFRACTION' 3.3500 28.2600 2786 . 130 2656 100.0000 . . . 0.1940 0.0000 0.1700 . . . . . . . 6 . . . 
# 
_struct.entry_id                     7X2E 
_struct.title                        'Structure of USH1C PDZ2 and coiled-coil in complex with CDHR2 C-terminal tail' 
_struct.pdbx_model_details           ? 
_struct.pdbx_formula_weight          ? 
_struct.pdbx_formula_weight_method   ? 
_struct.pdbx_model_type_details      ? 
_struct.pdbx_CASP_flag               N 
# 
_struct_keywords.entry_id        7X2E 
_struct_keywords.text            'CELL ADHESION, PEPTIDE BINDING PROTEIN, PROTEIN BINDING' 
_struct_keywords.pdbx_keywords   'PROTEIN BINDING' 
# 
loop_
_struct_asym.id 
_struct_asym.pdbx_blank_PDB_chainid_flag 
_struct_asym.pdbx_modified 
_struct_asym.entity_id 
_struct_asym.details 
A N N 1 ? 
B N N 2 ? 
C N N 3 ? 
D N N 3 ? 
E N N 4 ? 
F N N 4 ? 
# 
loop_
_struct_conf.conf_type_id 
_struct_conf.id 
_struct_conf.pdbx_PDB_helix_id 
_struct_conf.beg_label_comp_id 
_struct_conf.beg_label_asym_id 
_struct_conf.beg_label_seq_id 
_struct_conf.pdbx_beg_PDB_ins_code 
_struct_conf.end_label_comp_id 
_struct_conf.end_label_asym_id 
_struct_conf.end_label_seq_id 
_struct_conf.pdbx_end_PDB_ins_code 
_struct_conf.beg_auth_comp_id 
_struct_conf.beg_auth_asym_id 
_struct_conf.beg_auth_seq_id 
_struct_conf.end_auth_comp_id 
_struct_conf.end_auth_asym_id 
_struct_conf.end_auth_seq_id 
_struct_conf.pdbx_PDB_helix_class 
_struct_conf.details 
_struct_conf.pdbx_PDB_helix_length 
HELX_P HELX_P1 AA1 SER A 53  ? VAL A 58  ? SER A 245 VAL A 250 1 ? 6  
HELX_P HELX_P2 AA2 ASP A 78  ? LYS A 87  ? ASP A 270 LYS A 279 1 ? 10 
HELX_P HELX_P3 AA3 GLY A 101 ? MET A 106 ? GLY A 293 MET A 298 5 ? 6  
HELX_P HELX_P4 AA4 THR A 107 ? GLU A 176 ? THR A 299 GLU A 368 1 ? 70 
# 
_struct_conf_type.id          HELX_P 
_struct_conf_type.criteria    ? 
_struct_conf_type.reference   ? 
# 
loop_
_struct_sheet.id 
_struct_sheet.type 
_struct_sheet.number_strands 
_struct_sheet.details 
AA1 ? 4 ? 
AA2 ? 6 ? 
# 
loop_
_struct_sheet_order.sheet_id 
_struct_sheet_order.range_id_1 
_struct_sheet_order.range_id_2 
_struct_sheet_order.offset 
_struct_sheet_order.sense 
AA1 1 2 ? anti-parallel 
AA1 2 3 ? anti-parallel 
AA1 3 4 ? anti-parallel 
AA2 1 2 ? anti-parallel 
AA2 2 3 ? anti-parallel 
AA2 3 4 ? anti-parallel 
AA2 4 5 ? anti-parallel 
AA2 5 6 ? anti-parallel 
# 
loop_
_struct_sheet_range.sheet_id 
_struct_sheet_range.id 
_struct_sheet_range.beg_label_comp_id 
_struct_sheet_range.beg_label_asym_id 
_struct_sheet_range.beg_label_seq_id 
_struct_sheet_range.pdbx_beg_PDB_ins_code 
_struct_sheet_range.end_label_comp_id 
_struct_sheet_range.end_label_asym_id 
_struct_sheet_range.end_label_seq_id 
_struct_sheet_range.pdbx_end_PDB_ins_code 
_struct_sheet_range.beg_auth_comp_id 
_struct_sheet_range.beg_auth_asym_id 
_struct_sheet_range.beg_auth_seq_id 
_struct_sheet_range.end_auth_comp_id 
_struct_sheet_range.end_auth_asym_id 
_struct_sheet_range.end_auth_seq_id 
AA1 1 LYS A 18 ? ILE A 22 ? LYS A 210  ILE A 214  
AA1 2 LEU A 92 ? VAL A 97 ? LEU A 284  VAL A 289  
AA1 3 GLN A 65 ? VAL A 69 ? GLN A 257  VAL A 261  
AA1 4 VAL A 72 ? ASP A 73 ? VAL A 264  ASP A 265  
AA2 1 LYS A 18 ? ILE A 22 ? LYS A 210  ILE A 214  
AA2 2 LEU A 92 ? VAL A 97 ? LEU A 284  VAL A 289  
AA2 3 GLN A 65 ? VAL A 69 ? GLN A 257  VAL A 261  
AA2 4 ILE A 44 ? VAL A 49 ? ILE A 236  VAL A 241  
AA2 5 CYS A 32 ? SER A 36 ? CYS A 224  SER A 228  
AA2 6 THR B 15 ? ASP B 17 ? THR B 1305 ASP B 1307 
# 
loop_
_pdbx_struct_sheet_hbond.sheet_id 
_pdbx_struct_sheet_hbond.range_id_1 
_pdbx_struct_sheet_hbond.range_id_2 
_pdbx_struct_sheet_hbond.range_1_label_atom_id 
_pdbx_struct_sheet_hbond.range_1_label_comp_id 
_pdbx_struct_sheet_hbond.range_1_label_asym_id 
_pdbx_struct_sheet_hbond.range_1_label_seq_id 
_pdbx_struct_sheet_hbond.range_1_PDB_ins_code 
_pdbx_struct_sheet_hbond.range_1_auth_atom_id 
_pdbx_struct_sheet_hbond.range_1_auth_comp_id 
_pdbx_struct_sheet_hbond.range_1_auth_asym_id 
_pdbx_struct_sheet_hbond.range_1_auth_seq_id 
_pdbx_struct_sheet_hbond.range_2_label_atom_id 
_pdbx_struct_sheet_hbond.range_2_label_comp_id 
_pdbx_struct_sheet_hbond.range_2_label_asym_id 
_pdbx_struct_sheet_hbond.range_2_label_seq_id 
_pdbx_struct_sheet_hbond.range_2_PDB_ins_code 
_pdbx_struct_sheet_hbond.range_2_auth_atom_id 
_pdbx_struct_sheet_hbond.range_2_auth_comp_id 
_pdbx_struct_sheet_hbond.range_2_auth_asym_id 
_pdbx_struct_sheet_hbond.range_2_auth_seq_id 
AA1 1 2 N LYS A 18 ? N LYS A 210 O ILE A 96 ? O ILE A 288  
AA1 2 3 O SER A 95 ? O SER A 287 N GLU A 68 ? N GLU A 260  
AA1 3 4 N VAL A 69 ? N VAL A 261 O VAL A 72 ? O VAL A 264  
AA2 1 2 N LYS A 18 ? N LYS A 210 O ILE A 96 ? O ILE A 288  
AA2 2 3 O SER A 95 ? O SER A 287 N GLU A 68 ? N GLU A 260  
AA2 3 4 O ILE A 66 ? O ILE A 258 N ILE A 44 ? N ILE A 236  
AA2 4 5 O PHE A 45 ? O PHE A 237 N SER A 35 ? N SER A 227  
AA2 5 6 N ILE A 34 ? N ILE A 226 O THR B 16 ? O THR B 1306 
# 
_atom_sites.entry_id                    7X2E 
_atom_sites.Cartn_transf_matrix[1][1]   ? 
_atom_sites.Cartn_transf_matrix[1][2]   ? 
_atom_sites.Cartn_transf_matrix[1][3]   ? 
_atom_sites.Cartn_transf_matrix[2][1]   ? 
_atom_sites.Cartn_transf_matrix[2][2]   ? 
_atom_sites.Cartn_transf_matrix[2][3]   ? 
_atom_sites.Cartn_transf_matrix[3][1]   ? 
_atom_sites.Cartn_transf_matrix[3][2]   ? 
_atom_sites.Cartn_transf_matrix[3][3]   ? 
_atom_sites.Cartn_transf_vector[1]      ? 
_atom_sites.Cartn_transf_vector[2]      ? 
_atom_sites.Cartn_transf_vector[3]      ? 
_atom_sites.fract_transf_matrix[1][1]   -0.00932466 
_atom_sites.fract_transf_matrix[1][2]   -0.01261264 
_atom_sites.fract_transf_matrix[1][3]   0.01117983 
_atom_sites.fract_transf_matrix[2][1]   0.00479632 
_atom_sites.fract_transf_matrix[2][2]   -0.01455858 
_atom_sites.fract_transf_matrix[2][3]   -0.01242399 
_atom_sites.fract_transf_matrix[3][1]   0.00940929 
_atom_sites.fract_transf_matrix[3][2]   -0.00512805 
_atom_sites.fract_transf_matrix[3][3]   0.00964160 
_atom_sites.fract_transf_vector[1]      0.212528 
_atom_sites.fract_transf_vector[2]      0.488838 
_atom_sites.fract_transf_vector[3]      0.990839 
_atom_sites.solution_primary            ? 
_atom_sites.solution_secondary          ? 
_atom_sites.solution_hydrogens          ? 
_atom_sites.special_details             ? 
# 
loop_
_atom_type.symbol 
C 
N 
O 
S 
# 
loop_
_atom_site.group_PDB 
_atom_site.id 
_atom_site.type_symbol 
_atom_site.label_atom_id 
_atom_site.label_alt_id 
_atom_site.label_comp_id 
_atom_site.label_asym_id 
_atom_site.label_entity_id 
_atom_site.label_seq_id 
_atom_site.pdbx_PDB_ins_code 
_atom_site.Cartn_x 
_atom_site.Cartn_y 
_atom_site.Cartn_z 
_atom_site.occupancy 
_atom_site.B_iso_or_equiv 
_atom_site.pdbx_formal_charge 
_atom_site.auth_seq_id 
_atom_site.auth_comp_id 
_atom_site.auth_asym_id 
_atom_site.auth_atom_id 
_atom_site.pdbx_PDB_model_num 
ATOM   1    N N   . LYS A 1 16  ? 18.470  -0.566  -7.533  1.00 50.33 ? 208  LYS A N   1 
ATOM   2    C CA  . LYS A 1 16  ? 17.686  0.236   -6.600  1.00 50.97 ? 208  LYS A CA  1 
ATOM   3    C C   . LYS A 1 16  ? 18.591  1.014   -5.648  1.00 48.32 ? 208  LYS A C   1 
ATOM   4    O O   . LYS A 1 16  ? 18.142  1.505   -4.612  1.00 40.07 ? 208  LYS A O   1 
ATOM   5    C CB  . LYS A 1 16  ? 16.726  -0.651  -5.805  1.00 42.92 ? 208  LYS A CB  1 
ATOM   6    N N   . GLU A 1 17  ? 19.866  1.123   -6.004  1.00 29.52 ? 209  GLU A N   1 
ATOM   7    C CA  . GLU A 1 17  ? 20.830  1.845   -5.188  1.00 32.29 ? 209  GLU A CA  1 
ATOM   8    C C   . GLU A 1 17  ? 20.814  3.329   -5.523  1.00 33.22 ? 209  GLU A C   1 
ATOM   9    O O   . GLU A 1 17  ? 20.597  3.728   -6.671  1.00 37.64 ? 209  GLU A O   1 
ATOM   10   C CB  . GLU A 1 17  ? 22.243  1.296   -5.392  1.00 25.96 ? 209  GLU A CB  1 
ATOM   11   C CG  . GLU A 1 17  ? 22.465  -0.113  -4.874  1.00 30.33 ? 209  GLU A CG  1 
ATOM   12   C CD  . GLU A 1 17  ? 23.852  -0.627  -5.198  1.00 33.98 ? 209  GLU A CD  1 
ATOM   13   O OE1 . GLU A 1 17  ? 24.118  -1.824  -4.963  1.00 36.45 ? 209  GLU A OE1 1 
ATOM   14   O OE2 . GLU A 1 17  ? 24.679  0.174   -5.685  1.00 35.36 ? 209  GLU A OE2 1 
ATOM   15   N N   . LYS A 1 18  ? 21.052  4.147   -4.503  1.00 28.51 ? 210  LYS A N   1 
ATOM   16   C CA  . LYS A 1 18  ? 21.212  5.584   -4.655  1.00 28.77 ? 210  LYS A CA  1 
ATOM   17   C C   . LYS A 1 18  ? 22.613  5.976   -4.208  1.00 32.88 ? 210  LYS A C   1 
ATOM   18   O O   . LYS A 1 18  ? 23.156  5.397   -3.260  1.00 22.54 ? 210  LYS A O   1 
ATOM   19   C CB  . LYS A 1 18  ? 20.162  6.349   -3.843  1.00 22.81 ? 210  LYS A CB  1 
ATOM   20   N N   . LYS A 1 19  ? 23.198  6.954   -4.891  1.00 27.66 ? 211  LYS A N   1 
ATOM   21   C CA  . LYS A 1 19  ? 24.564  7.383   -4.628  1.00 23.27 ? 211  LYS A CA  1 
ATOM   22   C C   . LYS A 1 19  ? 24.544  8.818   -4.124  1.00 32.76 ? 211  LYS A C   1 
ATOM   23   O O   . LYS A 1 19  ? 23.929  9.690   -4.748  1.00 37.26 ? 211  LYS A O   1 
ATOM   24   C CB  . LYS A 1 19  ? 25.425  7.254   -5.888  1.00 34.85 ? 211  LYS A CB  1 
ATOM   25   C CG  . LYS A 1 19  ? 26.908  7.464   -5.661  1.00 34.87 ? 211  LYS A CG  1 
ATOM   26   C CD  . LYS A 1 19  ? 27.683  7.291   -6.957  1.00 36.28 ? 211  LYS A CD  1 
ATOM   27   C CE  . LYS A 1 19  ? 27.692  5.838   -7.409  1.00 40.88 ? 211  LYS A CE  1 
ATOM   28   N NZ  . LYS A 1 19  ? 28.461  4.952   -6.493  1.00 37.48 ? 211  LYS A NZ  1 
ATOM   29   N N   . VAL A 1 20  ? 25.210  9.061   -2.998  1.00 25.59 ? 212  VAL A N   1 
ATOM   30   C CA  . VAL A 1 20  ? 25.177  10.359  -2.340  1.00 20.47 ? 212  VAL A CA  1 
ATOM   31   C C   . VAL A 1 20  ? 26.604  10.827  -2.081  1.00 27.39 ? 212  VAL A C   1 
ATOM   32   O O   . VAL A 1 20  ? 27.520  10.017  -1.903  1.00 20.17 ? 212  VAL A O   1 
ATOM   33   C CB  . VAL A 1 20  ? 24.354  10.297  -1.032  1.00 32.38 ? 212  VAL A CB  1 
ATOM   34   C CG1 . VAL A 1 20  ? 25.110  9.559   0.067   1.00 27.92 ? 212  VAL A CG1 1 
ATOM   35   C CG2 . VAL A 1 20  ? 23.948  11.672  -0.601  1.00 33.24 ? 212  VAL A CG2 1 
ATOM   36   N N   . PHE A 1 21  ? 26.790  12.149  -2.061  1.00 25.85 ? 213  PHE A N   1 
ATOM   37   C CA  . PHE A 1 21  ? 28.115  12.764  -1.988  1.00 23.83 ? 213  PHE A CA  1 
ATOM   38   C C   . PHE A 1 21  ? 28.173  13.731  -0.816  1.00 35.13 ? 213  PHE A C   1 
ATOM   39   O O   . PHE A 1 21  ? 27.361  14.658  -0.733  1.00 29.00 ? 213  PHE A O   1 
ATOM   40   C CB  . PHE A 1 21  ? 28.453  13.507  -3.286  1.00 20.22 ? 213  PHE A CB  1 
ATOM   41   C CG  . PHE A 1 21  ? 28.414  12.643  -4.515  1.00 22.29 ? 213  PHE A CG  1 
ATOM   42   C CD1 . PHE A 1 21  ? 27.224  12.418  -5.183  1.00 20.02 ? 213  PHE A CD1 1 
ATOM   43   C CD2 . PHE A 1 21  ? 29.575  12.070  -5.010  1.00 23.80 ? 213  PHE A CD2 1 
ATOM   44   C CE1 . PHE A 1 21  ? 27.187  11.625  -6.315  1.00 23.81 ? 213  PHE A CE1 1 
ATOM   45   C CE2 . PHE A 1 21  ? 29.544  11.278  -6.144  1.00 21.75 ? 213  PHE A CE2 1 
ATOM   46   C CZ  . PHE A 1 21  ? 28.349  11.055  -6.796  1.00 32.59 ? 213  PHE A CZ  1 
ATOM   47   N N   . ILE A 1 22  ? 29.142  13.527  0.072   1.00 25.53 ? 214  ILE A N   1 
ATOM   48   C CA  . ILE A 1 22  ? 29.401  14.430  1.186   1.00 31.89 ? 214  ILE A CA  1 
ATOM   49   C C   . ILE A 1 22  ? 30.808  14.986  1.030   1.00 41.05 ? 214  ILE A C   1 
ATOM   50   O O   . ILE A 1 22  ? 31.768  14.224  0.864   1.00 37.63 ? 214  ILE A O   1 
ATOM   51   C CB  . ILE A 1 22  ? 29.238  13.726  2.547   1.00 31.95 ? 214  ILE A CB  1 
ATOM   52   C CG1 . ILE A 1 22  ? 27.787  13.281  2.743   1.00 29.83 ? 214  ILE A CG1 1 
ATOM   53   C CG2 . ILE A 1 22  ? 29.679  14.642  3.680   1.00 36.43 ? 214  ILE A CG2 1 
ATOM   54   C CD1 . ILE A 1 22  ? 27.632  12.090  3.659   1.00 37.89 ? 214  ILE A CD1 1 
ATOM   55   N N   . SER A 1 23  ? 30.927  16.310  1.077   1.00 46.50 ? 215  SER A N   1 
ATOM   56   C CA  . SER A 1 23  ? 32.197  16.994  0.912   1.00 44.90 ? 215  SER A CA  1 
ATOM   57   C C   . SER A 1 23  ? 32.557  17.746  2.186   1.00 53.95 ? 215  SER A C   1 
ATOM   58   O O   . SER A 1 23  ? 31.693  18.068  3.008   1.00 44.33 ? 215  SER A O   1 
ATOM   59   C CB  . SER A 1 23  ? 32.155  17.976  -0.265  1.00 50.91 ? 215  SER A CB  1 
ATOM   60   O OG  . SER A 1 23  ? 31.199  18.999  -0.043  1.00 62.99 ? 215  SER A OG  1 
ATOM   61   N N   . LEU A 1 24  ? 33.853  18.022  2.331   1.00 62.78 ? 216  LEU A N   1 
ATOM   62   C CA  . LEU A 1 24  ? 34.385  18.838  3.424   1.00 61.82 ? 216  LEU A CA  1 
ATOM   63   C C   . LEU A 1 24  ? 33.906  18.331  4.784   1.00 60.61 ? 216  LEU A C   1 
ATOM   64   O O   . LEU A 1 24  ? 33.334  19.072  5.587   1.00 64.38 ? 216  LEU A O   1 
ATOM   65   C CB  . LEU A 1 24  ? 34.019  20.310  3.229   1.00 59.49 ? 216  LEU A CB  1 
ATOM   66   N N   . VAL A 1 25  ? 34.139  17.042  5.036   1.00 52.73 ? 217  VAL A N   1 
ATOM   67   C CA  . VAL A 1 25  ? 33.804  16.470  6.335   1.00 51.81 ? 217  VAL A CA  1 
ATOM   68   C C   . VAL A 1 25  ? 34.670  17.129  7.398   1.00 69.12 ? 217  VAL A C   1 
ATOM   69   O O   . VAL A 1 25  ? 35.903  17.042  7.359   1.00 65.90 ? 217  VAL A O   1 
ATOM   70   C CB  . VAL A 1 25  ? 33.986  14.950  6.322   1.00 55.16 ? 217  VAL A CB  1 
ATOM   71   C CG1 . VAL A 1 25  ? 33.633  14.365  7.678   1.00 51.83 ? 217  VAL A CG1 1 
ATOM   72   C CG2 . VAL A 1 25  ? 33.128  14.323  5.233   1.00 41.99 ? 217  VAL A CG2 1 
ATOM   73   N N   . GLY A 1 26  ? 34.028  17.798  8.349   1.00 65.73 ? 218  GLY A N   1 
ATOM   74   C CA  . GLY A 1 26  ? 34.721  18.510  9.401   1.00 58.44 ? 218  GLY A CA  1 
ATOM   75   C C   . GLY A 1 26  ? 35.105  17.613  10.558  1.00 68.93 ? 218  GLY A C   1 
ATOM   76   O O   . GLY A 1 26  ? 35.137  16.386  10.449  1.00 62.91 ? 218  GLY A O   1 
ATOM   77   N N   . SER A 1 27  ? 35.400  18.251  11.691  1.00 67.39 ? 219  SER A N   1 
ATOM   78   C CA  . SER A 1 27  ? 35.776  17.506  12.887  1.00 68.53 ? 219  SER A CA  1 
ATOM   79   C C   . SER A 1 27  ? 34.562  16.874  13.556  1.00 70.54 ? 219  SER A C   1 
ATOM   80   O O   . SER A 1 27  ? 34.638  15.737  14.036  1.00 77.92 ? 219  SER A O   1 
ATOM   81   C CB  . SER A 1 27  ? 36.506  18.423  13.867  1.00 72.93 ? 219  SER A CB  1 
ATOM   82   O OG  . SER A 1 27  ? 35.641  19.436  14.341  1.00 66.33 ? 219  SER A OG  1 
ATOM   83   N N   . ARG A 1 28  ? 33.437  17.595  13.604  1.00 71.68 ? 220  ARG A N   1 
ATOM   84   C CA  . ARG A 1 28  ? 32.206  17.014  14.125  1.00 74.57 ? 220  ARG A CA  1 
ATOM   85   C C   . ARG A 1 28  ? 31.719  15.855  13.268  1.00 72.49 ? 220  ARG A C   1 
ATOM   86   O O   . ARG A 1 28  ? 30.979  14.997  13.763  1.00 75.88 ? 220  ARG A O   1 
ATOM   87   C CB  . ARG A 1 28  ? 31.117  18.085  14.232  1.00 67.50 ? 220  ARG A CB  1 
ATOM   88   N N   . GLY A 1 29  ? 32.112  15.814  11.996  1.00 57.06 ? 221  GLY A N   1 
ATOM   89   C CA  . GLY A 1 29  ? 31.901  14.643  11.172  1.00 46.79 ? 221  GLY A CA  1 
ATOM   90   C C   . GLY A 1 29  ? 30.593  14.600  10.410  1.00 38.49 ? 221  GLY A C   1 
ATOM   91   O O   . GLY A 1 29  ? 30.029  15.635  10.045  1.00 32.33 ? 221  GLY A O   1 
ATOM   92   N N   . LEU A 1 30  ? 30.103  13.385  10.167  1.00 26.86 ? 222  LEU A N   1 
ATOM   93   C CA  . LEU A 1 30  ? 28.919  13.178  9.345   1.00 24.41 ? 222  LEU A CA  1 
ATOM   94   C C   . LEU A 1 30  ? 27.625  13.465  10.091  1.00 19.42 ? 222  LEU A C   1 
ATOM   95   O O   . LEU A 1 30  ? 26.608  13.756  9.451   1.00 22.86 ? 222  LEU A O   1 
ATOM   96   C CB  . LEU A 1 30  ? 28.887  11.738  8.824   1.00 29.33 ? 222  LEU A CB  1 
ATOM   97   C CG  . LEU A 1 30  ? 29.894  11.304  7.750   1.00 36.43 ? 222  LEU A CG  1 
ATOM   98   C CD1 . LEU A 1 30  ? 31.298  11.130  8.319   1.00 37.42 ? 222  LEU A CD1 1 
ATOM   99   C CD2 . LEU A 1 30  ? 29.428  10.020  7.082   1.00 37.71 ? 222  LEU A CD2 1 
ATOM   100  N N   . GLY A 1 31  ? 27.635  13.389  11.419  1.00 20.12 ? 223  GLY A N   1 
ATOM   101  C CA  . GLY A 1 31  ? 26.398  13.508  12.160  1.00 19.43 ? 223  GLY A CA  1 
ATOM   102  C C   . GLY A 1 31  ? 25.482  12.313  12.032  1.00 19.01 ? 223  GLY A C   1 
ATOM   103  O O   . GLY A 1 31  ? 24.273  12.447  12.223  1.00 17.97 ? 223  GLY A O   1 
ATOM   104  N N   . CYS A 1 32  ? 26.021  11.145  11.693  1.00 13.96 ? 224  CYS A N   1 
ATOM   105  C CA  . CYS A 1 32  ? 25.242  9.918   11.641  1.00 14.60 ? 224  CYS A CA  1 
ATOM   106  C C   . CYS A 1 32  ? 26.025  8.799   12.315  1.00 17.98 ? 224  CYS A C   1 
ATOM   107  O O   . CYS A 1 32  ? 27.218  8.928   12.600  1.00 22.00 ? 224  CYS A O   1 
ATOM   108  C CB  . CYS A 1 32  ? 24.879  9.540   10.194  1.00 14.07 ? 224  CYS A CB  1 
ATOM   109  S SG  . CYS A 1 32  ? 26.265  8.961   9.174   1.00 21.19 ? 224  CYS A SG  1 
ATOM   110  N N   . SER A 1 33  ? 25.329  7.697   12.581  1.00 16.81 ? 225  SER A N   1 
ATOM   111  C CA  . SER A 1 33  ? 25.916  6.508   13.178  1.00 14.61 ? 225  SER A CA  1 
ATOM   112  C C   . SER A 1 33  ? 25.627  5.312   12.285  1.00 15.22 ? 225  SER A C   1 
ATOM   113  O O   . SER A 1 33  ? 24.580  5.246   11.635  1.00 16.63 ? 225  SER A O   1 
ATOM   114  C CB  . SER A 1 33  ? 25.351  6.244   14.585  1.00 15.29 ? 225  SER A CB  1 
ATOM   115  O OG  . SER A 1 33  ? 25.469  7.386   15.415  1.00 19.06 ? 225  SER A OG  1 
ATOM   116  N N   . ILE A 1 34  ? 26.560  4.362   12.254  1.00 13.29 ? 226  ILE A N   1 
ATOM   117  C CA  . ILE A 1 34  ? 26.345  3.106   11.546  1.00 15.07 ? 226  ILE A CA  1 
ATOM   118  C C   . ILE A 1 34  ? 26.308  1.974   12.563  1.00 13.44 ? 226  ILE A C   1 
ATOM   119  O O   . ILE A 1 34  ? 27.012  1.995   13.577  1.00 13.14 ? 226  ILE A O   1 
ATOM   120  C CB  . ILE A 1 34  ? 27.412  2.822   10.465  1.00 13.54 ? 226  ILE A CB  1 
ATOM   121  C CG1 . ILE A 1 34  ? 28.820  2.858   11.059  1.00 17.16 ? 226  ILE A CG1 1 
ATOM   122  C CG2 . ILE A 1 34  ? 27.280  3.800   9.309   1.00 13.13 ? 226  ILE A CG2 1 
ATOM   123  C CD1 . ILE A 1 34  ? 29.853  2.152   10.191  1.00 20.25 ? 226  ILE A CD1 1 
ATOM   124  N N   . SER A 1 35  ? 25.472  0.981   12.278  1.00 16.67 ? 227  SER A N   1 
ATOM   125  C CA  . SER A 1 35  ? 25.360  -0.216  13.090  1.00 16.31 ? 227  SER A CA  1 
ATOM   126  C C   . SER A 1 35  ? 25.520  -1.441  12.205  1.00 15.72 ? 227  SER A C   1 
ATOM   127  O O   . SER A 1 35  ? 25.047  -1.464  11.065  1.00 15.57 ? 227  SER A O   1 
ATOM   128  C CB  . SER A 1 35  ? 24.016  -0.285  13.830  1.00 16.87 ? 227  SER A CB  1 
ATOM   129  O OG  . SER A 1 35  ? 23.900  0.766   14.769  1.00 16.55 ? 227  SER A OG  1 
ATOM   130  N N   . SER A 1 36  ? 26.197  -2.455  12.734  1.00 14.96 ? 228  SER A N   1 
ATOM   131  C CA  . SER A 1 36  ? 26.291  -3.734  12.048  1.00 17.73 ? 228  SER A CA  1 
ATOM   132  C C   . SER A 1 36  ? 25.016  -4.529  12.279  1.00 20.99 ? 228  SER A C   1 
ATOM   133  O O   . SER A 1 36  ? 24.587  -4.714  13.423  1.00 19.04 ? 228  SER A O   1 
ATOM   134  C CB  . SER A 1 36  ? 27.505  -4.521  12.535  1.00 23.30 ? 228  SER A CB  1 
ATOM   135  O OG  . SER A 1 36  ? 28.697  -3.928  12.059  1.00 25.76 ? 228  SER A OG  1 
ATOM   136  N N   . GLY A 1 37  ? 24.409  -4.988  11.191  1.00 15.49 ? 229  GLY A N   1 
ATOM   137  C CA  . GLY A 1 37  ? 23.184  -5.745  11.266  1.00 22.18 ? 229  GLY A CA  1 
ATOM   138  C C   . GLY A 1 37  ? 23.360  -7.044  12.023  1.00 29.57 ? 229  GLY A C   1 
ATOM   139  O O   . GLY A 1 37  ? 24.463  -7.595  12.117  1.00 22.23 ? 229  GLY A O   1 
ATOM   140  N N   . PRO A 1 38  ? 22.271  -7.559  12.577  1.00 29.41 ? 230  PRO A N   1 
ATOM   141  C CA  . PRO A 1 38  ? 22.324  -8.825  13.308  1.00 28.96 ? 230  PRO A CA  1 
ATOM   142  C C   . PRO A 1 38  ? 22.422  -9.994  12.338  1.00 24.99 ? 230  PRO A C   1 
ATOM   143  O O   . PRO A 1 38  ? 22.506  -9.828  11.120  1.00 22.25 ? 230  PRO A O   1 
ATOM   144  C CB  . PRO A 1 38  ? 21.004  -8.825  14.075  1.00 27.56 ? 230  PRO A CB  1 
ATOM   145  C CG  . PRO A 1 38  ? 20.071  -8.120  13.142  1.00 26.44 ? 230  PRO A CG  1 
ATOM   146  C CD  . PRO A 1 38  ? 20.903  -7.011  12.532  1.00 22.87 ? 230  PRO A CD  1 
ATOM   147  N N   . ILE A 1 39  ? 22.382  -11.201 12.904  1.00 32.32 ? 231  ILE A N   1 
ATOM   148  C CA  . ILE A 1 39  ? 22.579  -12.399 12.096  1.00 33.49 ? 231  ILE A CA  1 
ATOM   149  C C   . ILE A 1 39  ? 21.476  -12.552 11.054  1.00 26.54 ? 231  ILE A C   1 
ATOM   150  O O   . ILE A 1 39  ? 21.734  -13.014 9.938   1.00 35.10 ? 231  ILE A O   1 
ATOM   151  C CB  . ILE A 1 39  ? 22.693  -13.641 13.008  1.00 39.02 ? 231  ILE A CB  1 
ATOM   152  C CG1 . ILE A 1 39  ? 23.279  -14.823 12.233  1.00 29.83 ? 231  ILE A CG1 1 
ATOM   153  C CG2 . ILE A 1 39  ? 21.353  -13.987 13.655  1.00 30.42 ? 231  ILE A CG2 1 
ATOM   154  C CD1 . ILE A 1 39  ? 24.716  -14.612 11.814  1.00 37.43 ? 231  ILE A CD1 1 
ATOM   155  N N   . GLN A 1 40  ? 20.243  -12.148 11.376  1.00 28.81 ? 232  GLN A N   1 
ATOM   156  C CA  . GLN A 1 40  ? 19.150  -12.315 10.426  1.00 35.31 ? 232  GLN A CA  1 
ATOM   157  C C   . GLN A 1 40  ? 19.154  -11.255 9.336   1.00 36.84 ? 232  GLN A C   1 
ATOM   158  O O   . GLN A 1 40  ? 18.458  -11.424 8.330   1.00 32.70 ? 232  GLN A O   1 
ATOM   159  C CB  . GLN A 1 40  ? 17.795  -12.274 11.136  1.00 33.47 ? 232  GLN A CB  1 
ATOM   160  C CG  . GLN A 1 40  ? 17.434  -10.912 11.715  1.00 37.26 ? 232  GLN A CG  1 
ATOM   161  C CD  . GLN A 1 40  ? 17.712  -10.794 13.194  1.00 38.26 ? 232  GLN A CD  1 
ATOM   162  O OE1 . GLN A 1 40  ? 18.467  -11.582 13.763  1.00 33.93 ? 232  GLN A OE1 1 
ATOM   163  N NE2 . GLN A 1 40  ? 17.096  -9.802  13.831  1.00 28.14 ? 232  GLN A NE2 1 
ATOM   164  N N   . LYS A 1 41  ? 19.911  -10.170 9.514   1.00 32.00 ? 233  LYS A N   1 
ATOM   165  C CA  . LYS A 1 41  ? 19.900  -9.042  8.580   1.00 23.72 ? 233  LYS A CA  1 
ATOM   166  C C   . LYS A 1 41  ? 21.287  -8.411  8.558   1.00 21.16 ? 233  LYS A C   1 
ATOM   167  O O   . LYS A 1 41  ? 21.503  -7.318  9.094   1.00 23.19 ? 233  LYS A O   1 
ATOM   168  C CB  . LYS A 1 41  ? 18.838  -8.022  8.988   1.00 22.00 ? 233  LYS A CB  1 
ATOM   169  C CG  . LYS A 1 41  ? 18.555  -6.952  7.947   1.00 28.40 ? 233  LYS A CG  1 
ATOM   170  C CD  . LYS A 1 41  ? 17.811  -7.524  6.755   1.00 28.49 ? 233  LYS A CD  1 
ATOM   171  C CE  . LYS A 1 41  ? 17.174  -6.416  5.936   1.00 31.57 ? 233  LYS A CE  1 
ATOM   172  N NZ  . LYS A 1 41  ? 15.740  -6.205  6.279   1.00 29.42 ? 233  LYS A NZ  1 
ATOM   173  N N   . PRO A 1 42  ? 22.257  -9.076  7.931   1.00 25.12 ? 234  PRO A N   1 
ATOM   174  C CA  . PRO A 1 42  ? 23.641  -8.595  7.993   1.00 23.05 ? 234  PRO A CA  1 
ATOM   175  C C   . PRO A 1 42  ? 23.890  -7.401  7.083   1.00 23.28 ? 234  PRO A C   1 
ATOM   176  O O   . PRO A 1 42  ? 23.233  -7.214  6.056   1.00 22.40 ? 234  PRO A O   1 
ATOM   177  C CB  . PRO A 1 42  ? 24.458  -9.810  7.535   1.00 24.99 ? 234  PRO A CB  1 
ATOM   178  C CG  . PRO A 1 42  ? 23.520  -10.584 6.659   1.00 27.75 ? 234  PRO A CG  1 
ATOM   179  C CD  . PRO A 1 42  ? 22.135  -10.349 7.198   1.00 22.68 ? 234  PRO A CD  1 
ATOM   180  N N   . GLY A 1 43  ? 24.866  -6.589  7.480   1.00 19.06 ? 235  GLY A N   1 
ATOM   181  C CA  . GLY A 1 43  ? 25.243  -5.433  6.691   1.00 18.59 ? 235  GLY A CA  1 
ATOM   182  C C   . GLY A 1 43  ? 25.586  -4.213  7.520   1.00 20.23 ? 235  GLY A C   1 
ATOM   183  O O   . GLY A 1 43  ? 25.605  -4.273  8.755   1.00 17.38 ? 235  GLY A O   1 
ATOM   184  N N   . ILE A 1 44  ? 25.874  -3.101  6.846   1.00 14.46 ? 236  ILE A N   1 
ATOM   185  C CA  . ILE A 1 44  ? 26.135  -1.820  7.491   1.00 10.19 ? 236  ILE A CA  1 
ATOM   186  C C   . ILE A 1 44  ? 24.903  -0.954  7.278   1.00 17.01 ? 236  ILE A C   1 
ATOM   187  O O   . ILE A 1 44  ? 24.474  -0.743  6.137   1.00 16.17 ? 236  ILE A O   1 
ATOM   188  C CB  . ILE A 1 44  ? 27.394  -1.142  6.927   1.00 14.51 ? 236  ILE A CB  1 
ATOM   189  C CG1 . ILE A 1 44  ? 28.609  -2.059  7.086   1.00 14.83 ? 236  ILE A CG1 1 
ATOM   190  C CG2 . ILE A 1 44  ? 27.637  0.196   7.625   1.00 13.24 ? 236  ILE A CG2 1 
ATOM   191  C CD1 . ILE A 1 44  ? 28.935  -2.413  8.534   1.00 15.47 ? 236  ILE A CD1 1 
ATOM   192  N N   . PHE A 1 45  ? 24.326  -0.466  8.370   1.00 14.25 ? 237  PHE A N   1 
ATOM   193  C CA  . PHE A 1 45  ? 23.088  0.292   8.309   1.00 10.59 ? 237  PHE A CA  1 
ATOM   194  C C   . PHE A 1 45  ? 23.242  1.606   9.058   1.00 14.38 ? 237  PHE A C   1 
ATOM   195  O O   . PHE A 1 45  ? 23.933  1.685   10.076  1.00 13.04 ? 237  PHE A O   1 
ATOM   196  C CB  . PHE A 1 45  ? 21.907  -0.503  8.899   1.00 14.89 ? 237  PHE A CB  1 
ATOM   197  C CG  . PHE A 1 45  ? 21.617  -1.788  8.175   1.00 16.47 ? 237  PHE A CG  1 
ATOM   198  C CD1 . PHE A 1 45  ? 22.241  -2.965  8.551   1.00 17.34 ? 237  PHE A CD1 1 
ATOM   199  C CD2 . PHE A 1 45  ? 20.723  -1.817  7.114   1.00 13.50 ? 237  PHE A CD2 1 
ATOM   200  C CE1 . PHE A 1 45  ? 21.982  -4.149  7.886   1.00 17.72 ? 237  PHE A CE1 1 
ATOM   201  C CE2 . PHE A 1 45  ? 20.458  -3.000  6.443   1.00 14.09 ? 237  PHE A CE2 1 
ATOM   202  C CZ  . PHE A 1 45  ? 21.091  -4.168  6.832   1.00 15.31 ? 237  PHE A CZ  1 
ATOM   203  N N   . ILE A 1 46  ? 22.587  2.638   8.545   1.00 13.39 ? 238  ILE A N   1 
ATOM   204  C CA  . ILE A 1 46  ? 22.517  3.911   9.250   1.00 12.25 ? 238  ILE A CA  1 
ATOM   205  C C   . ILE A 1 46  ? 21.517  3.767   10.391  1.00 13.85 ? 238  ILE A C   1 
ATOM   206  O O   . ILE A 1 46  ? 20.339  3.469   10.165  1.00 17.40 ? 238  ILE A O   1 
ATOM   207  C CB  . ILE A 1 46  ? 22.124  5.053   8.304   1.00 13.47 ? 238  ILE A CB  1 
ATOM   208  C CG1 . ILE A 1 46  ? 23.146  5.175   7.173   1.00 17.11 ? 238  ILE A CG1 1 
ATOM   209  C CG2 . ILE A 1 46  ? 22.024  6.362   9.074   1.00 9.63  ? 238  ILE A CG2 1 
ATOM   210  C CD1 . ILE A 1 46  ? 22.873  6.311   6.224   1.00 22.26 ? 238  ILE A CD1 1 
ATOM   211  N N   . SER A 1 47  ? 21.991  3.963   11.622  1.00 15.93 ? 239  SER A N   1 
ATOM   212  C CA  . SER A 1 47  ? 21.164  3.799   12.808  1.00 14.79 ? 239  SER A CA  1 
ATOM   213  C C   . SER A 1 47  ? 20.767  5.110   13.464  1.00 16.84 ? 239  SER A C   1 
ATOM   214  O O   . SER A 1 47  ? 19.822  5.120   14.259  1.00 17.46 ? 239  SER A O   1 
ATOM   215  C CB  . SER A 1 47  ? 21.897  2.941   13.848  1.00 16.48 ? 239  SER A CB  1 
ATOM   216  O OG  . SER A 1 47  ? 23.203  3.445   14.077  1.00 15.93 ? 239  SER A OG  1 
ATOM   217  N N   . HIS A 1 48  ? 21.468  6.200   13.169  1.00 14.99 ? 240  HIS A N   1 
ATOM   218  C CA  . HIS A 1 48  ? 21.179  7.503   13.746  1.00 15.95 ? 240  HIS A CA  1 
ATOM   219  C C   . HIS A 1 48  ? 21.552  8.565   12.727  1.00 17.70 ? 240  HIS A C   1 
ATOM   220  O O   . HIS A 1 48  ? 22.535  8.405   12.001  1.00 13.21 ? 240  HIS A O   1 
ATOM   221  C CB  . HIS A 1 48  ? 21.955  7.722   15.052  1.00 15.25 ? 240  HIS A CB  1 
ATOM   222  C CG  . HIS A 1 48  ? 21.593  6.753   16.134  1.00 15.49 ? 240  HIS A CG  1 
ATOM   223  N ND1 . HIS A 1 48  ? 20.387  6.802   16.804  1.00 21.63 ? 240  HIS A ND1 1 
ATOM   224  C CD2 . HIS A 1 48  ? 22.269  5.703   16.654  1.00 22.09 ? 240  HIS A CD2 1 
ATOM   225  C CE1 . HIS A 1 48  ? 20.340  5.826   17.692  1.00 25.45 ? 240  HIS A CE1 1 
ATOM   226  N NE2 . HIS A 1 48  ? 21.469  5.144   17.622  1.00 20.38 ? 240  HIS A NE2 1 
ATOM   227  N N   . VAL A 1 49  ? 20.752  9.631   12.661  1.00 11.09 ? 241  VAL A N   1 
ATOM   228  C CA  . VAL A 1 49  ? 21.050  10.799  11.833  1.00 14.86 ? 241  VAL A CA  1 
ATOM   229  C C   . VAL A 1 49  ? 20.671  12.042  12.624  1.00 17.15 ? 241  VAL A C   1 
ATOM   230  O O   . VAL A 1 49  ? 19.502  12.212  12.990  1.00 18.02 ? 241  VAL A O   1 
ATOM   231  C CB  . VAL A 1 49  ? 20.303  10.791  10.486  1.00 13.25 ? 241  VAL A CB  1 
ATOM   232  C CG1 . VAL A 1 49  ? 20.630  12.052  9.703   1.00 13.81 ? 241  VAL A CG1 1 
ATOM   233  C CG2 . VAL A 1 49  ? 20.661  9.564   9.665   1.00 15.67 ? 241  VAL A CG2 1 
ATOM   234  N N   . LYS A 1 50  ? 21.651  12.915  12.886  1.00 14.82 ? 242  LYS A N   1 
ATOM   235  C CA  . LYS A 1 50  ? 21.339  14.147  13.600  1.00 20.00 ? 242  LYS A CA  1 
ATOM   236  C C   . LYS A 1 50  ? 20.666  15.148  12.664  1.00 18.13 ? 242  LYS A C   1 
ATOM   237  O O   . LYS A 1 50  ? 21.085  15.302  11.513  1.00 17.42 ? 242  LYS A O   1 
ATOM   238  C CB  . LYS A 1 50  ? 22.598  14.779  14.187  1.00 22.02 ? 242  LYS A CB  1 
ATOM   239  C CG  . LYS A 1 50  ? 23.272  13.989  15.287  1.00 15.00 ? 242  LYS A CG  1 
ATOM   240  C CD  . LYS A 1 50  ? 24.540  14.708  15.717  1.00 20.30 ? 242  LYS A CD  1 
ATOM   241  C CE  . LYS A 1 50  ? 25.243  13.993  16.854  1.00 20.72 ? 242  LYS A CE  1 
ATOM   242  N NZ  . LYS A 1 50  ? 26.414  14.777  17.340  1.00 23.89 ? 242  LYS A NZ  1 
ATOM   243  N N   . PRO A 1 51  ? 19.619  15.828  13.127  1.00 18.71 ? 243  PRO A N   1 
ATOM   244  C CA  . PRO A 1 51  ? 19.020  16.894  12.315  1.00 19.93 ? 243  PRO A CA  1 
ATOM   245  C C   . PRO A 1 51  ? 20.039  17.979  11.999  1.00 18.82 ? 243  PRO A C   1 
ATOM   246  O O   . PRO A 1 51  ? 20.847  18.365  12.848  1.00 20.82 ? 243  PRO A O   1 
ATOM   247  C CB  . PRO A 1 51  ? 17.885  17.434  13.196  1.00 20.42 ? 243  PRO A CB  1 
ATOM   248  C CG  . PRO A 1 51  ? 17.744  16.508  14.338  1.00 20.27 ? 243  PRO A CG  1 
ATOM   249  C CD  . PRO A 1 51  ? 18.860  15.525  14.352  1.00 18.69 ? 243  PRO A CD  1 
ATOM   250  N N   . GLY A 1 52  ? 19.995  18.471  10.763  1.00 24.27 ? 244  GLY A N   1 
ATOM   251  C CA  . GLY A 1 52  ? 20.892  19.519  10.327  1.00 27.63 ? 244  GLY A CA  1 
ATOM   252  C C   . GLY A 1 52  ? 22.316  19.088  10.056  1.00 28.05 ? 244  GLY A C   1 
ATOM   253  O O   . GLY A 1 52  ? 23.152  19.943  9.734   1.00 32.43 ? 244  GLY A O   1 
ATOM   254  N N   . SER A 1 53  ? 22.626  17.799  10.172  1.00 26.16 ? 245  SER A N   1 
ATOM   255  C CA  . SER A 1 53  ? 23.969  17.310  9.903   1.00 26.30 ? 245  SER A CA  1 
ATOM   256  C C   . SER A 1 53  ? 24.211  17.201  8.398   1.00 19.63 ? 245  SER A C   1 
ATOM   257  O O   . SER A 1 53  ? 23.302  17.360  7.579   1.00 22.20 ? 245  SER A O   1 
ATOM   258  C CB  . SER A 1 53  ? 24.183  15.952  10.571  1.00 21.13 ? 245  SER A CB  1 
ATOM   259  O OG  . SER A 1 53  ? 23.303  14.983  10.030  1.00 18.48 ? 245  SER A OG  1 
ATOM   260  N N   . LEU A 1 54  ? 25.464  16.920  8.036   1.00 24.89 ? 246  LEU A N   1 
ATOM   261  C CA  . LEU A 1 54  ? 25.784  16.710  6.627   1.00 22.69 ? 246  LEU A CA  1 
ATOM   262  C C   . LEU A 1 54  ? 25.057  15.492  6.075   1.00 24.34 ? 246  LEU A C   1 
ATOM   263  O O   . LEU A 1 54  ? 24.546  15.525  4.949   1.00 22.09 ? 246  LEU A O   1 
ATOM   264  C CB  . LEU A 1 54  ? 27.295  16.568  6.436   1.00 30.71 ? 246  LEU A CB  1 
ATOM   265  C CG  . LEU A 1 54  ? 28.187  17.666  7.018   1.00 32.88 ? 246  LEU A CG  1 
ATOM   266  C CD1 . LEU A 1 54  ? 29.591  17.139  7.277   1.00 44.11 ? 246  LEU A CD1 1 
ATOM   267  C CD2 . LEU A 1 54  ? 28.226  18.869  6.089   1.00 34.64 ? 246  LEU A CD2 1 
ATOM   268  N N   . SER A 1 55  ? 24.987  14.411  6.856   1.00 20.04 ? 247  SER A N   1 
ATOM   269  C CA  . SER A 1 55  ? 24.266  13.226  6.405   1.00 17.55 ? 247  SER A CA  1 
ATOM   270  C C   . SER A 1 55  ? 22.780  13.519  6.233   1.00 19.01 ? 247  SER A C   1 
ATOM   271  O O   . SER A 1 55  ? 22.142  13.007  5.307   1.00 18.81 ? 247  SER A O   1 
ATOM   272  C CB  . SER A 1 55  ? 24.478  12.073  7.388   1.00 21.64 ? 247  SER A CB  1 
ATOM   273  O OG  . SER A 1 55  ? 24.051  12.431  8.690   1.00 29.54 ? 247  SER A OG  1 
ATOM   274  N N   . ALA A 1 56  ? 22.209  14.339  7.119   1.00 18.54 ? 248  ALA A N   1 
ATOM   275  C CA  . ALA A 1 56  ? 20.807  14.714  6.972   1.00 19.23 ? 248  ALA A CA  1 
ATOM   276  C C   . ALA A 1 56  ? 20.595  15.585  5.741   1.00 19.45 ? 248  ALA A C   1 
ATOM   277  O O   . ALA A 1 56  ? 19.634  15.384  4.988   1.00 19.90 ? 248  ALA A O   1 
ATOM   278  C CB  . ALA A 1 56  ? 20.318  15.437  8.230   1.00 22.03 ? 248  ALA A CB  1 
ATOM   279  N N   . GLU A 1 57  ? 21.490  16.553  5.514   1.00 23.55 ? 249  GLU A N   1 
ATOM   280  C CA  . GLU A 1 57  ? 21.342  17.460  4.380   1.00 23.28 ? 249  GLU A CA  1 
ATOM   281  C C   . GLU A 1 57  ? 21.375  16.716  3.052   1.00 22.89 ? 249  GLU A C   1 
ATOM   282  O O   . GLU A 1 57  ? 20.724  17.137  2.089   1.00 28.72 ? 249  GLU A O   1 
ATOM   283  C CB  . GLU A 1 57  ? 22.439  18.527  4.416   1.00 27.89 ? 249  GLU A CB  1 
ATOM   284  N N   . VAL A 1 58  ? 22.119  15.607  2.978   1.00 21.11 ? 250  VAL A N   1 
ATOM   285  C CA  . VAL A 1 58  ? 22.204  14.844  1.739   1.00 27.31 ? 250  VAL A CA  1 
ATOM   286  C C   . VAL A 1 58  ? 21.155  13.741  1.660   1.00 26.78 ? 250  VAL A C   1 
ATOM   287  O O   . VAL A 1 58  ? 21.150  12.973  0.688   1.00 27.88 ? 250  VAL A O   1 
ATOM   288  C CB  . VAL A 1 58  ? 23.622  14.264  1.562   1.00 27.63 ? 250  VAL A CB  1 
ATOM   289  C CG1 . VAL A 1 58  ? 24.644  15.386  1.451   1.00 27.38 ? 250  VAL A CG1 1 
ATOM   290  C CG2 . VAL A 1 58  ? 23.969  13.311  2.700   1.00 21.11 ? 250  VAL A CG2 1 
ATOM   291  N N   . GLY A 1 59  ? 20.266  13.638  2.644   1.00 24.06 ? 251  GLY A N   1 
ATOM   292  C CA  . GLY A 1 59  ? 19.124  12.753  2.551   1.00 27.67 ? 251  GLY A CA  1 
ATOM   293  C C   . GLY A 1 59  ? 19.287  11.370  3.146   1.00 18.72 ? 251  GLY A C   1 
ATOM   294  O O   . GLY A 1 59  ? 18.403  10.527  2.946   1.00 21.95 ? 251  GLY A O   1 
ATOM   295  N N   . LEU A 1 60  ? 20.379  11.101  3.856   1.00 21.05 ? 252  LEU A N   1 
ATOM   296  C CA  . LEU A 1 60  ? 20.539  9.811   4.514   1.00 17.74 ? 252  LEU A CA  1 
ATOM   297  C C   . LEU A 1 60  ? 19.534  9.679   5.650   1.00 18.90 ? 252  LEU A C   1 
ATOM   298  O O   . LEU A 1 60  ? 19.233  10.652  6.346   1.00 18.28 ? 252  LEU A O   1 
ATOM   299  C CB  . LEU A 1 60  ? 21.962  9.653   5.046   1.00 15.20 ? 252  LEU A CB  1 
ATOM   300  C CG  . LEU A 1 60  ? 23.068  9.563   3.993   1.00 19.02 ? 252  LEU A CG  1 
ATOM   301  C CD1 . LEU A 1 60  ? 24.428  9.432   4.659   1.00 22.92 ? 252  LEU A CD1 1 
ATOM   302  C CD2 . LEU A 1 60  ? 22.811  8.393   3.058   1.00 21.26 ? 252  LEU A CD2 1 
ATOM   303  N N   . GLU A 1 61  ? 19.007  8.470   5.832   1.00 13.84 ? 253  GLU A N   1 
ATOM   304  C CA  . GLU A 1 61  ? 17.931  8.246   6.788   1.00 15.11 ? 253  GLU A CA  1 
ATOM   305  C C   . GLU A 1 61  ? 18.202  6.984   7.593   1.00 17.93 ? 253  GLU A C   1 
ATOM   306  O O   . GLU A 1 61  ? 18.845  6.043   7.115   1.00 12.69 ? 253  GLU A O   1 
ATOM   307  C CB  . GLU A 1 61  ? 16.572  8.137   6.079   1.00 19.07 ? 253  GLU A CB  1 
ATOM   308  C CG  . GLU A 1 61  ? 16.125  9.436   5.427   1.00 20.71 ? 253  GLU A CG  1 
ATOM   309  C CD  . GLU A 1 61  ? 14.723  9.360   4.856   1.00 33.36 ? 253  GLU A CD  1 
ATOM   310  O OE1 . GLU A 1 61  ? 14.150  8.252   4.820   1.00 26.92 ? 253  GLU A OE1 1 
ATOM   311  O OE2 . GLU A 1 61  ? 14.198  10.414  4.438   1.00 36.84 ? 253  GLU A OE2 1 
ATOM   312  N N   . ILE A 1 62  ? 17.699  6.980   8.831   1.00 14.56 ? 254  ILE A N   1 
ATOM   313  C CA  . ILE A 1 62  ? 17.792  5.799   9.676   1.00 13.51 ? 254  ILE A CA  1 
ATOM   314  C C   . ILE A 1 62  ? 17.148  4.619   8.964   1.00 13.83 ? 254  ILE A C   1 
ATOM   315  O O   . ILE A 1 62  ? 16.013  4.705   8.477   1.00 14.34 ? 254  ILE A O   1 
ATOM   316  C CB  . ILE A 1 62  ? 17.131  6.060   11.037  1.00 13.96 ? 254  ILE A CB  1 
ATOM   317  C CG1 . ILE A 1 62  ? 17.847  7.196   11.774  1.00 14.93 ? 254  ILE A CG1 1 
ATOM   318  C CG2 . ILE A 1 62  ? 17.115  4.789   11.878  1.00 15.66 ? 254  ILE A CG2 1 
ATOM   319  C CD1 . ILE A 1 62  ? 17.126  7.656   13.034  1.00 19.47 ? 254  ILE A CD1 1 
ATOM   320  N N   . GLY A 1 63  ? 17.877  3.514   8.892   1.00 10.80 ? 255  GLY A N   1 
ATOM   321  C CA  . GLY A 1 63  ? 17.438  2.331   8.189   1.00 13.26 ? 255  GLY A CA  1 
ATOM   322  C C   . GLY A 1 63  ? 18.101  2.119   6.841   1.00 22.11 ? 255  GLY A C   1 
ATOM   323  O O   . GLY A 1 63  ? 18.058  1.000   6.319   1.00 14.66 ? 255  GLY A O   1 
ATOM   324  N N   . ASP A 1 64  ? 18.708  3.158   6.268   1.00 14.66 ? 256  ASP A N   1 
ATOM   325  C CA  . ASP A 1 64  ? 19.406  3.004   4.998   1.00 15.22 ? 256  ASP A CA  1 
ATOM   326  C C   . ASP A 1 64  ? 20.578  2.040   5.149   1.00 15.56 ? 256  ASP A C   1 
ATOM   327  O O   . ASP A 1 64  ? 21.317  2.083   6.138   1.00 13.50 ? 256  ASP A O   1 
ATOM   328  C CB  . ASP A 1 64  ? 19.920  4.359   4.498   1.00 13.98 ? 256  ASP A CB  1 
ATOM   329  C CG  . ASP A 1 64  ? 18.807  5.294   4.045   1.00 15.62 ? 256  ASP A CG  1 
ATOM   330  O OD1 . ASP A 1 64  ? 17.657  4.840   3.849   1.00 17.33 ? 256  ASP A OD1 1 
ATOM   331  O OD2 . ASP A 1 64  ? 19.103  6.491   3.850   1.00 18.20 ? 256  ASP A OD2 1 
ATOM   332  N N   . GLN A 1 65  ? 20.760  1.171   4.159   1.00 13.97 ? 257  GLN A N   1 
ATOM   333  C CA  . GLN A 1 65  ? 21.897  0.260   4.133   1.00 13.28 ? 257  GLN A CA  1 
ATOM   334  C C   . GLN A 1 65  ? 23.002  0.829   3.254   1.00 13.90 ? 257  GLN A C   1 
ATOM   335  O O   . GLN A 1 65  ? 22.757  1.176   2.097   1.00 15.55 ? 257  GLN A O   1 
ATOM   336  C CB  . GLN A 1 65  ? 21.496  -1.125  3.621   1.00 12.39 ? 257  GLN A CB  1 
ATOM   337  C CG  . GLN A 1 65  ? 22.683  -2.083  3.536   1.00 17.66 ? 257  GLN A CG  1 
ATOM   338  C CD  . GLN A 1 65  ? 22.281  -3.501  3.188   1.00 18.53 ? 257  GLN A CD  1 
ATOM   339  O OE1 . GLN A 1 65  ? 21.119  -3.775  2.891   1.00 23.77 ? 257  GLN A OE1 1 
ATOM   340  N NE2 . GLN A 1 65  ? 23.249  -4.412  3.216   1.00 15.11 ? 257  GLN A NE2 1 
ATOM   341  N N   . ILE A 1 66  ? 24.213  0.907   3.798   1.00 15.47 ? 258  ILE A N   1 
ATOM   342  C CA  . ILE A 1 66  ? 25.382  1.340   3.040   1.00 11.18 ? 258  ILE A CA  1 
ATOM   343  C C   . ILE A 1 66  ? 25.986  0.121   2.353   1.00 15.94 ? 258  ILE A C   1 
ATOM   344  O O   . ILE A 1 66  ? 26.353  -0.856  3.015   1.00 14.15 ? 258  ILE A O   1 
ATOM   345  C CB  . ILE A 1 66  ? 26.415  2.026   3.945   1.00 13.76 ? 258  ILE A CB  1 
ATOM   346  C CG1 . ILE A 1 66  ? 25.793  3.212   4.682   1.00 18.02 ? 258  ILE A CG1 1 
ATOM   347  C CG2 . ILE A 1 66  ? 27.611  2.484   3.132   1.00 14.06 ? 258  ILE A CG2 1 
ATOM   348  C CD1 . ILE A 1 66  ? 26.809  4.031   5.451   1.00 13.45 ? 258  ILE A CD1 1 
ATOM   349  N N   . VAL A 1 67  ? 26.092  0.170   1.028   1.00 12.05 ? 259  VAL A N   1 
ATOM   350  C CA  . VAL A 1 67  ? 26.641  -0.946  0.271   1.00 20.49 ? 259  VAL A CA  1 
ATOM   351  C C   . VAL A 1 67  ? 28.015  -0.648  -0.318  1.00 23.57 ? 259  VAL A C   1 
ATOM   352  O O   . VAL A 1 67  ? 28.729  -1.597  -0.682  1.00 19.95 ? 259  VAL A O   1 
ATOM   353  C CB  . VAL A 1 67  ? 25.672  -1.405  -0.840  1.00 20.52 ? 259  VAL A CB  1 
ATOM   354  C CG1 . VAL A 1 67  ? 24.378  -1.927  -0.232  1.00 22.23 ? 259  VAL A CG1 1 
ATOM   355  C CG2 . VAL A 1 67  ? 25.394  -0.272  -1.811  1.00 17.05 ? 259  VAL A CG2 1 
ATOM   356  N N   . GLU A 1 68  ? 28.416  0.618   -0.417  1.00 15.34 ? 260  GLU A N   1 
ATOM   357  C CA  . GLU A 1 68  ? 29.726  0.971   -0.947  1.00 19.64 ? 260  GLU A CA  1 
ATOM   358  C C   . GLU A 1 68  ? 30.082  2.381   -0.496  1.00 16.93 ? 260  GLU A C   1 
ATOM   359  O O   . GLU A 1 68  ? 29.213  3.255   -0.439  1.00 15.88 ? 260  GLU A O   1 
ATOM   360  C CB  . GLU A 1 68  ? 29.759  0.888   -2.481  1.00 16.68 ? 260  GLU A CB  1 
ATOM   361  C CG  . GLU A 1 68  ? 31.104  1.292   -3.090  1.00 24.17 ? 260  GLU A CG  1 
ATOM   362  C CD  . GLU A 1 68  ? 31.071  1.370   -4.605  1.00 30.38 ? 260  GLU A CD  1 
ATOM   363  O OE1 . GLU A 1 68  ? 30.430  0.503   -5.234  1.00 33.87 ? 260  GLU A OE1 1 
ATOM   364  O OE2 . GLU A 1 68  ? 31.685  2.303   -5.166  1.00 29.20 ? 260  GLU A OE2 1 
ATOM   365  N N   . VAL A 1 69  ? 31.356  2.589   -0.162  1.00 14.06 ? 261  VAL A N   1 
ATOM   366  C CA  . VAL A 1 69  ? 31.883  3.913   0.159   1.00 15.22 ? 261  VAL A CA  1 
ATOM   367  C C   . VAL A 1 69  ? 33.226  4.076   -0.538  1.00 23.45 ? 261  VAL A C   1 
ATOM   368  O O   . VAL A 1 69  ? 34.160  3.309   -0.276  1.00 18.45 ? 261  VAL A O   1 
ATOM   369  C CB  . VAL A 1 69  ? 32.049  4.143   1.671   1.00 16.95 ? 261  VAL A CB  1 
ATOM   370  C CG1 . VAL A 1 69  ? 32.645  5.519   1.924   1.00 16.18 ? 261  VAL A CG1 1 
ATOM   371  C CG2 . VAL A 1 69  ? 30.705  4.026   2.380   1.00 12.71 ? 261  VAL A CG2 1 
ATOM   372  N N   . ASN A 1 70  ? 33.325  5.079   -1.412  1.00 20.45 ? 262  ASN A N   1 
ATOM   373  C CA  . ASN A 1 70  ? 34.581  5.421   -2.081  1.00 22.34 ? 262  ASN A CA  1 
ATOM   374  C C   . ASN A 1 70  ? 35.204  4.200   -2.756  1.00 21.21 ? 262  ASN A C   1 
ATOM   375  O O   . ASN A 1 70  ? 36.414  3.979   -2.700  1.00 28.71 ? 262  ASN A O   1 
ATOM   376  C CB  . ASN A 1 70  ? 35.560  6.067   -1.100  1.00 15.34 ? 262  ASN A CB  1 
ATOM   377  C CG  . ASN A 1 70  ? 35.138  7.468   -0.696  1.00 22.31 ? 262  ASN A CG  1 
ATOM   378  O OD1 . ASN A 1 70  ? 34.121  7.980   -1.165  1.00 25.07 ? 262  ASN A OD1 1 
ATOM   379  N ND2 . ASN A 1 70  ? 35.916  8.093   0.177   1.00 25.60 ? 262  ASN A ND2 1 
ATOM   380  N N   . GLY A 1 71  ? 34.359  3.389   -3.387  1.00 22.76 ? 263  GLY A N   1 
ATOM   381  C CA  . GLY A 1 71  ? 34.812  2.207   -4.085  1.00 25.25 ? 263  GLY A CA  1 
ATOM   382  C C   . GLY A 1 71  ? 35.049  0.986   -3.226  1.00 30.89 ? 263  GLY A C   1 
ATOM   383  O O   . GLY A 1 71  ? 35.366  -0.077  -3.774  1.00 27.00 ? 263  GLY A O   1 
ATOM   384  N N   . VAL A 1 72  ? 34.916  1.095   -1.907  1.00 22.02 ? 264  VAL A N   1 
ATOM   385  C CA  . VAL A 1 72  ? 35.101  -0.044  -1.013  1.00 19.35 ? 264  VAL A CA  1 
ATOM   386  C C   . VAL A 1 72  ? 33.758  -0.745  -0.850  1.00 25.40 ? 264  VAL A C   1 
ATOM   387  O O   . VAL A 1 72  ? 32.762  -0.120  -0.471  1.00 20.12 ? 264  VAL A O   1 
ATOM   388  C CB  . VAL A 1 72  ? 35.661  0.397   0.347   1.00 23.63 ? 264  VAL A CB  1 
ATOM   389  C CG1 . VAL A 1 72  ? 35.767  -0.798  1.283   1.00 20.78 ? 264  VAL A CG1 1 
ATOM   390  C CG2 . VAL A 1 72  ? 37.012  1.069   0.174   1.00 23.43 ? 264  VAL A CG2 1 
ATOM   391  N N   . ASP A 1 73  ? 33.729  -2.043  -1.141  1.00 23.16 ? 265  ASP A N   1 
ATOM   392  C CA  . ASP A 1 73  ? 32.491  -2.804  -1.045  1.00 22.86 ? 265  ASP A CA  1 
ATOM   393  C C   . ASP A 1 73  ? 32.169  -3.042  0.429   1.00 27.03 ? 265  ASP A C   1 
ATOM   394  O O   . ASP A 1 73  ? 32.992  -3.579  1.178   1.00 24.55 ? 265  ASP A O   1 
ATOM   395  C CB  . ASP A 1 73  ? 32.633  -4.128  -1.799  1.00 32.64 ? 265  ASP A CB  1 
ATOM   396  C CG  . ASP A 1 73  ? 31.344  -4.943  -1.834  1.00 31.49 ? 265  ASP A CG  1 
ATOM   397  O OD1 . ASP A 1 73  ? 30.488  -4.806  -0.938  1.00 31.22 ? 265  ASP A OD1 1 
ATOM   398  O OD2 . ASP A 1 73  ? 31.190  -5.740  -2.783  1.00 48.54 ? 265  ASP A OD2 1 
ATOM   399  N N   . PHE A 1 74  ? 30.965  -2.642  0.845   1.00 20.60 ? 266  PHE A N   1 
ATOM   400  C CA  . PHE A 1 74  ? 30.524  -2.791  2.230   1.00 22.93 ? 266  PHE A CA  1 
ATOM   401  C C   . PHE A 1 74  ? 29.734  -4.073  2.463   1.00 38.09 ? 266  PHE A C   1 
ATOM   402  O O   . PHE A 1 74  ? 28.902  -4.124  3.380   1.00 40.28 ? 266  PHE A O   1 
ATOM   403  C CB  . PHE A 1 74  ? 29.706  -1.570  2.655   1.00 21.34 ? 266  PHE A CB  1 
ATOM   404  C CG  . PHE A 1 74  ? 30.527  -0.478  3.281   1.00 20.75 ? 266  PHE A CG  1 
ATOM   405  C CD1 . PHE A 1 74  ? 31.754  -0.119  2.747   1.00 16.58 ? 266  PHE A CD1 1 
ATOM   406  C CD2 . PHE A 1 74  ? 30.068  0.193   4.403   1.00 16.28 ? 266  PHE A CD2 1 
ATOM   407  C CE1 . PHE A 1 74  ? 32.512  0.886   3.323   1.00 18.66 ? 266  PHE A CE1 1 
ATOM   408  C CE2 . PHE A 1 74  ? 30.816  1.198   4.979   1.00 11.38 ? 266  PHE A CE2 1 
ATOM   409  C CZ  . PHE A 1 74  ? 32.042  1.545   4.440   1.00 17.46 ? 266  PHE A CZ  1 
ATOM   410  N N   . SER A 1 75  ? 29.974  -5.108  1.663   1.00 36.33 ? 267  SER A N   1 
ATOM   411  C CA  . SER A 1 75  ? 29.394  -6.425  1.888   1.00 45.69 ? 267  SER A CA  1 
ATOM   412  C C   . SER A 1 75  ? 30.415  -7.294  2.610   1.00 54.72 ? 267  SER A C   1 
ATOM   413  O O   . SER A 1 75  ? 31.597  -7.299  2.247   1.00 46.29 ? 267  SER A O   1 
ATOM   414  C CB  . SER A 1 75  ? 28.975  -7.079  0.571   1.00 46.65 ? 267  SER A CB  1 
ATOM   415  O OG  . SER A 1 75  ? 30.092  -7.642  -0.095  1.00 48.61 ? 267  SER A OG  1 
ATOM   416  N N   . ASN A 1 76  ? 29.957  -7.997  3.648   1.00 50.30 ? 268  ASN A N   1 
ATOM   417  C CA  . ASN A 1 76  ? 30.794  -8.864  4.475   1.00 61.35 ? 268  ASN A CA  1 
ATOM   418  C C   . ASN A 1 76  ? 31.865  -8.081  5.230   1.00 59.79 ? 268  ASN A C   1 
ATOM   419  O O   . ASN A 1 76  ? 32.650  -8.666  5.984   1.00 75.01 ? 268  ASN A O   1 
ATOM   420  C CB  . ASN A 1 76  ? 31.442  -9.963  3.629   1.00 66.94 ? 268  ASN A CB  1 
ATOM   421  N N   . LEU A 1 77  ? 31.901  -6.763  5.043   1.00 56.42 ? 269  LEU A N   1 
ATOM   422  C CA  . LEU A 1 77  ? 32.857  -5.927  5.757   1.00 42.45 ? 269  LEU A CA  1 
ATOM   423  C C   . LEU A 1 77  ? 32.506  -5.890  7.239   1.00 33.03 ? 269  LEU A C   1 
ATOM   424  O O   . LEU A 1 77  ? 31.340  -5.719  7.605   1.00 39.63 ? 269  LEU A O   1 
ATOM   425  C CB  . LEU A 1 77  ? 32.859  -4.512  5.177   1.00 37.99 ? 269  LEU A CB  1 
ATOM   426  C CG  . LEU A 1 77  ? 34.177  -3.739  5.229   1.00 38.63 ? 269  LEU A CG  1 
ATOM   427  C CD1 . LEU A 1 77  ? 35.295  -4.538  4.574   1.00 39.01 ? 269  LEU A CD1 1 
ATOM   428  C CD2 . LEU A 1 77  ? 34.031  -2.372  4.573   1.00 31.20 ? 269  LEU A CD2 1 
ATOM   429  N N   . ASP A 1 78  ? 33.513  -6.060  8.092   1.00 32.79 ? 270  ASP A N   1 
ATOM   430  C CA  . ASP A 1 78  ? 33.273  -5.970  9.522   1.00 39.54 ? 270  ASP A CA  1 
ATOM   431  C C   . ASP A 1 78  ? 33.039  -4.515  9.926   1.00 25.01 ? 270  ASP A C   1 
ATOM   432  O O   . ASP A 1 78  ? 33.304  -3.575  9.168   1.00 27.72 ? 270  ASP A O   1 
ATOM   433  C CB  . ASP A 1 78  ? 34.445  -6.558  10.308  1.00 42.82 ? 270  ASP A CB  1 
ATOM   434  C CG  . ASP A 1 78  ? 35.691  -5.707  10.216  1.00 38.74 ? 270  ASP A CG  1 
ATOM   435  O OD1 . ASP A 1 78  ? 36.043  -5.060  11.225  1.00 42.98 ? 270  ASP A OD1 1 
ATOM   436  O OD2 . ASP A 1 78  ? 36.317  -5.688  9.137   1.00 53.99 ? 270  ASP A OD2 1 
ATOM   437  N N   . HIS A 1 79  ? 32.543  -4.342  11.153  1.00 20.79 ? 271  HIS A N   1 
ATOM   438  C CA  . HIS A 1 79  ? 32.189  -3.012  11.641  1.00 25.90 ? 271  HIS A CA  1 
ATOM   439  C C   . HIS A 1 79  ? 33.396  -2.082  11.665  1.00 23.07 ? 271  HIS A C   1 
ATOM   440  O O   . HIS A 1 79  ? 33.337  -0.957  11.155  1.00 20.04 ? 271  HIS A O   1 
ATOM   441  C CB  . HIS A 1 79  ? 31.570  -3.111  13.033  1.00 25.08 ? 271  HIS A CB  1 
ATOM   442  C CG  . HIS A 1 79  ? 30.987  -1.822  13.520  1.00 20.26 ? 271  HIS A CG  1 
ATOM   443  N ND1 . HIS A 1 79  ? 29.692  -1.443  13.244  1.00 21.48 ? 271  HIS A ND1 1 
ATOM   444  C CD2 . HIS A 1 79  ? 31.529  -0.816  14.246  1.00 24.96 ? 271  HIS A CD2 1 
ATOM   445  C CE1 . HIS A 1 79  ? 29.458  -0.259  13.784  1.00 17.61 ? 271  HIS A CE1 1 
ATOM   446  N NE2 . HIS A 1 79  ? 30.556  0.141   14.399  1.00 21.51 ? 271  HIS A NE2 1 
ATOM   447  N N   . LYS A 1 80  ? 34.502  -2.533  12.264  1.00 17.95 ? 272  LYS A N   1 
ATOM   448  C CA  . LYS A 1 80  ? 35.657  -1.658  12.443  1.00 22.18 ? 272  LYS A CA  1 
ATOM   449  C C   . LYS A 1 80  ? 36.213  -1.181  11.106  1.00 23.39 ? 272  LYS A C   1 
ATOM   450  O O   . LYS A 1 80  ? 36.648  -0.029  10.981  1.00 20.72 ? 272  LYS A O   1 
ATOM   451  C CB  . LYS A 1 80  ? 36.738  -2.381  13.249  1.00 29.08 ? 272  LYS A CB  1 
ATOM   452  N N   . GLU A 1 81  ? 36.204  -2.048  10.092  1.00 21.54 ? 273  GLU A N   1 
ATOM   453  C CA  . GLU A 1 81  ? 36.718  -1.650  8.786   1.00 24.74 ? 273  GLU A CA  1 
ATOM   454  C C   . GLU A 1 81  ? 35.787  -0.655  8.105   1.00 24.96 ? 273  GLU A C   1 
ATOM   455  O O   . GLU A 1 81  ? 36.249  0.296   7.462   1.00 19.93 ? 273  GLU A O   1 
ATOM   456  C CB  . GLU A 1 81  ? 36.923  -2.879  7.903   1.00 33.70 ? 273  GLU A CB  1 
ATOM   457  N N   . ALA A 1 82  ? 34.473  -0.856  8.233   1.00 23.72 ? 274  ALA A N   1 
ATOM   458  C CA  . ALA A 1 82  ? 33.524  0.099   7.670   1.00 18.86 ? 274  ALA A CA  1 
ATOM   459  C C   . ALA A 1 82  ? 33.714  1.483   8.277   1.00 15.14 ? 274  ALA A C   1 
ATOM   460  O O   . ALA A 1 82  ? 33.647  2.495   7.570   1.00 17.92 ? 274  ALA A O   1 
ATOM   461  C CB  . ALA A 1 82  ? 32.092  -0.398  7.883   1.00 16.80 ? 274  ALA A CB  1 
ATOM   462  N N   . VAL A 1 83  ? 33.967  1.544   9.588   1.00 15.34 ? 275  VAL A N   1 
ATOM   463  C CA  . VAL A 1 83  ? 34.259  2.817   10.238  1.00 17.63 ? 275  VAL A CA  1 
ATOM   464  C C   . VAL A 1 83  ? 35.523  3.434   9.655   1.00 20.72 ? 275  VAL A C   1 
ATOM   465  O O   . VAL A 1 83  ? 35.572  4.638   9.374   1.00 18.57 ? 275  VAL A O   1 
ATOM   466  C CB  . VAL A 1 83  ? 34.375  2.626   11.763  1.00 24.19 ? 275  VAL A CB  1 
ATOM   467  C CG1 . VAL A 1 83  ? 34.906  3.890   12.421  1.00 24.52 ? 275  VAL A CG1 1 
ATOM   468  C CG2 . VAL A 1 83  ? 33.030  2.254   12.354  1.00 17.56 ? 275  VAL A CG2 1 
ATOM   469  N N   . ASN A 1 84  ? 36.563  2.619   9.457   1.00 20.88 ? 276  ASN A N   1 
ATOM   470  C CA  . ASN A 1 84  ? 37.820  3.132   8.919   1.00 23.34 ? 276  ASN A CA  1 
ATOM   471  C C   . ASN A 1 84  ? 37.616  3.766   7.548   1.00 22.76 ? 276  ASN A C   1 
ATOM   472  O O   . ASN A 1 84  ? 38.116  4.865   7.281   1.00 24.54 ? 276  ASN A O   1 
ATOM   473  C CB  . ASN A 1 84  ? 38.854  2.007   8.843   1.00 27.22 ? 276  ASN A CB  1 
ATOM   474  C CG  . ASN A 1 84  ? 39.229  1.466   10.209  1.00 36.84 ? 276  ASN A CG  1 
ATOM   475  O OD1 . ASN A 1 84  ? 38.871  2.040   11.237  1.00 36.37 ? 276  ASN A OD1 1 
ATOM   476  N ND2 . ASN A 1 84  ? 39.950  0.350   10.226  1.00 36.85 ? 276  ASN A ND2 1 
ATOM   477  N N   . VAL A 1 85  ? 36.874  3.090   6.669   1.00 19.49 ? 277  VAL A N   1 
ATOM   478  C CA  . VAL A 1 85  ? 36.616  3.630   5.336   1.00 16.69 ? 277  VAL A CA  1 
ATOM   479  C C   . VAL A 1 85  ? 35.875  4.958   5.434   1.00 23.03 ? 277  VAL A C   1 
ATOM   480  O O   . VAL A 1 85  ? 36.229  5.940   4.769   1.00 16.81 ? 277  VAL A O   1 
ATOM   481  C CB  . VAL A 1 85  ? 35.838  2.612   4.482   1.00 18.68 ? 277  VAL A CB  1 
ATOM   482  C CG1 . VAL A 1 85  ? 35.517  3.199   3.108   1.00 20.16 ? 277  VAL A CG1 1 
ATOM   483  C CG2 . VAL A 1 85  ? 36.631  1.322   4.336   1.00 22.80 ? 277  VAL A CG2 1 
ATOM   484  N N   . LEU A 1 86  ? 34.840  5.015   6.275   1.00 17.66 ? 278  LEU A N   1 
ATOM   485  C CA  . LEU A 1 86  ? 34.051  6.237   6.390   1.00 21.64 ? 278  LEU A CA  1 
ATOM   486  C C   . LEU A 1 86  ? 34.811  7.378   7.052   1.00 19.52 ? 278  LEU A C   1 
ATOM   487  O O   . LEU A 1 86  ? 34.358  8.524   6.979   1.00 21.18 ? 278  LEU A O   1 
ATOM   488  C CB  . LEU A 1 86  ? 32.756  5.952   7.155   1.00 14.00 ? 278  LEU A CB  1 
ATOM   489  C CG  . LEU A 1 86  ? 31.669  5.282   6.310   1.00 17.61 ? 278  LEU A CG  1 
ATOM   490  C CD1 . LEU A 1 86  ? 30.674  4.522   7.183   1.00 17.00 ? 278  LEU A CD1 1 
ATOM   491  C CD2 . LEU A 1 86  ? 30.957  6.310   5.436   1.00 12.77 ? 278  LEU A CD2 1 
ATOM   492  N N   . LYS A 1 87  ? 35.945  7.098   7.693   1.00 18.76 ? 279  LYS A N   1 
ATOM   493  C CA  . LYS A 1 87  ? 36.798  8.132   8.261   1.00 19.71 ? 279  LYS A CA  1 
ATOM   494  C C   . LYS A 1 87  ? 38.060  8.364   7.439   1.00 23.67 ? 279  LYS A C   1 
ATOM   495  O O   . LYS A 1 87  ? 38.960  9.075   7.892   1.00 25.74 ? 279  LYS A O   1 
ATOM   496  C CB  . LYS A 1 87  ? 37.179  7.773   9.701   1.00 23.20 ? 279  LYS A CB  1 
ATOM   497  C CG  . LYS A 1 87  ? 36.009  7.732   10.673  1.00 24.89 ? 279  LYS A CG  1 
ATOM   498  C CD  . LYS A 1 87  ? 36.455  7.234   12.041  1.00 27.81 ? 279  LYS A CD  1 
ATOM   499  C CE  . LYS A 1 87  ? 35.432  7.570   13.114  1.00 39.63 ? 279  LYS A CE  1 
ATOM   500  N NZ  . LYS A 1 87  ? 35.331  9.036   13.350  1.00 47.47 ? 279  LYS A NZ  1 
ATOM   501  N N   . SER A 1 88  ? 38.137  7.791   6.240   1.00 22.34 ? 280  SER A N   1 
ATOM   502  C CA  . SER A 1 88  ? 39.378  7.755   5.477   1.00 28.99 ? 280  SER A CA  1 
ATOM   503  C C   . SER A 1 88  ? 39.542  8.918   4.507   1.00 27.88 ? 280  SER A C   1 
ATOM   504  O O   . SER A 1 88  ? 40.609  9.041   3.899   1.00 23.91 ? 280  SER A O   1 
ATOM   505  C CB  . SER A 1 88  ? 39.476  6.441   4.696   1.00 25.98 ? 280  SER A CB  1 
ATOM   506  O OG  . SER A 1 88  ? 38.479  6.371   3.690   1.00 23.10 ? 280  SER A OG  1 
ATOM   507  N N   . SER A 1 89  ? 38.528  9.765   4.341   1.00 25.04 ? 281  SER A N   1 
ATOM   508  C CA  . SER A 1 89  ? 38.619  10.852  3.376   1.00 24.50 ? 281  SER A CA  1 
ATOM   509  C C   . SER A 1 89  ? 37.657  11.962  3.765   1.00 30.65 ? 281  SER A C   1 
ATOM   510  O O   . SER A 1 89  ? 36.639  11.719  4.420   1.00 35.33 ? 281  SER A O   1 
ATOM   511  C CB  . SER A 1 89  ? 38.312  10.368  1.954   1.00 24.06 ? 281  SER A CB  1 
ATOM   512  O OG  . SER A 1 89  ? 38.305  11.450  1.035   1.00 22.21 ? 281  SER A OG  1 
ATOM   513  N N   . ARG A 1 90  ? 37.990  13.184  3.350   1.00 31.19 ? 282  ARG A N   1 
ATOM   514  C CA  . ARG A 1 90  ? 37.102  14.321  3.545   1.00 28.42 ? 282  ARG A CA  1 
ATOM   515  C C   . ARG A 1 90  ? 35.983  14.374  2.515   1.00 31.54 ? 282  ARG A C   1 
ATOM   516  O O   . ARG A 1 90  ? 35.075  15.202  2.652   1.00 40.23 ? 282  ARG A O   1 
ATOM   517  C CB  . ARG A 1 90  ? 37.900  15.627  3.507   1.00 34.90 ? 282  ARG A CB  1 
ATOM   518  N N   . SER A 1 91  ? 36.028  13.522  1.494   1.00 26.03 ? 283  SER A N   1 
ATOM   519  C CA  . SER A 1 91  ? 34.970  13.410  0.498   1.00 28.19 ? 283  SER A CA  1 
ATOM   520  C C   . SER A 1 91  ? 34.495  11.966  0.472   1.00 30.85 ? 283  SER A C   1 
ATOM   521  O O   . SER A 1 91  ? 35.279  11.055  0.185   1.00 22.66 ? 283  SER A O   1 
ATOM   522  C CB  . SER A 1 91  ? 35.461  13.842  -0.886  1.00 25.54 ? 283  SER A CB  1 
ATOM   523  O OG  . SER A 1 91  ? 35.947  15.172  -0.863  1.00 37.92 ? 283  SER A OG  1 
ATOM   524  N N   . LEU A 1 92  ? 33.217  11.756  0.774   1.00 19.27 ? 284  LEU A N   1 
ATOM   525  C CA  . LEU A 1 92  ? 32.639  10.422  0.854   1.00 21.77 ? 284  LEU A CA  1 
ATOM   526  C C   . LEU A 1 92  ? 31.560  10.271  -0.207  1.00 22.34 ? 284  LEU A C   1 
ATOM   527  O O   . LEU A 1 92  ? 30.600  11.047  -0.238  1.00 23.51 ? 284  LEU A O   1 
ATOM   528  C CB  . LEU A 1 92  ? 32.064  10.152  2.247   1.00 22.01 ? 284  LEU A CB  1 
ATOM   529  C CG  . LEU A 1 92  ? 33.056  10.241  3.405   1.00 21.88 ? 284  LEU A CG  1 
ATOM   530  C CD1 . LEU A 1 92  ? 32.327  10.235  4.741   1.00 22.35 ? 284  LEU A CD1 1 
ATOM   531  C CD2 . LEU A 1 92  ? 34.072  9.107   3.326   1.00 21.90 ? 284  LEU A CD2 1 
ATOM   532  N N   . THR A 1 93  ? 31.730  9.281   -1.077  1.00 17.07 ? 285  THR A N   1 
ATOM   533  C CA  . THR A 1 93  ? 30.701  8.866   -2.023  1.00 20.21 ? 285  THR A CA  1 
ATOM   534  C C   . THR A 1 93  ? 30.067  7.595   -1.471  1.00 20.94 ? 285  THR A C   1 
ATOM   535  O O   . THR A 1 93  ? 30.685  6.525   -1.487  1.00 23.09 ? 285  THR A O   1 
ATOM   536  C CB  . THR A 1 93  ? 31.293  8.634   -3.411  1.00 19.00 ? 285  THR A CB  1 
ATOM   537  O OG1 . THR A 1 93  ? 31.948  9.830   -3.859  1.00 20.54 ? 285  THR A OG1 1 
ATOM   538  C CG2 . THR A 1 93  ? 30.204  8.257   -4.397  1.00 21.58 ? 285  THR A CG2 1 
ATOM   539  N N   . ILE A 1 94  ? 28.843  7.715   -0.967  1.00 16.96 ? 286  ILE A N   1 
ATOM   540  C CA  . ILE A 1 94  ? 28.178  6.633   -0.248  1.00 19.27 ? 286  ILE A CA  1 
ATOM   541  C C   . ILE A 1 94  ? 27.038  6.103   -1.105  1.00 18.52 ? 286  ILE A C   1 
ATOM   542  O O   . ILE A 1 94  ? 26.123  6.852   -1.474  1.00 17.10 ? 286  ILE A O   1 
ATOM   543  C CB  . ILE A 1 94  ? 27.673  7.098   1.125   1.00 17.02 ? 286  ILE A CB  1 
ATOM   544  C CG1 . ILE A 1 94  ? 28.829  7.665   1.951   1.00 17.63 ? 286  ILE A CG1 1 
ATOM   545  C CG2 . ILE A 1 94  ? 26.986  5.948   1.855   1.00 18.59 ? 286  ILE A CG2 1 
ATOM   546  C CD1 . ILE A 1 94  ? 28.391  8.410   3.195   1.00 20.39 ? 286  ILE A CD1 1 
ATOM   547  N N   . SER A 1 95  ? 27.098  4.815   -1.429  1.00 18.55 ? 287  SER A N   1 
ATOM   548  C CA  . SER A 1 95  ? 26.027  4.126   -2.132  1.00 17.23 ? 287  SER A CA  1 
ATOM   549  C C   . SER A 1 95  ? 25.147  3.426   -1.107  1.00 20.47 ? 287  SER A C   1 
ATOM   550  O O   . SER A 1 95  ? 25.656  2.755   -0.202  1.00 14.80 ? 287  SER A O   1 
ATOM   551  C CB  . SER A 1 95  ? 26.583  3.113   -3.134  1.00 21.76 ? 287  SER A CB  1 
ATOM   552  O OG  . SER A 1 95  ? 27.535  3.718   -3.992  1.00 30.51 ? 287  SER A OG  1 
ATOM   553  N N   . ILE A 1 96  ? 23.833  3.589   -1.244  1.00 17.53 ? 288  ILE A N   1 
ATOM   554  C CA  . ILE A 1 96  ? 22.891  3.066   -0.264  1.00 21.10 ? 288  ILE A CA  1 
ATOM   555  C C   . ILE A 1 96  ? 21.737  2.365   -0.967  1.00 22.75 ? 288  ILE A C   1 
ATOM   556  O O   . ILE A 1 96  ? 21.392  2.676   -2.111  1.00 21.26 ? 288  ILE A O   1 
ATOM   557  C CB  . ILE A 1 96  ? 22.333  4.170   0.669   1.00 15.93 ? 288  ILE A CB  1 
ATOM   558  C CG1 . ILE A 1 96  ? 21.531  5.194   -0.135  1.00 22.34 ? 288  ILE A CG1 1 
ATOM   559  C CG2 . ILE A 1 96  ? 23.447  4.843   1.463   1.00 16.65 ? 288  ILE A CG2 1 
ATOM   560  C CD1 . ILE A 1 96  ? 20.580  6.024   0.705   1.00 26.09 ? 288  ILE A CD1 1 
ATOM   561  N N   . VAL A 1 97  ? 21.148  1.404   -0.265  1.00 17.27 ? 289  VAL A N   1 
ATOM   562  C CA  . VAL A 1 97  ? 19.811  0.902   -0.552  1.00 16.98 ? 289  VAL A CA  1 
ATOM   563  C C   . VAL A 1 97  ? 18.905  1.487   0.522   1.00 23.71 ? 289  VAL A C   1 
ATOM   564  O O   . VAL A 1 97  ? 19.007  1.120   1.700   1.00 18.90 ? 289  VAL A O   1 
ATOM   565  C CB  . VAL A 1 97  ? 19.757  -0.631  -0.561  1.00 22.10 ? 289  VAL A CB  1 
ATOM   566  C CG1 . VAL A 1 97  ? 18.345  -1.109  -0.886  1.00 25.64 ? 289  VAL A CG1 1 
ATOM   567  C CG2 . VAL A 1 97  ? 20.764  -1.190  -1.556  1.00 23.28 ? 289  VAL A CG2 1 
ATOM   568  N N   . ALA A 1 98  ? 18.035  2.412   0.128   1.00 19.92 ? 290  ALA A N   1 
ATOM   569  C CA  . ALA A 1 98  ? 17.236  3.149   1.097   1.00 16.06 ? 290  ALA A CA  1 
ATOM   570  C C   . ALA A 1 98  ? 16.276  2.219   1.831   1.00 23.51 ? 290  ALA A C   1 
ATOM   571  O O   . ALA A 1 98  ? 15.627  1.365   1.216   1.00 21.88 ? 290  ALA A O   1 
ATOM   572  C CB  . ALA A 1 98  ? 16.462  4.270   0.407   1.00 24.61 ? 290  ALA A CB  1 
ATOM   573  N N   . ALA A 1 99  ? 16.215  2.375   3.155   1.00 20.64 ? 291  ALA A N   1 
ATOM   574  C CA  . ALA A 1 99  ? 15.243  1.709   4.024   1.00 19.57 ? 291  ALA A CA  1 
ATOM   575  C C   . ALA A 1 99  ? 15.400  0.192   4.050   1.00 19.50 ? 291  ALA A C   1 
ATOM   576  O O   . ALA A 1 99  ? 14.486  -0.515  4.483   1.00 20.89 ? 291  ALA A O   1 
ATOM   577  C CB  . ALA A 1 99  ? 13.808  2.078   3.633   1.00 21.09 ? 291  ALA A CB  1 
ATOM   578  N N   . ALA A 1 100 ? 16.549  -0.332  3.612   1.00 15.51 ? 292  ALA A N   1 
ATOM   579  C CA  . ALA A 1 100 ? 16.734  -1.781  3.578   1.00 18.66 ? 292  ALA A CA  1 
ATOM   580  C C   . ALA A 1 100 ? 16.688  -2.392  4.973   1.00 18.10 ? 292  ALA A C   1 
ATOM   581  O O   . ALA A 1 100 ? 16.231  -3.529  5.135   1.00 22.97 ? 292  ALA A O   1 
ATOM   582  C CB  . ALA A 1 100 ? 18.055  -2.134  2.891   1.00 16.68 ? 292  ALA A CB  1 
ATOM   583  N N   . GLY A 1 101 ? 17.147  -1.662  5.987   1.00 16.13 ? 293  GLY A N   1 
ATOM   584  C CA  . GLY A 1 101 ? 17.122  -2.183  7.342   1.00 17.21 ? 293  GLY A CA  1 
ATOM   585  C C   . GLY A 1 101 ? 16.240  -1.394  8.287   1.00 17.26 ? 293  GLY A C   1 
ATOM   586  O O   . GLY A 1 101 ? 16.503  -1.357  9.493   1.00 17.03 ? 293  GLY A O   1 
ATOM   587  N N   . ARG A 1 102 ? 15.182  -0.770  7.757   1.00 16.17 ? 294  ARG A N   1 
ATOM   588  C CA  . ARG A 1 102 ? 14.346  0.106   8.576   1.00 15.83 ? 294  ARG A CA  1 
ATOM   589  C C   . ARG A 1 102 ? 13.788  -0.615  9.796   1.00 16.88 ? 294  ARG A C   1 
ATOM   590  O O   . ARG A 1 102 ? 13.650  -0.006  10.865  1.00 14.67 ? 294  ARG A O   1 
ATOM   591  C CB  . ARG A 1 102 ? 13.197  0.682   7.747   1.00 19.25 ? 294  ARG A CB  1 
ATOM   592  C CG  . ARG A 1 102 ? 12.331  -0.371  7.062   1.00 21.06 ? 294  ARG A CG  1 
ATOM   593  C CD  . ARG A 1 102 ? 11.206  0.259   6.246   1.00 27.64 ? 294  ARG A CD  1 
ATOM   594  N NE  . ARG A 1 102 ? 10.520  1.321   6.980   1.00 28.45 ? 294  ARG A NE  1 
ATOM   595  C CZ  . ARG A 1 102 ? 9.295   1.205   7.491   1.00 33.84 ? 294  ARG A CZ  1 
ATOM   596  N NH1 . ARG A 1 102 ? 8.628   0.067   7.361   1.00 28.04 ? 294  ARG A NH1 1 
ATOM   597  N NH2 . ARG A 1 102 ? 8.743   2.221   8.141   1.00 30.41 ? 294  ARG A NH2 1 
ATOM   598  N N   . GLU A 1 103 ? 13.475  -1.906  9.669   1.00 17.12 ? 295  GLU A N   1 
ATOM   599  C CA  . GLU A 1 103 ? 12.847  -2.628  10.770  1.00 23.90 ? 295  GLU A CA  1 
ATOM   600  C C   . GLU A 1 103 ? 13.803  -2.873  11.929  1.00 22.02 ? 295  GLU A C   1 
ATOM   601  O O   . GLU A 1 103 ? 13.344  -3.139  13.044  1.00 15.35 ? 295  GLU A O   1 
ATOM   602  C CB  . GLU A 1 103 ? 12.274  -3.955  10.272  1.00 24.18 ? 295  GLU A CB  1 
ATOM   603  C CG  . GLU A 1 103 ? 13.289  -5.077  10.113  1.00 20.02 ? 295  GLU A CG  1 
ATOM   604  C CD  . GLU A 1 103 ? 14.201  -4.892  8.912   1.00 29.75 ? 295  GLU A CD  1 
ATOM   605  O OE1 . GLU A 1 103 ? 13.877  -4.070  8.024   1.00 24.14 ? 295  GLU A OE1 1 
ATOM   606  O OE2 . GLU A 1 103 ? 15.240  -5.581  8.853   1.00 36.71 ? 295  GLU A OE2 1 
ATOM   607  N N   . LEU A 1 104 ? 15.117  -2.786  11.697  1.00 17.38 ? 296  LEU A N   1 
ATOM   608  C CA  . LEU A 1 104 ? 16.077  -2.944  12.783  1.00 19.95 ? 296  LEU A CA  1 
ATOM   609  C C   . LEU A 1 104 ? 15.993  -1.816  13.802  1.00 14.20 ? 296  LEU A C   1 
ATOM   610  O O   . LEU A 1 104 ? 16.418  -1.999  14.948  1.00 17.54 ? 296  LEU A O   1 
ATOM   611  C CB  . LEU A 1 104 ? 17.502  -3.020  12.227  1.00 19.91 ? 296  LEU A CB  1 
ATOM   612  C CG  . LEU A 1 104 ? 17.828  -4.143  11.239  1.00 20.55 ? 296  LEU A CG  1 
ATOM   613  C CD1 . LEU A 1 104 ? 19.248  -3.993  10.712  1.00 16.64 ? 296  LEU A CD1 1 
ATOM   614  C CD2 . LEU A 1 104 ? 17.641  -5.500  11.902  1.00 25.20 ? 296  LEU A CD2 1 
ATOM   615  N N   . PHE A 1 105 ? 15.456  -0.659  13.416  1.00 11.05 ? 297  PHE A N   1 
ATOM   616  C CA  . PHE A 1 105 ? 15.441  0.520   14.271  1.00 19.65 ? 297  PHE A CA  1 
ATOM   617  C C   . PHE A 1 105 ? 14.022  0.952   14.605  1.00 23.82 ? 297  PHE A C   1 
ATOM   618  O O   . PHE A 1 105 ? 13.799  2.072   15.078  1.00 19.94 ? 297  PHE A O   1 
ATOM   619  C CB  . PHE A 1 105 ? 16.231  1.639   13.601  1.00 19.61 ? 297  PHE A CB  1 
ATOM   620  C CG  . PHE A 1 105 ? 17.555  1.178   13.077  1.00 18.02 ? 297  PHE A CG  1 
ATOM   621  C CD1 . PHE A 1 105 ? 18.543  0.758   13.952  1.00 21.36 ? 297  PHE A CD1 1 
ATOM   622  C CD2 . PHE A 1 105 ? 17.798  1.116   11.714  1.00 18.23 ? 297  PHE A CD2 1 
ATOM   623  C CE1 . PHE A 1 105 ? 19.758  0.309   13.480  1.00 20.36 ? 297  PHE A CE1 1 
ATOM   624  C CE2 . PHE A 1 105 ? 19.015  0.669   11.235  1.00 17.86 ? 297  PHE A CE2 1 
ATOM   625  C CZ  . PHE A 1 105 ? 19.998  0.268   12.121  1.00 16.05 ? 297  PHE A CZ  1 
ATOM   626  N N   . MET A 1 106 ? 13.060  0.068   14.370  1.00 16.73 ? 298  MET A N   1 
ATOM   627  C CA  . MET A 1 106 ? 11.658  0.282   14.679  1.00 17.14 ? 298  MET A CA  1 
ATOM   628  C C   . MET A 1 106 ? 11.354  -0.381  16.016  1.00 15.93 ? 298  MET A C   1 
ATOM   629  O O   . MET A 1 106 ? 11.880  -1.457  16.313  1.00 16.30 ? 298  MET A O   1 
ATOM   630  C CB  . MET A 1 106 ? 10.798  -0.327  13.571  1.00 15.41 ? 298  MET A CB  1 
ATOM   631  C CG  . MET A 1 106 ? 10.933  0.401   12.237  1.00 19.02 ? 298  MET A CG  1 
ATOM   632  S SD  . MET A 1 106 ? 9.759   -0.071  10.956  1.00 21.40 ? 298  MET A SD  1 
ATOM   633  C CE  . MET A 1 106 ? 8.188   0.083   11.808  1.00 18.32 ? 298  MET A CE  1 
ATOM   634  N N   . THR A 1 107 ? 10.526  0.265   16.833  1.00 13.57 ? 299  THR A N   1 
ATOM   635  C CA  . THR A 1 107 ? 10.082  -0.411  18.041  1.00 13.84 ? 299  THR A CA  1 
ATOM   636  C C   . THR A 1 107 ? 9.099   -1.521  17.679  1.00 12.91 ? 299  THR A C   1 
ATOM   637  O O   . THR A 1 107 ? 8.542   -1.555  16.577  1.00 12.32 ? 299  THR A O   1 
ATOM   638  C CB  . THR A 1 107 ? 9.423   0.569   19.015  1.00 13.86 ? 299  THR A CB  1 
ATOM   639  O OG1 . THR A 1 107 ? 8.149   0.966   18.498  1.00 12.24 ? 299  THR A OG1 1 
ATOM   640  C CG2 . THR A 1 107 ? 10.293  1.805   19.219  1.00 18.40 ? 299  THR A CG2 1 
ATOM   641  N N   . ASP A 1 108 ? 8.906   -2.451  18.620  1.00 11.62 ? 300  ASP A N   1 
ATOM   642  C CA  . ASP A 1 108 ? 7.912   -3.502  18.421  1.00 14.84 ? 300  ASP A CA  1 
ATOM   643  C C   . ASP A 1 108 ? 6.538   -2.902  18.158  1.00 15.20 ? 300  ASP A C   1 
ATOM   644  O O   . ASP A 1 108 ? 5.805   -3.362  17.272  1.00 10.65 ? 300  ASP A O   1 
ATOM   645  C CB  . ASP A 1 108 ? 7.860   -4.427  19.639  1.00 16.09 ? 300  ASP A CB  1 
ATOM   646  C CG  . ASP A 1 108 ? 9.137   -5.224  19.829  1.00 20.99 ? 300  ASP A CG  1 
ATOM   647  O OD1 . ASP A 1 108 ? 10.060  -5.088  18.998  1.00 20.67 ? 300  ASP A OD1 1 
ATOM   648  O OD2 . ASP A 1 108 ? 9.218   -5.992  20.811  1.00 26.95 ? 300  ASP A OD2 1 
ATOM   649  N N   . ARG A 1 109 ? 6.185   -1.855  18.902  1.00 14.40 ? 301  ARG A N   1 
ATOM   650  C CA  . ARG A 1 109 ? 4.878   -1.230  18.730  1.00 13.18 ? 301  ARG A CA  1 
ATOM   651  C C   . ARG A 1 109 ? 4.753   -0.571  17.363  1.00 11.71 ? 301  ARG A C   1 
ATOM   652  O O   . ARG A 1 109 ? 3.675   -0.594  16.757  1.00 14.62 ? 301  ARG A O   1 
ATOM   653  C CB  . ARG A 1 109 ? 4.639   -0.217  19.850  1.00 16.52 ? 301  ARG A CB  1 
ATOM   654  C CG  . ARG A 1 109 ? 4.122   -0.847  21.135  1.00 19.56 ? 301  ARG A CG  1 
ATOM   655  C CD  . ARG A 1 109 ? 4.064   0.158   22.279  1.00 23.76 ? 301  ARG A CD  1 
ATOM   656  N NE  . ARG A 1 109 ? 3.429   1.413   21.885  1.00 22.77 ? 301  ARG A NE  1 
ATOM   657  C CZ  . ARG A 1 109 ? 2.113   1.606   21.839  1.00 25.45 ? 301  ARG A CZ  1 
ATOM   658  N NH1 . ARG A 1 109 ? 1.282   0.624   22.166  1.00 20.61 ? 301  ARG A NH1 1 
ATOM   659  N NH2 . ARG A 1 109 ? 1.627   2.782   21.470  1.00 22.67 ? 301  ARG A NH2 1 
ATOM   660  N N   . GLU A 1 110 ? 5.839   0.021   16.855  1.00 13.75 ? 302  GLU A N   1 
ATOM   661  C CA  . GLU A 1 110 ? 5.785   0.626   15.525  1.00 9.74  ? 302  GLU A CA  1 
ATOM   662  C C   . GLU A 1 110 ? 5.569   -0.432  14.449  1.00 11.06 ? 302  GLU A C   1 
ATOM   663  O O   . GLU A 1 110 ? 4.798   -0.220  13.505  1.00 11.54 ? 302  GLU A O   1 
ATOM   664  C CB  . GLU A 1 110 ? 7.061   1.420   15.241  1.00 14.80 ? 302  GLU A CB  1 
ATOM   665  C CG  . GLU A 1 110 ? 7.084   2.814   15.848  1.00 22.12 ? 302  GLU A CG  1 
ATOM   666  C CD  . GLU A 1 110 ? 8.447   3.480   15.743  1.00 23.51 ? 302  GLU A CD  1 
ATOM   667  O OE1 . GLU A 1 110 ? 9.469   2.763   15.748  1.00 20.01 ? 302  GLU A OE1 1 
ATOM   668  O OE2 . GLU A 1 110 ? 8.497   4.725   15.652  1.00 25.65 ? 302  GLU A OE2 1 
ATOM   669  N N   . ARG A 1 111 ? 6.244   -1.574  14.576  1.00 10.92 ? 303  ARG A N   1 
ATOM   670  C CA  . ARG A 1 111 ? 6.077   -2.648  13.602  1.00 10.56 ? 303  ARG A CA  1 
ATOM   671  C C   . ARG A 1 111 ? 4.674   -3.243  13.666  1.00 9.31  ? 303  ARG A C   1 
ATOM   672  O O   . ARG A 1 111 ? 4.063   -3.522  12.628  1.00 10.32 ? 303  ARG A O   1 
ATOM   673  C CB  . ARG A 1 111 ? 7.139   -3.721  13.834  1.00 13.30 ? 303  ARG A CB  1 
ATOM   674  C CG  . ARG A 1 111 ? 8.551   -3.222  13.554  1.00 19.18 ? 303  ARG A CG  1 
ATOM   675  C CD  . ARG A 1 111 ? 9.586   -4.324  13.683  1.00 19.35 ? 303  ARG A CD  1 
ATOM   676  N NE  . ARG A 1 111 ? 9.389   -5.403  12.719  1.00 19.26 ? 303  ARG A NE  1 
ATOM   677  C CZ  . ARG A 1 111 ? 10.164  -6.483  12.652  1.00 23.87 ? 303  ARG A CZ  1 
ATOM   678  N NH1 . ARG A 1 111 ? 11.182  -6.619  13.490  1.00 21.30 ? 303  ARG A NH1 1 
ATOM   679  N NH2 . ARG A 1 111 ? 9.926   -7.424  11.753  1.00 27.33 ? 303  ARG A NH2 1 
ATOM   680  N N   . LEU A 1 112 ? 4.142   -3.444  14.875  1.00 10.27 ? 304  LEU A N   1 
ATOM   681  C CA  . LEU A 1 112 ? 2.782   -3.961  15.003  1.00 12.05 ? 304  LEU A CA  1 
ATOM   682  C C   . LEU A 1 112 ? 1.754   -2.944  14.524  1.00 13.59 ? 304  LEU A C   1 
ATOM   683  O O   . LEU A 1 112 ? 0.734   -3.317  13.928  1.00 12.17 ? 304  LEU A O   1 
ATOM   684  C CB  . LEU A 1 112 ? 2.506   -4.367  16.451  1.00 11.10 ? 304  LEU A CB  1 
ATOM   685  C CG  . LEU A 1 112 ? 3.340   -5.541  16.971  1.00 17.27 ? 304  LEU A CG  1 
ATOM   686  C CD1 . LEU A 1 112 ? 3.330   -5.576  18.492  1.00 25.26 ? 304  LEU A CD1 1 
ATOM   687  C CD2 . LEU A 1 112 ? 2.826   -6.847  16.393  1.00 28.11 ? 304  LEU A CD2 1 
ATOM   688  N N   . ALA A 1 113 ? 1.998   -1.655  14.771  1.00 11.99 ? 305  ALA A N   1 
ATOM   689  C CA  . ALA A 1 113 ? 1.090   -0.629  14.266  1.00 13.91 ? 305  ALA A CA  1 
ATOM   690  C C   . ALA A 1 113 ? 1.048   -0.639  12.744  1.00 13.47 ? 305  ALA A C   1 
ATOM   691  O O   . ALA A 1 113 ? -0.024  -0.498  12.144  1.00 15.40 ? 305  ALA A O   1 
ATOM   692  C CB  . ALA A 1 113 ? 1.503   0.748   14.786  1.00 17.10 ? 305  ALA A CB  1 
ATOM   693  N N   . GLU A 1 114 ? 2.208   -0.816  12.103  1.00 9.80  ? 306  GLU A N   1 
ATOM   694  C CA  . GLU A 1 114 ? 2.255   -0.914  10.647  1.00 13.67 ? 306  GLU A CA  1 
ATOM   695  C C   . GLU A 1 114 ? 1.489   -2.133  10.146  1.00 13.91 ? 306  GLU A C   1 
ATOM   696  O O   . GLU A 1 114 ? 0.736   -2.044  9.169   1.00 12.13 ? 306  GLU A O   1 
ATOM   697  C CB  . GLU A 1 114 ? 3.710   -0.970  10.178  1.00 17.77 ? 306  GLU A CB  1 
ATOM   698  C CG  . GLU A 1 114 ? 4.484   0.323   10.403  1.00 26.58 ? 306  GLU A CG  1 
ATOM   699  C CD  . GLU A 1 114 ? 5.506   0.609   9.314   1.00 28.06 ? 306  GLU A CD  1 
ATOM   700  O OE1 . GLU A 1 114 ? 5.890   1.784   9.143   1.00 24.09 ? 306  GLU A OE1 1 
ATOM   701  O OE2 . GLU A 1 114 ? 5.945   -0.348  8.643   1.00 26.16 ? 306  GLU A OE2 1 
ATOM   702  N N   . ALA A 1 115 ? 1.682   -3.284  10.795  1.00 12.88 ? 307  ALA A N   1 
ATOM   703  C CA  . ALA A 1 115 ? 0.953   -4.484  10.400  1.00 13.37 ? 307  ALA A CA  1 
ATOM   704  C C   . ALA A 1 115 ? -0.550  -4.299  10.576  1.00 13.32 ? 307  ALA A C   1 
ATOM   705  O O   . ALA A 1 115 ? -1.338  -4.708  9.715   1.00 11.55 ? 307  ALA A O   1 
ATOM   706  C CB  . ALA A 1 115 ? 1.443   -5.685  11.210  1.00 13.22 ? 307  ALA A CB  1 
ATOM   707  N N   . ARG A 1 116 ? -0.963  -3.694  11.691  1.00 11.43 ? 308  ARG A N   1 
ATOM   708  C CA  . ARG A 1 116 ? -2.379  -3.404  11.899  1.00 12.77 ? 308  ARG A CA  1 
ATOM   709  C C   . ARG A 1 116 ? -2.929  -2.511  10.796  1.00 16.43 ? 308  ARG A C   1 
ATOM   710  O O   . ARG A 1 116 ? -4.030  -2.748  10.287  1.00 11.91 ? 308  ARG A O   1 
ATOM   711  C CB  . ARG A 1 116 ? -2.597  -2.738  13.258  1.00 13.57 ? 308  ARG A CB  1 
ATOM   712  C CG  . ARG A 1 116 ? -4.069  -2.471  13.560  1.00 13.27 ? 308  ARG A CG  1 
ATOM   713  C CD  . ARG A 1 116 ? -4.297  -1.783  14.903  1.00 23.07 ? 308  ARG A CD  1 
ATOM   714  N NE  . ARG A 1 116 ? -3.726  -2.486  16.047  1.00 30.64 ? 308  ARG A NE  1 
ATOM   715  C CZ  . ARG A 1 116 ? -4.406  -3.329  16.818  1.00 42.56 ? 308  ARG A CZ  1 
ATOM   716  N NH1 . ARG A 1 116 ? -5.681  -3.586  16.559  1.00 36.38 ? 308  ARG A NH1 1 
ATOM   717  N NH2 . ARG A 1 116 ? -3.812  -3.919  17.847  1.00 31.76 ? 308  ARG A NH2 1 
ATOM   718  N N   . GLN A 1 117 ? -2.186  -1.463  10.427  1.00 12.38 ? 309  GLN A N   1 
ATOM   719  C CA  . GLN A 1 117 ? -2.688  -0.526  9.426   1.00 15.31 ? 309  GLN A CA  1 
ATOM   720  C C   . GLN A 1 117 ? -2.848  -1.199  8.069   1.00 17.87 ? 309  GLN A C   1 
ATOM   721  O O   . GLN A 1 117 ? -3.837  -0.962  7.365   1.00 16.36 ? 309  GLN A O   1 
ATOM   722  C CB  . GLN A 1 117 ? -1.757  0.682   9.317   1.00 18.85 ? 309  GLN A CB  1 
ATOM   723  C CG  . GLN A 1 117 ? -2.020  1.770   10.350  1.00 32.79 ? 309  GLN A CG  1 
ATOM   724  C CD  . GLN A 1 117 ? -3.495  2.095   10.510  1.00 37.19 ? 309  GLN A CD  1 
ATOM   725  O OE1 . GLN A 1 117 ? -4.133  2.609   9.593   1.00 38.45 ? 309  GLN A OE1 1 
ATOM   726  N NE2 . GLN A 1 117 ? -4.042  1.801   11.687  1.00 39.35 ? 309  GLN A NE2 1 
ATOM   727  N N   . ARG A 1 118 ? -1.888  -2.043  7.683   1.00 13.42 ? 310  ARG A N   1 
ATOM   728  C CA  . ARG A 1 118 ? -1.995  -2.735  6.402   1.00 14.50 ? 310  ARG A CA  1 
ATOM   729  C C   . ARG A 1 118 ? -3.190  -3.680  6.392   1.00 14.38 ? 310  ARG A C   1 
ATOM   730  O O   . ARG A 1 118 ? -3.915  -3.772  5.394   1.00 13.51 ? 310  ARG A O   1 
ATOM   731  C CB  . ARG A 1 118 ? -0.705  -3.498  6.111   1.00 19.04 ? 310  ARG A CB  1 
ATOM   732  C CG  . ARG A 1 118 ? 0.451   -2.617  5.658   1.00 27.32 ? 310  ARG A CG  1 
ATOM   733  C CD  . ARG A 1 118 ? 1.656   -3.464  5.276   1.00 23.00 ? 310  ARG A CD  1 
ATOM   734  N NE  . ARG A 1 118 ? 2.135   -4.245  6.413   1.00 38.27 ? 310  ARG A NE  1 
ATOM   735  C CZ  . ARG A 1 118 ? 3.351   -4.138  6.938   1.00 36.46 ? 310  ARG A CZ  1 
ATOM   736  N NH1 . ARG A 1 118 ? 4.224   -3.280  6.426   1.00 43.88 ? 310  ARG A NH1 1 
ATOM   737  N NH2 . ARG A 1 118 ? 3.695   -4.890  7.978   1.00 24.89 ? 310  ARG A NH2 1 
ATOM   738  N N   . GLU A 1 119 ? -3.413  -4.391  7.501   1.00 11.66 ? 311  GLU A N   1 
ATOM   739  C CA  . GLU A 1 119 ? -4.572  -5.272  7.599   1.00 13.05 ? 311  GLU A CA  1 
ATOM   740  C C   . GLU A 1 119 ? -5.873  -4.478  7.574   1.00 14.14 ? 311  GLU A C   1 
ATOM   741  O O   . GLU A 1 119 ? -6.847  -4.893  6.934   1.00 11.58 ? 311  GLU A O   1 
ATOM   742  C CB  . GLU A 1 119 ? -4.474  -6.117  8.870   1.00 9.37  ? 311  GLU A CB  1 
ATOM   743  C CG  . GLU A 1 119 ? -5.631  -7.082  9.100   1.00 8.64  ? 311  GLU A CG  1 
ATOM   744  C CD  . GLU A 1 119 ? -5.636  -8.264  8.155   1.00 14.93 ? 311  GLU A CD  1 
ATOM   745  O OE1 . GLU A 1 119 ? -4.561  -8.636  7.632   1.00 12.49 ? 311  GLU A OE1 1 
ATOM   746  O OE2 . GLU A 1 119 ? -6.725  -8.834  7.950   1.00 11.22 ? 311  GLU A OE2 1 
ATOM   747  N N   . LEU A 1 120 ? -5.903  -3.325  8.249   1.00 12.45 ? 312  LEU A N   1 
ATOM   748  C CA  . LEU A 1 120 ? -7.115  -2.511  8.282   1.00 17.72 ? 312  LEU A CA  1 
ATOM   749  C C   . LEU A 1 120 ? -7.475  -1.997  6.895   1.00 16.75 ? 312  LEU A C   1 
ATOM   750  O O   . LEU A 1 120 ? -8.660  -1.900  6.548   1.00 16.17 ? 312  LEU A O   1 
ATOM   751  C CB  . LEU A 1 120 ? -6.940  -1.342  9.253   1.00 15.48 ? 312  LEU A CB  1 
ATOM   752  C CG  . LEU A 1 120 ? -7.174  -1.630  10.737  1.00 21.71 ? 312  LEU A CG  1 
ATOM   753  C CD1 . LEU A 1 120 ? -6.842  -0.407  11.582  1.00 22.43 ? 312  LEU A CD1 1 
ATOM   754  C CD2 . LEU A 1 120 ? -8.610  -2.078  10.976  1.00 20.92 ? 312  LEU A CD2 1 
ATOM   755  N N   . GLN A 1 121 ? -6.468  -1.654  6.089   1.00 12.75 ? 313  GLN A N   1 
ATOM   756  C CA  . GLN A 1 121 ? -6.733  -1.176  4.735   1.00 16.21 ? 313  GLN A CA  1 
ATOM   757  C C   . GLN A 1 121 ? -7.351  -2.270  3.873   1.00 15.28 ? 313  GLN A C   1 
ATOM   758  O O   . GLN A 1 121 ? -8.305  -2.015  3.127   1.00 16.50 ? 313  GLN A O   1 
ATOM   759  C CB  . GLN A 1 121 ? -5.444  -0.649  4.104   1.00 18.48 ? 313  GLN A CB  1 
ATOM   760  C CG  . GLN A 1 121 ? -4.944  0.628   4.761   1.00 27.32 ? 313  GLN A CG  1 
ATOM   761  C CD  . GLN A 1 121 ? -3.507  0.954   4.415   1.00 40.02 ? 313  GLN A CD  1 
ATOM   762  O OE1 . GLN A 1 121 ? -2.915  0.346   3.523   1.00 44.78 ? 313  GLN A OE1 1 
ATOM   763  N NE2 . GLN A 1 121 ? -2.936  1.928   5.117   1.00 35.02 ? 313  GLN A NE2 1 
ATOM   764  N N   . ARG A 1 122 ? -6.821  -3.494  3.956   1.00 12.06 ? 314  ARG A N   1 
ATOM   765  C CA  . ARG A 1 122 ? -7.439  -4.610  3.246   1.00 13.99 ? 314  ARG A CA  1 
ATOM   766  C C   . ARG A 1 122 ? -8.850  -4.872  3.758   1.00 14.58 ? 314  ARG A C   1 
ATOM   767  O O   . ARG A 1 122 ? -9.770  -5.109  2.967   1.00 11.50 ? 314  ARG A O   1 
ATOM   768  C CB  . ARG A 1 122 ? -6.587  -5.870  3.388   1.00 12.13 ? 314  ARG A CB  1 
ATOM   769  C CG  . ARG A 1 122 ? -5.258  -5.831  2.644   1.00 15.84 ? 314  ARG A CG  1 
ATOM   770  C CD  . ARG A 1 122 ? -4.565  -7.184  2.705   1.00 16.86 ? 314  ARG A CD  1 
ATOM   771  N NE  . ARG A 1 122 ? -4.113  -7.512  4.055   1.00 15.40 ? 314  ARG A NE  1 
ATOM   772  C CZ  . ARG A 1 122 ? -2.917  -7.197  4.543   1.00 18.77 ? 314  ARG A CZ  1 
ATOM   773  N NH1 . ARG A 1 122 ? -2.041  -6.544  3.792   1.00 15.05 ? 314  ARG A NH1 1 
ATOM   774  N NH2 . ARG A 1 122 ? -2.596  -7.541  5.783   1.00 15.58 ? 314  ARG A NH2 1 
ATOM   775  N N   . GLN A 1 123 ? -9.036  -4.828  5.082   1.00 11.46 ? 315  GLN A N   1 
ATOM   776  C CA  . GLN A 1 123 ? -10.336 -5.145  5.669   1.00 11.05 ? 315  GLN A CA  1 
ATOM   777  C C   . GLN A 1 123 ? -11.374 -4.079  5.341   1.00 15.80 ? 315  GLN A C   1 
ATOM   778  O O   . GLN A 1 123 ? -12.556 -4.396  5.164   1.00 10.81 ? 315  GLN A O   1 
ATOM   779  C CB  . GLN A 1 123 ? -10.197 -5.313  7.183   1.00 9.41  ? 315  GLN A CB  1 
ATOM   780  C CG  . GLN A 1 123 ? -9.485  -6.606  7.570   1.00 8.65  ? 315  GLN A CG  1 
ATOM   781  C CD  . GLN A 1 123 ? -9.529  -6.880  9.059   1.00 10.29 ? 315  GLN A CD  1 
ATOM   782  O OE1 . GLN A 1 123 ? -10.065 -6.086  9.833   1.00 12.09 ? 315  GLN A OE1 1 
ATOM   783  N NE2 . GLN A 1 123 ? -8.961  -8.010  9.468   1.00 10.84 ? 315  GLN A NE2 1 
ATOM   784  N N   . GLU A 1 124 ? -10.957 -2.814  5.259   1.00 9.72  ? 316  GLU A N   1 
ATOM   785  C CA  . GLU A 1 124 ? -11.888 -1.765  4.853   1.00 15.43 ? 316  GLU A CA  1 
ATOM   786  C C   . GLU A 1 124 ? -12.432 -2.027  3.454   1.00 16.85 ? 316  GLU A C   1 
ATOM   787  O O   . GLU A 1 124 ? -13.638 -1.892  3.211   1.00 14.42 ? 316  GLU A O   1 
ATOM   788  C CB  . GLU A 1 124 ? -11.199 -0.402  4.916   1.00 14.74 ? 316  GLU A CB  1 
ATOM   789  N N   . LEU A 1 125 ? -11.555 -2.413  2.523   1.00 13.93 ? 317  LEU A N   1 
ATOM   790  C CA  . LEU A 1 125 ? -11.987 -2.701  1.157   1.00 16.82 ? 317  LEU A CA  1 
ATOM   791  C C   . LEU A 1 125 ? -12.847 -3.955  1.098   1.00 16.87 ? 317  LEU A C   1 
ATOM   792  O O   . LEU A 1 125 ? -13.856 -3.989  0.382   1.00 11.73 ? 317  LEU A O   1 
ATOM   793  C CB  . LEU A 1 125 ? -10.772 -2.859  0.245   1.00 15.46 ? 317  LEU A CB  1 
ATOM   794  C CG  . LEU A 1 125 ? -9.907  -1.622  0.026   1.00 21.01 ? 317  LEU A CG  1 
ATOM   795  C CD1 . LEU A 1 125 ? -8.731  -1.963  -0.875  1.00 27.98 ? 317  LEU A CD1 1 
ATOM   796  C CD2 . LEU A 1 125 ? -10.734 -0.486  -0.568  1.00 25.58 ? 317  LEU A CD2 1 
ATOM   797  N N   . LEU A 1 126 ? -12.453 -5.001  1.828   1.00 10.56 ? 318  LEU A N   1 
ATOM   798  C CA  . LEU A 1 126 ? -13.249 -6.221  1.855   1.00 11.33 ? 318  LEU A CA  1 
ATOM   799  C C   . LEU A 1 126 ? -14.652 -5.949  2.377   1.00 12.12 ? 318  LEU A C   1 
ATOM   800  O O   . LEU A 1 126 ? -15.632 -6.499  1.865   1.00 11.61 ? 318  LEU A O   1 
ATOM   801  C CB  . LEU A 1 126 ? -12.558 -7.286  2.705   1.00 11.48 ? 318  LEU A CB  1 
ATOM   802  C CG  . LEU A 1 126 ? -11.341 -7.953  2.063   1.00 10.64 ? 318  LEU A CG  1 
ATOM   803  C CD1 . LEU A 1 126 ? -10.574 -8.778  3.084   1.00 12.98 ? 318  LEU A CD1 1 
ATOM   804  C CD2 . LEU A 1 126 ? -11.772 -8.809  0.880   1.00 16.01 ? 318  LEU A CD2 1 
ATOM   805  N N   . MET A 1 127 ? -14.776 -5.089  3.386   1.00 10.87 ? 319  MET A N   1 
ATOM   806  C CA  . MET A 1 127 ? -16.102 -4.855  3.939   1.00 9.34  ? 319  MET A CA  1 
ATOM   807  C C   . MET A 1 127 ? -16.930 -4.015  2.975   1.00 13.20 ? 319  MET A C   1 
ATOM   808  O O   . MET A 1 127 ? -18.124 -4.270  2.778   1.00 10.17 ? 319  MET A O   1 
ATOM   809  C CB  . MET A 1 127 ? -15.993 -4.172  5.302   1.00 14.47 ? 319  MET A CB  1 
ATOM   810  C CG  . MET A 1 127 ? -17.306 -3.625  5.830   1.00 14.94 ? 319  MET A CG  1 
ATOM   811  S SD  . MET A 1 127 ? -18.266 -5.046  6.413   1.00 12.36 ? 319  MET A SD  1 
ATOM   812  C CE  . MET A 1 127 ? -17.387 -5.399  7.930   1.00 15.81 ? 319  MET A CE  1 
ATOM   813  N N   . GLN A 1 128 ? -16.295 -3.022  2.348   1.00 11.54 ? 320  GLN A N   1 
ATOM   814  C CA  . GLN A 1 128 ? -16.981 -2.199  1.359   1.00 16.22 ? 320  GLN A CA  1 
ATOM   815  C C   . GLN A 1 128 ? -17.531 -3.051  0.220   1.00 13.80 ? 320  GLN A C   1 
ATOM   816  O O   . GLN A 1 128 ? -18.678 -2.873  -0.203  1.00 12.34 ? 320  GLN A O   1 
ATOM   817  C CB  . GLN A 1 128 ? -16.031 -1.129  0.817   1.00 17.45 ? 320  GLN A CB  1 
ATOM   818  C CG  . GLN A 1 128 ? -15.940 0.125   1.678   1.00 28.55 ? 320  GLN A CG  1 
ATOM   819  C CD  . GLN A 1 128 ? -14.878 1.108   1.198   1.00 44.87 ? 320  GLN A CD  1 
ATOM   820  O OE1 . GLN A 1 128 ? -14.495 2.026   1.923   1.00 42.03 ? 320  GLN A OE1 1 
ATOM   821  N NE2 . GLN A 1 128 ? -14.402 0.919   -0.031  1.00 31.56 ? 320  GLN A NE2 1 
ATOM   822  N N   . LYS A 1 129 ? -16.722 -3.984  -0.284  1.00 10.99 ? 321  LYS A N   1 
ATOM   823  C CA  . LYS A 1 129 ? -17.157 -4.834  -1.388  1.00 15.92 ? 321  LYS A CA  1 
ATOM   824  C C   . LYS A 1 129 ? -18.212 -5.837  -0.935  1.00 10.69 ? 321  LYS A C   1 
ATOM   825  O O   . LYS A 1 129 ? -19.144 -6.146  -1.689  1.00 8.83  ? 321  LYS A O   1 
ATOM   826  C CB  . LYS A 1 129 ? -15.958 -5.559  -1.992  1.00 8.82  ? 321  LYS A CB  1 
ATOM   827  C CG  . LYS A 1 129 ? -14.925 -4.649  -2.644  1.00 13.15 ? 321  LYS A CG  1 
ATOM   828  C CD  . LYS A 1 129 ? -15.545 -3.818  -3.747  1.00 21.68 ? 321  LYS A CD  1 
ATOM   829  C CE  . LYS A 1 129 ? -14.572 -2.768  -4.257  1.00 18.24 ? 321  LYS A CE  1 
ATOM   830  N NZ  . LYS A 1 129 ? -15.108 -2.078  -5.457  1.00 19.09 ? 321  LYS A NZ  1 
ATOM   831  N N   . ARG A 1 130 ? -18.074 -6.368  0.284   1.00 10.98 ? 322  ARG A N   1 
ATOM   832  C CA  . ARG A 1 130 ? -19.062 -7.310  0.804   1.00 11.50 ? 322  ARG A CA  1 
ATOM   833  C C   . ARG A 1 130 ? -20.444 -6.679  0.864   1.00 11.39 ? 322  ARG A C   1 
ATOM   834  O O   . ARG A 1 130 ? -21.439 -7.281  0.444   1.00 10.60 ? 322  ARG A O   1 
ATOM   835  C CB  . ARG A 1 130 ? -18.651 -7.788  2.200   1.00 9.64  ? 322  ARG A CB  1 
ATOM   836  C CG  . ARG A 1 130 ? -19.637 -8.770  2.831   1.00 9.36  ? 322  ARG A CG  1 
ATOM   837  C CD  . ARG A 1 130 ? -19.511 -10.147 2.189   1.00 12.60 ? 322  ARG A CD  1 
ATOM   838  N NE  . ARG A 1 130 ? -18.228 -10.745 2.545   1.00 12.92 ? 322  ARG A NE  1 
ATOM   839  C CZ  . ARG A 1 130 ? -17.742 -11.868 2.029   1.00 17.09 ? 322  ARG A CZ  1 
ATOM   840  N NH1 . ARG A 1 130 ? -18.432 -12.547 1.122   1.00 18.65 ? 322  ARG A NH1 1 
ATOM   841  N NH2 . ARG A 1 130 ? -16.555 -12.313 2.425   1.00 15.94 ? 322  ARG A NH2 1 
ATOM   842  N N   . LEU A 1 131 ? -20.522 -5.460  1.399   1.00 11.88 ? 323  LEU A N   1 
ATOM   843  C CA  . LEU A 1 131 ? -21.813 -4.803  1.567   1.00 13.31 ? 323  LEU A CA  1 
ATOM   844  C C   . LEU A 1 131 ? -22.362 -4.315  0.232   1.00 12.19 ? 323  LEU A C   1 
ATOM   845  O O   . LEU A 1 131 ? -23.574 -4.382  -0.007  1.00 11.22 ? 323  LEU A O   1 
ATOM   846  C CB  . LEU A 1 131 ? -21.670 -3.651  2.557   1.00 13.32 ? 323  LEU A CB  1 
ATOM   847  C CG  . LEU A 1 131 ? -21.274 -4.150  3.951   1.00 13.74 ? 323  LEU A CG  1 
ATOM   848  C CD1 . LEU A 1 131 ? -21.120 -2.991  4.914   1.00 16.14 ? 323  LEU A CD1 1 
ATOM   849  C CD2 . LEU A 1 131 ? -22.283 -5.176  4.478   1.00 14.64 ? 323  LEU A CD2 1 
ATOM   850  N N   . ALA A 1 132 ? -21.488 -3.815  -0.647  1.00 12.17 ? 324  ALA A N   1 
ATOM   851  C CA  . ALA A 1 132 ? -21.924 -3.457  -1.993  1.00 15.36 ? 324  ALA A CA  1 
ATOM   852  C C   . ALA A 1 132 ? -22.472 -4.674  -2.725  1.00 11.31 ? 324  ALA A C   1 
ATOM   853  O O   . ALA A 1 132 ? -23.497 -4.587  -3.413  1.00 12.02 ? 324  ALA A O   1 
ATOM   854  C CB  . ALA A 1 132 ? -20.766 -2.835  -2.773  1.00 13.84 ? 324  ALA A CB  1 
ATOM   855  N N   . MET A 1 133 ? -21.805 -5.821  -2.578  1.00 9.11  ? 325  MET A N   1 
ATOM   856  C CA  . MET A 1 133 ? -22.292 -7.056  -3.184  1.00 8.89  ? 325  MET A CA  1 
ATOM   857  C C   . MET A 1 133 ? -23.646 -7.456  -2.612  1.00 13.38 ? 325  MET A C   1 
ATOM   858  O O   . MET A 1 133 ? -24.556 -7.835  -3.359  1.00 10.71 ? 325  MET A O   1 
ATOM   859  C CB  . MET A 1 133 ? -21.275 -8.180  -2.965  1.00 9.16  ? 325  MET A CB  1 
ATOM   860  C CG  . MET A 1 133 ? -21.722 -9.537  -3.480  1.00 20.59 ? 325  MET A CG  1 
ATOM   861  S SD  . MET A 1 133 ? -20.396 -10.760 -3.417  1.00 24.75 ? 325  MET A SD  1 
ATOM   862  C CE  . MET A 1 133 ? -19.094 -9.927  -4.335  1.00 12.72 ? 325  MET A CE  1 
ATOM   863  N N   . GLU A 1 134 ? -23.795 -7.374  -1.285  1.00 13.35 ? 326  GLU A N   1 
ATOM   864  C CA  . GLU A 1 134 ? -25.051 -7.751  -0.642  1.00 14.24 ? 326  GLU A CA  1 
ATOM   865  C C   . GLU A 1 134 ? -26.193 -6.843  -1.078  1.00 11.91 ? 326  GLU A C   1 
ATOM   866  O O   . GLU A 1 134 ? -27.308 -7.316  -1.342  1.00 10.16 ? 326  GLU A O   1 
ATOM   867  C CB  . GLU A 1 134 ? -24.889 -7.717  0.878   1.00 16.28 ? 326  GLU A CB  1 
ATOM   868  C CG  . GLU A 1 134 ? -26.074 -8.280  1.646   1.00 18.20 ? 326  GLU A CG  1 
ATOM   869  C CD  . GLU A 1 134 ? -26.113 -9.799  1.644   1.00 18.15 ? 326  GLU A CD  1 
ATOM   870  O OE1 . GLU A 1 134 ? -25.136 -10.427 1.183   1.00 23.86 ? 326  GLU A OE1 1 
ATOM   871  O OE2 . GLU A 1 134 ? -27.124 -10.364 2.110   1.00 24.00 ? 326  GLU A OE2 1 
ATOM   872  N N   . SER A 1 135 ? -25.943 -5.532  -1.145  1.00 12.67 ? 327  SER A N   1 
ATOM   873  C CA  A SER A 1 135 ? -26.965 -4.614  -1.638  0.58 15.77 ? 327  SER A CA  1 
ATOM   874  C CA  B SER A 1 135 ? -26.961 -4.611  -1.638  0.42 15.72 ? 327  SER A CA  1 
ATOM   875  C C   . SER A 1 135 ? -27.375 -4.963  -3.062  1.00 13.95 ? 327  SER A C   1 
ATOM   876  O O   . SER A 1 135 ? -28.559 -4.882  -3.411  1.00 12.42 ? 327  SER A O   1 
ATOM   877  C CB  A SER A 1 135 ? -26.465 -3.171  -1.563  0.58 18.13 ? 327  SER A CB  1 
ATOM   878  C CB  B SER A 1 135 ? -26.445 -3.173  -1.565  0.42 18.12 ? 327  SER A CB  1 
ATOM   879  O OG  A SER A 1 135 ? -26.434 -2.709  -0.225  0.58 18.69 ? 327  SER A OG  1 
ATOM   880  O OG  B SER A 1 135 ? -27.400 -2.255  -2.066  0.42 17.37 ? 327  SER A OG  1 
ATOM   881  N N   . ASN A 1 136 ? -26.413 -5.366  -3.898  1.00 10.38 ? 328  ASN A N   1 
ATOM   882  C CA  . ASN A 1 136 ? -26.747 -5.726  -5.273  1.00 8.52  ? 328  ASN A CA  1 
ATOM   883  C C   . ASN A 1 136 ? -27.502 -7.045  -5.348  1.00 11.94 ? 328  ASN A C   1 
ATOM   884  O O   . ASN A 1 136 ? -28.345 -7.217  -6.233  1.00 9.00  ? 328  ASN A O   1 
ATOM   885  C CB  . ASN A 1 136 ? -25.487 -5.801  -6.130  1.00 11.29 ? 328  ASN A CB  1 
ATOM   886  C CG  . ASN A 1 136 ? -25.131 -4.470  -6.761  1.00 13.77 ? 328  ASN A CG  1 
ATOM   887  O OD1 . ASN A 1 136 ? -25.973 -3.580  -6.878  1.00 16.64 ? 328  ASN A OD1 1 
ATOM   888  N ND2 . ASN A 1 136 ? -23.882 -4.335  -7.189  1.00 10.52 ? 328  ASN A ND2 1 
ATOM   889  N N   . LYS A 1 137 ? -27.205 -7.991  -4.453  1.00 9.21  ? 329  LYS A N   1 
ATOM   890  C CA  . LYS A 1 137 ? -28.003 -9.212  -4.382  1.00 14.89 ? 329  LYS A CA  1 
ATOM   891  C C   . LYS A 1 137 ? -29.459 -8.888  -4.075  1.00 13.91 ? 329  LYS A C   1 
ATOM   892  O O   . LYS A 1 137 ? -30.374 -9.366  -4.756  1.00 11.68 ? 329  LYS A O   1 
ATOM   893  C CB  . LYS A 1 137 ? -27.437 -10.152 -3.317  1.00 13.70 ? 329  LYS A CB  1 
ATOM   894  C CG  . LYS A 1 137 ? -26.172 -10.882 -3.706  1.00 17.59 ? 329  LYS A CG  1 
ATOM   895  C CD  . LYS A 1 137 ? -25.761 -11.823 -2.585  1.00 21.16 ? 329  LYS A CD  1 
ATOM   896  C CE  . LYS A 1 137 ? -24.451 -12.521 -2.883  1.00 24.30 ? 329  LYS A CE  1 
ATOM   897  N NZ  . LYS A 1 137 ? -24.291 -13.747 -2.045  1.00 21.79 ? 329  LYS A NZ  1 
ATOM   898  N N   . ILE A 1 138 ? -29.683 -8.073  -3.043  1.00 9.27  ? 330  ILE A N   1 
ATOM   899  C CA  . ILE A 1 138 ? -31.030 -7.658  -2.664  1.00 13.27 ? 330  ILE A CA  1 
ATOM   900  C C   . ILE A 1 138 ? -31.704 -6.931  -3.820  1.00 12.10 ? 330  ILE A C   1 
ATOM   901  O O   . ILE A 1 138 ? -32.881 -7.166  -4.123  1.00 11.53 ? 330  ILE A O   1 
ATOM   902  C CB  . ILE A 1 138 ? -30.968 -6.775  -1.404  1.00 11.51 ? 330  ILE A CB  1 
ATOM   903  C CG1 . ILE A 1 138 ? -30.433 -7.573  -0.212  1.00 17.77 ? 330  ILE A CG1 1 
ATOM   904  C CG2 . ILE A 1 138 ? -32.335 -6.180  -1.082  1.00 14.19 ? 330  ILE A CG2 1 
ATOM   905  C CD1 . ILE A 1 138 ? -30.199 -6.722  1.026   1.00 15.92 ? 330  ILE A CD1 1 
ATOM   906  N N   . LEU A 1 139 ? -30.966 -6.039  -4.482  1.00 9.62  ? 331  LEU A N   1 
ATOM   907  C CA  . LEU A 1 139 ? -31.526 -5.283  -5.595  1.00 12.30 ? 331  LEU A CA  1 
ATOM   908  C C   . LEU A 1 139 ? -31.977 -6.209  -6.718  1.00 14.77 ? 331  LEU A C   1 
ATOM   909  O O   . LEU A 1 139 ? -33.051 -6.014  -7.301  1.00 17.39 ? 331  LEU A O   1 
ATOM   910  C CB  . LEU A 1 139 ? -30.497 -4.272  -6.101  1.00 11.57 ? 331  LEU A CB  1 
ATOM   911  C CG  . LEU A 1 139 ? -30.929 -3.334  -7.228  1.00 10.56 ? 331  LEU A CG  1 
ATOM   912  C CD1 . LEU A 1 139 ? -32.038 -2.407  -6.755  1.00 19.35 ? 331  LEU A CD1 1 
ATOM   913  C CD2 . LEU A 1 139 ? -29.731 -2.532  -7.723  1.00 14.95 ? 331  LEU A CD2 1 
ATOM   914  N N   . GLN A 1 140 ? -31.179 -7.231  -7.028  1.00 11.79 ? 332  GLN A N   1 
ATOM   915  C CA  . GLN A 1 140 ? -31.569 -8.167  -8.075  1.00 11.52 ? 332  GLN A CA  1 
ATOM   916  C C   . GLN A 1 140 ? -32.795 -8.975  -7.667  1.00 13.01 ? 332  GLN A C   1 
ATOM   917  O O   . GLN A 1 140 ? -33.690 -9.208  -8.487  1.00 15.79 ? 332  GLN A O   1 
ATOM   918  C CB  . GLN A 1 140 ? -30.402 -9.088  -8.421  1.00 13.48 ? 332  GLN A CB  1 
ATOM   919  C CG  . GLN A 1 140 ? -29.272 -8.384  -9.156  1.00 10.46 ? 332  GLN A CG  1 
ATOM   920  C CD  . GLN A 1 140 ? -28.019 -9.229  -9.231  1.00 12.29 ? 332  GLN A CD  1 
ATOM   921  O OE1 . GLN A 1 140 ? -27.112 -9.095  -8.402  1.00 13.79 ? 332  GLN A OE1 1 
ATOM   922  N NE2 . GLN A 1 140 ? -27.963 -10.108 -10.218 1.00 11.80 ? 332  GLN A NE2 1 
ATOM   923  N N   . GLU A 1 141 ? -32.856 -9.409  -6.405  1.00 10.93 ? 333  GLU A N   1 
ATOM   924  C CA  . GLU A 1 141 ? -34.049 -10.105 -5.930  1.00 13.73 ? 333  GLU A CA  1 
ATOM   925  C C   . GLU A 1 141 ? -35.284 -9.222  -6.064  1.00 13.06 ? 333  GLU A C   1 
ATOM   926  O O   . GLU A 1 141 ? -36.355 -9.697  -6.460  1.00 15.58 ? 333  GLU A O   1 
ATOM   927  C CB  . GLU A 1 141 ? -33.857 -10.546 -4.479  1.00 16.32 ? 333  GLU A CB  1 
ATOM   928  C CG  . GLU A 1 141 ? -32.794 -11.619 -4.297  1.00 15.85 ? 333  GLU A CG  1 
ATOM   929  C CD  . GLU A 1 141 ? -32.420 -11.826 -2.843  1.00 20.71 ? 333  GLU A CD  1 
ATOM   930  O OE1 . GLU A 1 141 ? -33.162 -11.340 -1.963  1.00 22.52 ? 333  GLU A OE1 1 
ATOM   931  O OE2 . GLU A 1 141 ? -31.389 -12.477 -2.579  1.00 30.00 ? 333  GLU A OE2 1 
ATOM   932  N N   . GLN A 1 142 ? -35.148 -7.928  -5.757  1.00 11.45 ? 334  GLN A N   1 
ATOM   933  C CA  . GLN A 1 142 ? -36.278 -7.015  -5.893  1.00 15.90 ? 334  GLN A CA  1 
ATOM   934  C C   . GLN A 1 142 ? -36.696 -6.873  -7.350  1.00 13.88 ? 334  GLN A C   1 
ATOM   935  O O   . GLN A 1 142 ? -37.893 -6.797  -7.654  1.00 14.14 ? 334  GLN A O   1 
ATOM   936  C CB  . GLN A 1 142 ? -35.929 -5.649  -5.300  1.00 14.02 ? 334  GLN A CB  1 
ATOM   937  C CG  . GLN A 1 142 ? -35.827 -5.638  -3.783  1.00 23.98 ? 334  GLN A CG  1 
ATOM   938  C CD  . GLN A 1 142 ? -35.113 -4.408  -3.258  1.00 25.51 ? 334  GLN A CD  1 
ATOM   939  O OE1 . GLN A 1 142 ? -34.661 -3.563  -4.029  1.00 36.05 ? 334  GLN A OE1 1 
ATOM   940  N NE2 . GLN A 1 142 ? -35.017 -4.299  -1.937  1.00 30.81 ? 334  GLN A NE2 1 
ATOM   941  N N   . GLN A 1 143 ? -35.727 -6.834  -8.269  1.00 16.64 ? 335  GLN A N   1 
ATOM   942  C CA  . GLN A 1 143 ? -36.067 -6.752  -9.687  1.00 13.96 ? 335  GLN A CA  1 
ATOM   943  C C   . GLN A 1 143 ? -36.786 -8.009  -10.161 1.00 15.98 ? 335  GLN A C   1 
ATOM   944  O O   . GLN A 1 143 ? -37.750 -7.923  -10.929 1.00 15.80 ? 335  GLN A O   1 
ATOM   945  C CB  . GLN A 1 143 ? -34.817 -6.506  -10.532 1.00 15.62 ? 335  GLN A CB  1 
ATOM   946  C CG  . GLN A 1 143 ? -34.017 -5.259  -10.166 1.00 14.28 ? 335  GLN A CG  1 
ATOM   947  C CD  . GLN A 1 143 ? -34.875 -4.123  -9.639  1.00 26.48 ? 335  GLN A CD  1 
ATOM   948  O OE1 . GLN A 1 143 ? -35.704 -3.566  -10.356 1.00 26.02 ? 335  GLN A OE1 1 
ATOM   949  N NE2 . GLN A 1 143 ? -34.665 -3.765  -8.381  1.00 20.14 ? 335  GLN A NE2 1 
ATOM   950  N N   . GLU A 1 144 ? -36.330 -9.188  -9.722  1.00 16.61 ? 336  GLU A N   1 
ATOM   951  C CA  . GLU A 1 144 ? -37.001 -10.426 -10.115 1.00 17.21 ? 336  GLU A CA  1 
ATOM   952  C C   . GLU A 1 144 ? -38.446 -10.459 -9.629  1.00 19.64 ? 336  GLU A C   1 
ATOM   953  O O   . GLU A 1 144 ? -39.348 -10.866 -10.373 1.00 19.97 ? 336  GLU A O   1 
ATOM   954  C CB  . GLU A 1 144 ? -36.227 -11.639 -9.591  1.00 18.35 ? 336  GLU A CB  1 
ATOM   955  C CG  . GLU A 1 144 ? -34.775 -11.677 -10.037 1.00 25.06 ? 336  GLU A CG  1 
ATOM   956  C CD  . GLU A 1 144 ? -33.933 -12.665 -9.249  1.00 36.96 ? 336  GLU A CD  1 
ATOM   957  O OE1 . GLU A 1 144 ? -34.388 -13.129 -8.180  1.00 29.89 ? 336  GLU A OE1 1 
ATOM   958  O OE2 . GLU A 1 144 ? -32.805 -12.966 -9.693  1.00 42.88 ? 336  GLU A OE2 1 
ATOM   959  N N   . MET A 1 145 ? -38.686 -10.036 -8.385  1.00 16.73 ? 337  MET A N   1 
ATOM   960  C CA  . MET A 1 145 ? -40.050 -10.001 -7.861  1.00 22.06 ? 337  MET A CA  1 
ATOM   961  C C   . MET A 1 145 ? -40.923 -9.049  -8.666  1.00 18.53 ? 337  MET A C   1 
ATOM   962  O O   . MET A 1 145 ? -42.039 -9.398  -9.073  1.00 15.25 ? 337  MET A O   1 
ATOM   963  C CB  . MET A 1 145 ? -40.047 -9.575  -6.392  1.00 20.10 ? 337  MET A CB  1 
ATOM   964  C CG  . MET A 1 145 ? -39.362 -10.528 -5.455  1.00 35.48 ? 337  MET A CG  1 
ATOM   965  S SD  . MET A 1 145 ? -39.580 -10.063 -3.726  1.00 46.54 ? 337  MET A SD  1 
ATOM   966  C CE  . MET A 1 145 ? -41.265 -9.460  -3.750  1.00 24.75 ? 337  MET A CE  1 
ATOM   967  N N   . GLU A 1 146 ? -40.429 -7.834  -8.894  1.00 15.00 ? 338  GLU A N   1 
ATOM   968  C CA  . GLU A 1 146 ? -41.248 -6.816  -9.540  1.00 21.30 ? 338  GLU A CA  1 
ATOM   969  C C   . GLU A 1 146 ? -41.499 -7.152  -11.007 1.00 16.10 ? 338  GLU A C   1 
ATOM   970  O O   . GLU A 1 146 ? -42.590 -6.889  -11.526 1.00 16.02 ? 338  GLU A O   1 
ATOM   971  C CB  . GLU A 1 146 ? -40.586 -5.445  -9.397  1.00 19.23 ? 338  GLU A CB  1 
ATOM   972  C CG  . GLU A 1 146 ? -41.437 -4.276  -9.880  1.00 30.16 ? 338  GLU A CG  1 
ATOM   973  C CD  . GLU A 1 146 ? -42.628 -3.978  -8.982  1.00 33.59 ? 338  GLU A CD  1 
ATOM   974  O OE1 . GLU A 1 146 ? -43.401 -3.056  -9.318  1.00 42.17 ? 338  GLU A OE1 1 
ATOM   975  O OE2 . GLU A 1 146 ? -42.791 -4.650  -7.940  1.00 40.77 ? 338  GLU A OE2 1 
ATOM   976  N N   . ARG A 1 147 ? -40.514 -7.741  -11.694 1.00 15.26 ? 339  ARG A N   1 
ATOM   977  C CA  . ARG A 1 147 ? -40.738 -8.081  -13.097 1.00 14.04 ? 339  ARG A CA  1 
ATOM   978  C C   . ARG A 1 147 ? -41.725 -9.234  -13.248 1.00 18.41 ? 339  ARG A C   1 
ATOM   979  O O   . ARG A 1 147 ? -42.498 -9.260  -14.213 1.00 13.85 ? 339  ARG A O   1 
ATOM   980  C CB  . ARG A 1 147 ? -39.415 -8.402  -13.800 1.00 12.90 ? 339  ARG A CB  1 
ATOM   981  C CG  . ARG A 1 147 ? -38.436 -7.226  -13.831 1.00 12.72 ? 339  ARG A CG  1 
ATOM   982  C CD  . ARG A 1 147 ? -37.169 -7.547  -14.620 1.00 16.57 ? 339  ARG A CD  1 
ATOM   983  N NE  . ARG A 1 147 ? -37.406 -7.555  -16.061 1.00 26.39 ? 339  ARG A NE  1 
ATOM   984  C CZ  . ARG A 1 147 ? -37.415 -8.647  -16.820 1.00 18.57 ? 339  ARG A CZ  1 
ATOM   985  N NH1 . ARG A 1 147 ? -37.640 -8.543  -18.120 1.00 19.46 ? 339  ARG A NH1 1 
ATOM   986  N NH2 . ARG A 1 147 ? -37.193 -9.837  -16.282 1.00 18.34 ? 339  ARG A NH2 1 
ATOM   987  N N   . GLN A 1 148 ? -41.734 -10.183 -12.310 1.00 16.07 ? 340  GLN A N   1 
ATOM   988  C CA  . GLN A 1 148 ? -42.739 -11.242 -12.368 1.00 17.70 ? 340  GLN A CA  1 
ATOM   989  C C   . GLN A 1 148 ? -44.125 -10.699 -12.044 1.00 19.20 ? 340  GLN A C   1 
ATOM   990  O O   . GLN A 1 148 ? -45.109 -11.063 -12.699 1.00 17.53 ? 340  GLN A O   1 
ATOM   991  C CB  . GLN A 1 148 ? -42.371 -12.381 -11.416 1.00 24.65 ? 340  GLN A CB  1 
ATOM   992  C CG  . GLN A 1 148 ? -43.334 -13.572 -11.459 1.00 26.34 ? 340  GLN A CG  1 
ATOM   993  C CD  . GLN A 1 148 ? -43.588 -14.090 -12.867 1.00 31.89 ? 340  GLN A CD  1 
ATOM   994  O OE1 . GLN A 1 148 ? -42.674 -14.167 -13.688 1.00 25.11 ? 340  GLN A OE1 1 
ATOM   995  N NE2 . GLN A 1 148 ? -44.836 -14.454 -13.150 1.00 29.48 ? 340  GLN A NE2 1 
ATOM   996  N N   . ARG A 1 149 ? -44.218 -9.829  -11.035 1.00 14.40 ? 341  ARG A N   1 
ATOM   997  C CA  . ARG A 1 149 ? -45.499 -9.215  -10.695 1.00 20.56 ? 341  ARG A CA  1 
ATOM   998  C C   . ARG A 1 149 ? -46.067 -8.430  -11.872 1.00 19.18 ? 341  ARG A C   1 
ATOM   999  O O   . ARG A 1 149 ? -47.265 -8.513  -12.169 1.00 14.84 ? 341  ARG A O   1 
ATOM   1000 C CB  . ARG A 1 149 ? -45.331 -8.306  -9.477  1.00 21.86 ? 341  ARG A CB  1 
ATOM   1001 C CG  . ARG A 1 149 ? -46.621 -7.683  -8.977  1.00 29.81 ? 341  ARG A CG  1 
ATOM   1002 C CD  . ARG A 1 149 ? -46.358 -6.715  -7.830  1.00 32.95 ? 341  ARG A CD  1 
ATOM   1003 N NE  . ARG A 1 149 ? -45.914 -5.403  -8.300  1.00 36.38 ? 341  ARG A NE  1 
ATOM   1004 C CZ  . ARG A 1 149 ? -46.729 -4.392  -8.586  1.00 41.48 ? 341  ARG A CZ  1 
ATOM   1005 N NH1 . ARG A 1 149 ? -48.040 -4.536  -8.452  1.00 38.44 ? 341  ARG A NH1 1 
ATOM   1006 N NH2 . ARG A 1 149 ? -46.233 -3.235  -9.007  1.00 39.18 ? 341  ARG A NH2 1 
ATOM   1007 N N   . ARG A 1 150 ? -45.221 -7.667  -12.558 1.00 12.38 ? 342  ARG A N   1 
ATOM   1008 C CA  . ARG A 1 150 ? -45.700 -6.854  -13.669 1.00 14.82 ? 342  ARG A CA  1 
ATOM   1009 C C   . ARG A 1 150 ? -45.951 -7.689  -14.916 1.00 14.82 ? 342  ARG A C   1 
ATOM   1010 O O   . ARG A 1 150 ? -46.790 -7.320  -15.746 1.00 16.88 ? 342  ARG A O   1 
ATOM   1011 C CB  . ARG A 1 150 ? -44.704 -5.732  -13.940 1.00 15.19 ? 342  ARG A CB  1 
ATOM   1012 C CG  . ARG A 1 150 ? -44.675 -4.720  -12.809 1.00 20.15 ? 342  ARG A CG  1 
ATOM   1013 C CD  . ARG A 1 150 ? -43.678 -3.612  -13.052 1.00 28.72 ? 342  ARG A CD  1 
ATOM   1014 N NE  . ARG A 1 150 ? -43.658 -2.675  -11.934 1.00 30.59 ? 342  ARG A NE  1 
ATOM   1015 C CZ  . ARG A 1 150 ? -44.431 -1.597  -11.853 1.00 33.11 ? 342  ARG A CZ  1 
ATOM   1016 N NH1 . ARG A 1 150 ? -45.288 -1.322  -12.826 1.00 30.83 ? 342  ARG A NH1 1 
ATOM   1017 N NH2 . ARG A 1 150 ? -44.349 -0.797  -10.800 1.00 42.74 ? 342  ARG A NH2 1 
ATOM   1018 N N   . LYS A 1 151 ? -45.243 -8.810  -15.068 1.00 10.72 ? 343  LYS A N   1 
ATOM   1019 C CA  . LYS A 1 151 ? -45.588 -9.757  -16.123 1.00 16.26 ? 343  LYS A CA  1 
ATOM   1020 C C   . LYS A 1 151 ? -46.995 -10.302 -15.920 1.00 15.17 ? 343  LYS A C   1 
ATOM   1021 O O   . LYS A 1 151 ? -47.763 -10.446 -16.881 1.00 14.23 ? 343  LYS A O   1 
ATOM   1022 C CB  . LYS A 1 151 ? -44.573 -10.897 -16.155 1.00 17.27 ? 343  LYS A CB  1 
ATOM   1023 C CG  . LYS A 1 151 ? -44.917 -12.012 -17.129 1.00 18.59 ? 343  LYS A CG  1 
ATOM   1024 C CD  . LYS A 1 151 ? -43.981 -13.198 -16.958 1.00 26.81 ? 343  LYS A CD  1 
ATOM   1025 C CE  . LYS A 1 151 ? -43.728 -13.900 -18.280 1.00 35.97 ? 343  LYS A CE  1 
ATOM   1026 N NZ  . LYS A 1 151 ? -42.502 -14.743 -18.230 1.00 43.31 ? 343  LYS A NZ  1 
ATOM   1027 N N   . GLU A 1 152 ? -47.352 -10.605 -14.670 1.00 15.49 ? 344  GLU A N   1 
ATOM   1028 C CA  . GLU A 1 152 ? -48.685 -11.120 -14.376 1.00 17.79 ? 344  GLU A CA  1 
ATOM   1029 C C   . GLU A 1 152 ? -49.751 -10.059 -14.630 1.00 15.73 ? 344  GLU A C   1 
ATOM   1030 O O   . GLU A 1 152 ? -50.825 -10.367 -15.163 1.00 15.05 ? 344  GLU A O   1 
ATOM   1031 C CB  . GLU A 1 152 ? -48.733 -11.612 -12.930 1.00 20.68 ? 344  GLU A CB  1 
ATOM   1032 C CG  . GLU A 1 152 ? -48.114 -12.990 -12.743 1.00 22.27 ? 344  GLU A CG  1 
ATOM   1033 C CD  . GLU A 1 152 ? -47.801 -13.309 -11.294 1.00 40.13 ? 344  GLU A CD  1 
ATOM   1034 O OE1 . GLU A 1 152 ? -47.062 -14.286 -11.051 1.00 34.24 ? 344  GLU A OE1 1 
ATOM   1035 O OE2 . GLU A 1 152 ? -48.293 -12.587 -10.399 1.00 36.87 ? 344  GLU A OE2 1 
ATOM   1036 N N   . ILE A 1 153 ? -49.467 -8.807  -14.263 1.00 11.88 ? 345  ILE A N   1 
ATOM   1037 C CA  . ILE A 1 153 ? -50.380 -7.703  -14.547 1.00 15.28 ? 345  ILE A CA  1 
ATOM   1038 C C   . ILE A 1 153 ? -50.589 -7.554  -16.048 1.00 13.49 ? 345  ILE A C   1 
ATOM   1039 O O   . ILE A 1 153 ? -51.716 -7.340  -16.517 1.00 12.91 ? 345  ILE A O   1 
ATOM   1040 C CB  . ILE A 1 153 ? -49.848 -6.401  -13.919 1.00 12.75 ? 345  ILE A CB  1 
ATOM   1041 C CG1 . ILE A 1 153 ? -49.960 -6.462  -12.394 1.00 16.78 ? 345  ILE A CG1 1 
ATOM   1042 C CG2 . ILE A 1 153 ? -50.587 -5.187  -14.472 1.00 20.46 ? 345  ILE A CG2 1 
ATOM   1043 C CD1 . ILE A 1 153 ? -49.119 -5.433  -11.677 1.00 22.14 ? 345  ILE A CD1 1 
ATOM   1044 N N   . ALA A 1 154 ? -49.511 -7.675  -16.827 1.00 11.69 ? 346  ALA A N   1 
ATOM   1045 C CA  . ALA A 1 154 ? -49.617 -7.493  -18.271 1.00 12.83 ? 346  ALA A CA  1 
ATOM   1046 C C   . ALA A 1 154 ? -50.430 -8.608  -18.919 1.00 16.08 ? 346  ALA A C   1 
ATOM   1047 O O   . ALA A 1 154 ? -51.271 -8.344  -19.787 1.00 11.64 ? 346  ALA A O   1 
ATOM   1048 C CB  . ALA A 1 154 ? -48.221 -7.411  -18.890 1.00 11.83 ? 346  ALA A CB  1 
ATOM   1049 N N   . GLN A 1 155 ? -50.197 -9.860  -18.516 1.00 13.89 ? 347  GLN A N   1 
ATOM   1050 C CA  . GLN A 1 155 ? -50.914 -10.972 -19.133 1.00 19.07 ? 347  GLN A CA  1 
ATOM   1051 C C   . GLN A 1 155 ? -52.397 -10.933 -18.784 1.00 11.21 ? 347  GLN A C   1 
ATOM   1052 O O   . GLN A 1 155 ? -53.244 -11.288 -19.612 1.00 12.81 ? 347  GLN A O   1 
ATOM   1053 C CB  . GLN A 1 155 ? -50.297 -12.305 -18.704 1.00 22.01 ? 347  GLN A CB  1 
ATOM   1054 C CG  . GLN A 1 155 ? -50.623 -13.451 -19.649 1.00 37.91 ? 347  GLN A CG  1 
ATOM   1055 C CD  . GLN A 1 155 ? -50.460 -14.811 -19.001 1.00 53.09 ? 347  GLN A CD  1 
ATOM   1056 O OE1 . GLN A 1 155 ? -49.445 -15.092 -18.362 1.00 54.21 ? 347  GLN A OE1 1 
ATOM   1057 N NE2 . GLN A 1 155 ? -51.463 -15.667 -19.164 1.00 56.28 ? 347  GLN A NE2 1 
ATOM   1058 N N   . LYS A 1 156 ? -52.726 -10.510 -17.563 1.00 12.30 ? 348  LYS A N   1 
ATOM   1059 C CA  . LYS A 1 156 ? -54.124 -10.320 -17.186 1.00 16.62 ? 348  LYS A CA  1 
ATOM   1060 C C   . LYS A 1 156 ? -54.790 -9.278  -18.073 1.00 14.05 ? 348  LYS A C   1 
ATOM   1061 O O   . LYS A 1 156 ? -55.903 -9.485  -18.571 1.00 11.99 ? 348  LYS A O   1 
ATOM   1062 C CB  . LYS A 1 156 ? -54.213 -9.912  -15.717 1.00 14.59 ? 348  LYS A CB  1 
ATOM   1063 C CG  . LYS A 1 156 ? -55.608 -9.539  -15.250 1.00 16.21 ? 348  LYS A CG  1 
ATOM   1064 C CD  . LYS A 1 156 ? -55.676 -9.479  -13.733 1.00 22.27 ? 348  LYS A CD  1 
ATOM   1065 C CE  . LYS A 1 156 ? -57.061 -9.078  -13.259 1.00 28.20 ? 348  LYS A CE  1 
ATOM   1066 N NZ  . LYS A 1 156 ? -57.048 -8.581  -11.853 1.00 35.96 ? 348  LYS A NZ  1 
ATOM   1067 N N   . ALA A 1 157 ? -54.116 -8.142  -18.280 1.00 11.29 ? 349  ALA A N   1 
ATOM   1068 C CA  . ALA A 1 157 ? -54.661 -7.092  -19.134 1.00 12.15 ? 349  ALA A CA  1 
ATOM   1069 C C   . ALA A 1 157 ? -54.814 -7.571  -20.571 1.00 13.79 ? 349  ALA A C   1 
ATOM   1070 O O   . ALA A 1 157 ? -55.783 -7.213  -21.252 1.00 10.04 ? 349  ALA A O   1 
ATOM   1071 C CB  . ALA A 1 157 ? -53.764 -5.853  -19.076 1.00 11.46 ? 349  ALA A CB  1 
ATOM   1072 N N   . ALA A 1 158 ? -53.870 -8.384  -21.051 1.00 12.64 ? 350  ALA A N   1 
ATOM   1073 C CA  . ALA A 1 158 ? -53.946 -8.879  -22.423 1.00 12.19 ? 350  ALA A CA  1 
ATOM   1074 C C   . ALA A 1 158 ? -55.148 -9.798  -22.610 1.00 9.90  ? 350  ALA A C   1 
ATOM   1075 O O   . ALA A 1 158 ? -55.891 -9.674  -23.589 1.00 11.74 ? 350  ALA A O   1 
ATOM   1076 C CB  . ALA A 1 158 ? -52.650 -9.601  -22.798 1.00 11.43 ? 350  ALA A CB  1 
ATOM   1077 N N   . GLU A 1 159 ? -55.361 -10.731 -21.679 1.00 12.72 ? 351  GLU A N   1 
ATOM   1078 C CA  . GLU A 1 159 ? -56.474 -11.654 -21.869 1.00 13.79 ? 351  GLU A CA  1 
ATOM   1079 C C   . GLU A 1 159 ? -57.815 -10.970 -21.638 1.00 14.15 ? 351  GLU A C   1 
ATOM   1080 O O   . GLU A 1 159 ? -58.809 -11.345 -22.268 1.00 14.40 ? 351  GLU A O   1 
ATOM   1081 C CB  . GLU A 1 159 ? -56.332 -12.889 -20.977 1.00 23.88 ? 351  GLU A CB  1 
ATOM   1082 C CG  . GLU A 1 159 ? -56.460 -12.667 -19.487 1.00 29.33 ? 351  GLU A CG  1 
ATOM   1083 C CD  . GLU A 1 159 ? -56.195 -13.944 -18.705 1.00 51.95 ? 351  GLU A CD  1 
ATOM   1084 O OE1 . GLU A 1 159 ? -57.166 -14.685 -18.432 1.00 46.50 ? 351  GLU A OE1 1 
ATOM   1085 O OE2 . GLU A 1 159 ? -55.021 -14.217 -18.382 1.00 47.91 ? 351  GLU A OE2 1 
ATOM   1086 N N   . GLU A 1 160 ? -57.870 -9.965  -20.757 1.00 10.06 ? 352  GLU A N   1 
ATOM   1087 C CA  . GLU A 1 160 ? -59.087 -9.167  -20.652 1.00 12.82 ? 352  GLU A CA  1 
ATOM   1088 C C   . GLU A 1 160 ? -59.397 -8.481  -21.976 1.00 12.98 ? 352  GLU A C   1 
ATOM   1089 O O   . GLU A 1 160 ? -60.548 -8.477  -22.428 1.00 11.60 ? 352  GLU A O   1 
ATOM   1090 C CB  . GLU A 1 160 ? -58.961 -8.132  -19.531 1.00 11.25 ? 352  GLU A CB  1 
ATOM   1091 C CG  . GLU A 1 160 ? -59.109 -8.704  -18.125 1.00 13.79 ? 352  GLU A CG  1 
ATOM   1092 C CD  . GLU A 1 160 ? -58.924 -7.653  -17.041 1.00 17.03 ? 352  GLU A CD  1 
ATOM   1093 O OE1 . GLU A 1 160 ? -58.400 -6.558  -17.339 1.00 13.39 ? 352  GLU A OE1 1 
ATOM   1094 O OE2 . GLU A 1 160 ? -59.312 -7.926  -15.885 1.00 20.80 ? 352  GLU A OE2 1 
ATOM   1095 N N   . ASN A 1 161 ? -58.372 -7.924  -22.629 1.00 11.60 ? 353  ASN A N   1 
ATOM   1096 C CA  . ASN A 1 161 ? -58.591 -7.226  -23.894 1.00 11.81 ? 353  ASN A CA  1 
ATOM   1097 C C   . ASN A 1 161 ? -59.024 -8.176  -25.000 1.00 10.10 ? 353  ASN A C   1 
ATOM   1098 O O   . ASN A 1 161 ? -59.817 -7.789  -25.865 1.00 10.72 ? 353  ASN A O   1 
ATOM   1099 C CB  . ASN A 1 161 ? -57.329 -6.470  -24.303 1.00 10.31 ? 353  ASN A CB  1 
ATOM   1100 C CG  . ASN A 1 161 ? -57.290 -5.077  -23.730 1.00 10.05 ? 353  ASN A CG  1 
ATOM   1101 O OD1 . ASN A 1 161 ? -58.092 -4.737  -22.862 1.00 11.93 ? 353  ASN A OD1 1 
ATOM   1102 N ND2 . ASN A 1 161 ? -56.354 -4.257  -24.207 1.00 11.52 ? 353  ASN A ND2 1 
ATOM   1103 N N   . GLU A 1 162 ? -58.519 -9.412  -24.999 1.00 13.32 ? 354  GLU A N   1 
ATOM   1104 C CA  . GLU A 1 162 ? -58.999 -10.385 -25.976 1.00 14.80 ? 354  GLU A CA  1 
ATOM   1105 C C   . GLU A 1 162 ? -60.480 -10.669 -25.777 1.00 12.82 ? 354  GLU A C   1 
ATOM   1106 O O   . GLU A 1 162 ? -61.231 -10.811 -26.750 1.00 10.95 ? 354  GLU A O   1 
ATOM   1107 C CB  . GLU A 1 162 ? -58.191 -11.677 -25.887 1.00 12.74 ? 354  GLU A CB  1 
ATOM   1108 C CG  . GLU A 1 162 ? -56.731 -11.509 -26.253 1.00 20.02 ? 354  GLU A CG  1 
ATOM   1109 C CD  . GLU A 1 162 ? -56.094 -12.806 -26.698 1.00 22.28 ? 354  GLU A CD  1 
ATOM   1110 O OE1 . GLU A 1 162 ? -55.341 -12.774 -27.692 1.00 20.79 ? 354  GLU A OE1 1 
ATOM   1111 O OE2 . GLU A 1 162 ? -56.361 -13.854 -26.071 1.00 20.87 ? 354  GLU A OE2 1 
ATOM   1112 N N   . ARG A 1 163 ? -60.920 -10.751 -24.522 1.00 11.50 ? 355  ARG A N   1 
ATOM   1113 C CA  . ARG A 1 163 ? -62.342 -10.939 -24.261 1.00 13.91 ? 355  ARG A CA  1 
ATOM   1114 C C   . ARG A 1 163 ? -63.137 -9.689  -24.612 1.00 12.79 ? 355  ARG A C   1 
ATOM   1115 O O   . ARG A 1 163 ? -64.223 -9.787  -25.195 1.00 12.47 ? 355  ARG A O   1 
ATOM   1116 C CB  . ARG A 1 163 ? -62.561 -11.320 -22.799 1.00 16.06 ? 355  ARG A CB  1 
ATOM   1117 C CG  . ARG A 1 163 ? -64.022 -11.496 -22.431 1.00 15.81 ? 355  ARG A CG  1 
ATOM   1118 C CD  . ARG A 1 163 ? -64.169 -12.472 -21.278 1.00 23.49 ? 355  ARG A CD  1 
ATOM   1119 N NE  . ARG A 1 163 ? -63.332 -12.087 -20.145 1.00 28.52 ? 355  ARG A NE  1 
ATOM   1120 C CZ  . ARG A 1 163 ? -63.483 -10.974 -19.432 1.00 27.73 ? 355  ARG A CZ  1 
ATOM   1121 N NH1 . ARG A 1 163 ? -64.463 -10.120 -19.707 1.00 26.17 ? 355  ARG A NH1 1 
ATOM   1122 N NH2 . ARG A 1 163 ? -62.657 -10.721 -18.426 1.00 30.27 ? 355  ARG A NH2 1 
ATOM   1123 N N   . TYR A 1 164 ? -62.612 -8.508  -24.263 1.00 11.19 ? 356  TYR A N   1 
ATOM   1124 C CA  . TYR A 1 164 ? -63.291 -7.265  -24.617 1.00 10.28 ? 356  TYR A CA  1 
ATOM   1125 C C   . TYR A 1 164 ? -63.489 -7.161  -26.121 1.00 12.67 ? 356  TYR A C   1 
ATOM   1126 O O   . TYR A 1 164 ? -64.545 -6.715  -26.587 1.00 10.59 ? 356  TYR A O   1 
ATOM   1127 C CB  . TYR A 1 164 ? -62.503 -6.053  -24.116 1.00 11.01 ? 356  TYR A CB  1 
ATOM   1128 C CG  . TYR A 1 164 ? -62.348 -5.957  -22.617 1.00 15.32 ? 356  TYR A CG  1 
ATOM   1129 C CD1 . TYR A 1 164 ? -63.203 -6.639  -21.758 1.00 18.81 ? 356  TYR A CD1 1 
ATOM   1130 C CD2 . TYR A 1 164 ? -61.350 -5.167  -22.062 1.00 11.28 ? 356  TYR A CD2 1 
ATOM   1131 C CE1 . TYR A 1 164 ? -63.056 -6.544  -20.382 1.00 19.44 ? 356  TYR A CE1 1 
ATOM   1132 C CE2 . TYR A 1 164 ? -61.195 -5.065  -20.697 1.00 13.81 ? 356  TYR A CE2 1 
ATOM   1133 C CZ  . TYR A 1 164 ? -62.048 -5.752  -19.861 1.00 16.60 ? 356  TYR A CZ  1 
ATOM   1134 O OH  . TYR A 1 164 ? -61.884 -5.641  -18.498 1.00 19.81 ? 356  TYR A OH  1 
ATOM   1135 N N   . ARG A 1 165 ? -62.482 -7.564  -26.900 1.00 11.80 ? 357  ARG A N   1 
ATOM   1136 C CA  . ARG A 1 165 ? -62.629 -7.529  -28.349 1.00 12.97 ? 357  ARG A CA  1 
ATOM   1137 C C   . ARG A 1 165 ? -63.766 -8.436  -28.797 1.00 11.53 ? 357  ARG A C   1 
ATOM   1138 O O   . ARG A 1 165 ? -64.616 -8.028  -29.596 1.00 14.34 ? 357  ARG A O   1 
ATOM   1139 C CB  . ARG A 1 165 ? -61.324 -7.931  -29.035 1.00 14.88 ? 357  ARG A CB  1 
ATOM   1140 C CG  . ARG A 1 165 ? -61.466 -8.055  -30.545 1.00 16.48 ? 357  ARG A CG  1 
ATOM   1141 C CD  . ARG A 1 165 ? -60.124 -8.281  -31.221 1.00 20.22 ? 357  ARG A CD  1 
ATOM   1142 N NE  . ARG A 1 165 ? -59.493 -9.509  -30.758 1.00 21.86 ? 357  ARG A NE  1 
ATOM   1143 C CZ  . ARG A 1 165 ? -58.180 -9.666  -30.615 1.00 24.72 ? 357  ARG A CZ  1 
ATOM   1144 N NH1 . ARG A 1 165 ? -57.356 -8.669  -30.906 1.00 16.15 ? 357  ARG A NH1 1 
ATOM   1145 N NH2 . ARG A 1 165 ? -57.696 -10.823 -30.185 1.00 17.18 ? 357  ARG A NH2 1 
ATOM   1146 N N   . LYS A 1 166 ? -63.815 -9.664  -28.273 1.00 12.15 ? 358  LYS A N   1 
ATOM   1147 C CA  . LYS A 1 166 ? -64.883 -10.578 -28.668 1.00 14.25 ? 358  LYS A CA  1 
ATOM   1148 C C   . LYS A 1 166 ? -66.243 -10.082 -28.188 1.00 15.81 ? 358  LYS A C   1 
ATOM   1149 O O   . LYS A 1 166 ? -67.250 -10.248 -28.888 1.00 14.73 ? 358  LYS A O   1 
ATOM   1150 C CB  . LYS A 1 166 ? -64.593 -11.990 -28.149 1.00 15.77 ? 358  LYS A CB  1 
ATOM   1151 C CG  . LYS A 1 166 ? -65.668 -13.002 -28.535 1.00 29.81 ? 358  LYS A CG  1 
ATOM   1152 C CD  . LYS A 1 166 ? -65.349 -14.407 -28.072 1.00 48.48 ? 358  LYS A CD  1 
ATOM   1153 C CE  . LYS A 1 166 ? -64.820 -15.229 -29.249 1.00 53.58 ? 358  LYS A CE  1 
ATOM   1154 N NZ  . LYS A 1 166 ? -63.955 -16.353 -28.809 1.00 52.77 ? 358  LYS A NZ  1 
ATOM   1155 N N   . GLU A 1 167 ? -66.296 -9.459  -27.006 1.00 12.82 ? 359  GLU A N   1 
ATOM   1156 C CA  . GLU A 1 167 ? -67.562 -8.901  -26.534 1.00 13.54 ? 359  GLU A CA  1 
ATOM   1157 C C   . GLU A 1 167 ? -68.017 -7.734  -27.407 1.00 14.43 ? 359  GLU A C   1 
ATOM   1158 O O   . GLU A 1 167 ? -69.206 -7.627  -27.732 1.00 15.35 ? 359  GLU A O   1 
ATOM   1159 C CB  . GLU A 1 167 ? -67.443 -8.485  -25.064 1.00 11.39 ? 359  GLU A CB  1 
ATOM   1160 C CG  . GLU A 1 167 ? -67.251 -9.669  -24.118 1.00 9.37  ? 359  GLU A CG  1 
ATOM   1161 C CD  . GLU A 1 167 ? -66.829 -9.260  -22.724 1.00 14.92 ? 359  GLU A CD  1 
ATOM   1162 O OE1 . GLU A 1 167 ? -66.420 -8.096  -22.544 1.00 14.07 ? 359  GLU A OE1 1 
ATOM   1163 O OE2 . GLU A 1 167 ? -66.888 -10.112 -21.812 1.00 16.06 ? 359  GLU A OE2 1 
ATOM   1164 N N   . MET A 1 168 ? -67.089 -6.863  -27.817 1.00 11.02 ? 360  MET A N   1 
ATOM   1165 C CA  . MET A 1 168 ? -67.449 -5.770  -28.720 1.00 12.28 ? 360  MET A CA  1 
ATOM   1166 C C   . MET A 1 168 ? -67.884 -6.293  -30.084 1.00 13.70 ? 360  MET A C   1 
ATOM   1167 O O   . MET A 1 168 ? -68.819 -5.754  -30.689 1.00 12.49 ? 360  MET A O   1 
ATOM   1168 C CB  . MET A 1 168 ? -66.281 -4.797  -28.873 1.00 13.00 ? 360  MET A CB  1 
ATOM   1169 C CG  . MET A 1 168 ? -65.899 -4.091  -27.587 1.00 10.81 ? 360  MET A CG  1 
ATOM   1170 S SD  . MET A 1 168 ? -64.528 -2.925  -27.727 1.00 18.29 ? 360  MET A SD  1 
ATOM   1171 C CE  . MET A 1 168 ? -65.239 -1.674  -28.794 1.00 18.13 ? 360  MET A CE  1 
ATOM   1172 N N   . GLU A 1 169 ? -67.212 -7.329  -30.596 1.00 15.83 ? 361  GLU A N   1 
ATOM   1173 C CA  . GLU A 1 169 ? -67.633 -7.918  -31.866 1.00 17.52 ? 361  GLU A CA  1 
ATOM   1174 C C   . GLU A 1 169 ? -69.038 -8.504  -31.766 1.00 16.43 ? 361  GLU A C   1 
ATOM   1175 O O   . GLU A 1 169 ? -69.815 -8.440  -32.727 1.00 15.13 ? 361  GLU A O   1 
ATOM   1176 C CB  . GLU A 1 169 ? -66.630 -8.984  -32.318 1.00 22.19 ? 361  GLU A CB  1 
ATOM   1177 C CG  . GLU A 1 169 ? -65.211 -8.457  -32.509 1.00 26.34 ? 361  GLU A CG  1 
ATOM   1178 C CD  . GLU A 1 169 ? -64.224 -9.536  -32.921 1.00 28.76 ? 361  GLU A CD  1 
ATOM   1179 O OE1 . GLU A 1 169 ? -63.230 -9.210  -33.603 1.00 34.43 ? 361  GLU A OE1 1 
ATOM   1180 O OE2 . GLU A 1 169 ? -64.441 -10.710 -32.556 1.00 35.33 ? 361  GLU A OE2 1 
ATOM   1181 N N   . GLN A 1 170 ? -69.388 -9.063  -30.607 1.00 13.38 ? 362  GLN A N   1 
ATOM   1182 C CA  . GLN A 1 170 ? -70.741 -9.579  -30.422 1.00 18.62 ? 362  GLN A CA  1 
ATOM   1183 C C   . GLN A 1 170 ? -71.768 -8.454  -30.426 1.00 20.15 ? 362  GLN A C   1 
ATOM   1184 O O   . GLN A 1 170 ? -72.849 -8.595  -31.010 1.00 16.18 ? 362  GLN A O   1 
ATOM   1185 C CB  . GLN A 1 170 ? -70.816 -10.387 -29.126 1.00 16.18 ? 362  GLN A CB  1 
ATOM   1186 C CG  . GLN A 1 170 ? -70.107 -11.733 -29.213 1.00 30.67 ? 362  GLN A CG  1 
ATOM   1187 C CD  . GLN A 1 170 ? -69.820 -12.341 -27.854 1.00 34.84 ? 362  GLN A CD  1 
ATOM   1188 O OE1 . GLN A 1 170 ? -70.186 -11.784 -26.819 1.00 36.81 ? 362  GLN A OE1 1 
ATOM   1189 N NE2 . GLN A 1 170 ? -69.159 -13.494 -27.852 1.00 34.00 ? 362  GLN A NE2 1 
ATOM   1190 N N   . ILE A 1 171 ? -71.451 -7.325  -29.787 1.00 13.93 ? 363  ILE A N   1 
ATOM   1191 C CA  . ILE A 1 171 ? -72.361 -6.182  -29.809 1.00 14.87 ? 363  ILE A CA  1 
ATOM   1192 C C   . ILE A 1 171 ? -72.462 -5.614  -31.218 1.00 10.88 ? 363  ILE A C   1 
ATOM   1193 O O   . ILE A 1 171 ? -73.539 -5.194  -31.658 1.00 16.78 ? 363  ILE A O   1 
ATOM   1194 C CB  . ILE A 1 171 ? -71.905 -5.114  -28.797 1.00 17.55 ? 363  ILE A CB  1 
ATOM   1195 C CG1 . ILE A 1 171 ? -71.884 -5.690  -27.381 1.00 22.83 ? 363  ILE A CG1 1 
ATOM   1196 C CG2 . ILE A 1 171 ? -72.826 -3.890  -28.855 1.00 15.31 ? 363  ILE A CG2 1 
ATOM   1197 C CD1 . ILE A 1 171 ? -70.939 -4.967  -26.448 1.00 24.86 ? 363  ILE A CD1 1 
ATOM   1198 N N   . VAL A 1 172 ? -71.347 -5.611  -31.956 1.00 13.69 ? 364  VAL A N   1 
ATOM   1199 C CA  . VAL A 1 172 ? -71.352 -5.104  -33.326 1.00 15.06 ? 364  VAL A CA  1 
ATOM   1200 C C   . VAL A 1 172 ? -72.269 -5.947  -34.208 1.00 19.80 ? 364  VAL A C   1 
ATOM   1201 O O   . VAL A 1 172 ? -72.941 -5.427  -35.108 1.00 17.49 ? 364  VAL A O   1 
ATOM   1202 C CB  . VAL A 1 172 ? -69.913 -5.051  -33.873 1.00 18.97 ? 364  VAL A CB  1 
ATOM   1203 C CG1 . VAL A 1 172 ? -69.908 -4.982  -35.393 1.00 24.28 ? 364  VAL A CG1 1 
ATOM   1204 C CG2 . VAL A 1 172 ? -69.174 -3.857  -33.280 1.00 21.18 ? 364  VAL A CG2 1 
ATOM   1205 N N   . GLU A 1 173 ? -72.316 -7.259  -33.958 1.00 18.13 ? 365  GLU A N   1 
ATOM   1206 C CA  . GLU A 1 173 ? -73.272 -8.115  -34.656 1.00 21.55 ? 365  GLU A CA  1 
ATOM   1207 C C   . GLU A 1 173 ? -74.703 -7.643  -34.425 1.00 24.48 ? 365  GLU A C   1 
ATOM   1208 O O   . GLU A 1 173 ? -75.518 -7.624  -35.358 1.00 21.51 ? 365  GLU A O   1 
ATOM   1209 C CB  . GLU A 1 173 ? -73.103 -9.565  -34.198 1.00 24.35 ? 365  GLU A CB  1 
ATOM   1210 C CG  . GLU A 1 173 ? -71.819 -10.222 -34.684 1.00 26.99 ? 365  GLU A CG  1 
ATOM   1211 C CD  . GLU A 1 173 ? -71.701 -11.669 -34.245 1.00 41.23 ? 365  GLU A CD  1 
ATOM   1212 O OE1 . GLU A 1 173 ? -70.562 -12.137 -34.024 1.00 47.75 ? 365  GLU A OE1 1 
ATOM   1213 O OE2 . GLU A 1 173 ? -72.748 -12.338 -34.116 1.00 46.16 ? 365  GLU A OE2 1 
ATOM   1214 N N   . GLU A 1 174 ? -75.030 -7.259  -33.188 1.00 17.22 ? 366  GLU A N   1 
ATOM   1215 C CA  . GLU A 1 174 ? -76.348 -6.700  -32.907 1.00 20.39 ? 366  GLU A CA  1 
ATOM   1216 C C   . GLU A 1 174 ? -76.511 -5.329  -33.553 1.00 20.38 ? 366  GLU A C   1 
ATOM   1217 O O   . GLU A 1 174 ? -77.591 -4.995  -34.054 1.00 19.93 ? 366  GLU A O   1 
ATOM   1218 C CB  . GLU A 1 174 ? -76.566 -6.603  -31.398 1.00 18.97 ? 366  GLU A CB  1 
ATOM   1219 C CG  . GLU A 1 174 ? -76.820 -7.932  -30.713 1.00 28.44 ? 366  GLU A CG  1 
ATOM   1220 C CD  . GLU A 1 174 ? -76.850 -7.806  -29.203 1.00 46.61 ? 366  GLU A CD  1 
ATOM   1221 O OE1 . GLU A 1 174 ? -76.906 -8.850  -28.519 1.00 56.45 ? 366  GLU A OE1 1 
ATOM   1222 O OE2 . GLU A 1 174 ? -76.821 -6.661  -28.701 1.00 49.09 ? 366  GLU A OE2 1 
ATOM   1223 N N   . GLU A 1 175 ? -75.447 -4.523  -33.539 1.00 15.13 ? 367  GLU A N   1 
ATOM   1224 C CA  . GLU A 1 175 ? -75.467 -3.220  -34.197 1.00 13.50 ? 367  GLU A CA  1 
ATOM   1225 C C   . GLU A 1 175 ? -75.775 -3.339  -35.684 1.00 19.82 ? 367  GLU A C   1 
ATOM   1226 O O   . GLU A 1 175 ? -76.439 -2.463  -36.255 1.00 18.88 ? 367  GLU A O   1 
ATOM   1227 C CB  . GLU A 1 175 ? -74.118 -2.527  -33.991 1.00 15.51 ? 367  GLU A CB  1 
ATOM   1228 C CG  . GLU A 1 175 ? -74.038 -1.098  -34.495 1.00 14.48 ? 367  GLU A CG  1 
ATOM   1229 C CD  . GLU A 1 175 ? -74.756 -0.103  -33.603 1.00 18.78 ? 367  GLU A CD  1 
ATOM   1230 O OE1 . GLU A 1 175 ? -75.225 -0.483  -32.507 1.00 16.86 ? 367  GLU A OE1 1 
ATOM   1231 O OE2 . GLU A 1 175 ? -74.833 1.074   -34.001 1.00 17.29 ? 367  GLU A OE2 1 
ATOM   1232 N N   . GLU A 1 176 ? -75.312 -4.409  -36.326 1.00 18.71 ? 368  GLU A N   1 
ATOM   1233 C CA  . GLU A 1 176 ? -75.441 -4.578  -37.767 1.00 24.99 ? 368  GLU A CA  1 
ATOM   1234 C C   . GLU A 1 176 ? -76.748 -5.249  -38.171 1.00 24.25 ? 368  GLU A C   1 
ATOM   1235 O O   . GLU A 1 176 ? -76.876 -5.691  -39.318 1.00 26.73 ? 368  GLU A O   1 
ATOM   1236 C CB  . GLU A 1 176 ? -74.247 -5.368  -38.304 1.00 22.47 ? 368  GLU A CB  1 
ATOM   1237 C CG  . GLU A 1 176 ? -72.970 -4.544  -38.372 1.00 24.73 ? 368  GLU A CG  1 
ATOM   1238 C CD  . GLU A 1 176 ? -71.966 -5.095  -39.361 1.00 36.61 ? 368  GLU A CD  1 
ATOM   1239 O OE1 . GLU A 1 176 ? -71.404 -6.177  -39.092 1.00 36.98 ? 368  GLU A OE1 1 
ATOM   1240 O OE2 . GLU A 1 176 ? -71.743 -4.448  -40.406 1.00 41.62 ? 368  GLU A OE2 1 
ATOM   1241 N N   . LYS A 1 177 ? -77.712 -5.344  -37.260 1.00 22.92 ? 369  LYS A N   1 
ATOM   1242 C CA  . LYS A 1 177 ? -79.078 -5.709  -37.615 1.00 25.13 ? 369  LYS A CA  1 
ATOM   1243 C C   . LYS A 1 177 ? -79.846 -4.420  -37.875 1.00 27.73 ? 369  LYS A C   1 
ATOM   1244 O O   . LYS A 1 177 ? -80.059 -3.617  -36.959 1.00 26.95 ? 369  LYS A O   1 
ATOM   1245 C CB  . LYS A 1 177 ? -79.727 -6.544  -36.515 1.00 27.61 ? 369  LYS A CB  1 
ATOM   1246 C CG  . LYS A 1 177 ? -78.876 -7.722  -36.081 1.00 31.57 ? 369  LYS A CG  1 
ATOM   1247 C CD  . LYS A 1 177 ? -79.577 -8.562  -35.035 1.00 40.97 ? 369  LYS A CD  1 
ATOM   1248 C CE  . LYS A 1 177 ? -79.229 -10.028 -35.222 1.00 49.90 ? 369  LYS A CE  1 
ATOM   1249 N NZ  . LYS A 1 177 ? -79.357 -10.427 -36.652 1.00 55.44 ? 369  LYS A NZ  1 
ATOM   1250 N N   . PHE A 1 178 ? -80.240 -4.212  -39.125 1.00 21.26 ? 370  PHE A N   1 
ATOM   1251 C CA  . PHE A 1 178 ? -80.847 -2.951  -39.531 1.00 24.05 ? 370  PHE A CA  1 
ATOM   1252 C C   . PHE A 1 178 ? -82.362 -3.064  -39.643 1.00 28.38 ? 370  PHE A C   1 
ATOM   1253 O O   . PHE A 1 178 ? -82.911 -4.157  -39.784 1.00 28.59 ? 370  PHE A O   1 
ATOM   1254 C CB  . PHE A 1 178 ? -80.240 -2.488  -40.854 1.00 24.81 ? 370  PHE A CB  1 
ATOM   1255 C CG  . PHE A 1 178 ? -78.754 -2.277  -40.790 1.00 22.48 ? 370  PHE A CG  1 
ATOM   1256 C CD1 . PHE A 1 178 ? -78.222 -1.199  -40.099 1.00 21.73 ? 370  PHE A CD1 1 
ATOM   1257 C CD2 . PHE A 1 178 ? -77.888 -3.168  -41.400 1.00 26.28 ? 370  PHE A CD2 1 
ATOM   1258 C CE1 . PHE A 1 178 ? -76.853 -1.006  -40.033 1.00 17.38 ? 370  PHE A CE1 1 
ATOM   1259 C CE2 . PHE A 1 178 ? -76.519 -2.982  -41.336 1.00 23.50 ? 370  PHE A CE2 1 
ATOM   1260 C CZ  . PHE A 1 178 ? -76.002 -1.899  -40.651 1.00 19.95 ? 370  PHE A CZ  1 
ATOM   1261 O OXT . PHE A 1 178 ? -83.072 -2.059  -39.583 1.00 31.91 ? 370  PHE A OXT 1 
ATOM   1262 N N   . GLY B 2 12  ? 21.065  -4.722  21.610  1.00 46.59 ? 1302 GLY B N   1 
ATOM   1263 C CA  . GLY B 2 12  ? 21.651  -3.619  20.871  1.00 42.04 ? 1302 GLY B CA  1 
ATOM   1264 C C   . GLY B 2 12  ? 22.660  -4.069  19.834  1.00 44.13 ? 1302 GLY B C   1 
ATOM   1265 O O   . GLY B 2 12  ? 23.294  -5.114  19.985  1.00 40.79 ? 1302 GLY B O   1 
ATOM   1266 N N   . LEU B 2 13  ? 22.812  -3.279  18.777  1.00 31.89 ? 1303 LEU B N   1 
ATOM   1267 C CA  . LEU B 2 13  ? 23.736  -3.587  17.696  1.00 31.04 ? 1303 LEU B CA  1 
ATOM   1268 C C   . LEU B 2 13  ? 25.051  -2.842  17.893  1.00 20.80 ? 1303 LEU B C   1 
ATOM   1269 O O   . LEU B 2 13  ? 25.097  -1.786  18.528  1.00 27.56 ? 1303 LEU B O   1 
ATOM   1270 C CB  . LEU B 2 13  ? 23.126  -3.221  16.340  1.00 27.28 ? 1303 LEU B CB  1 
ATOM   1271 C CG  . LEU B 2 13  ? 21.864  -3.987  15.932  1.00 28.54 ? 1303 LEU B CG  1 
ATOM   1272 C CD1 . LEU B 2 13  ? 21.380  -3.542  14.557  1.00 31.58 ? 1303 LEU B CD1 1 
ATOM   1273 C CD2 . LEU B 2 13  ? 22.098  -5.492  15.968  1.00 28.72 ? 1303 LEU B CD2 1 
ATOM   1274 N N   . ASP B 2 14  ? 26.123  -3.413  17.350  1.00 27.92 ? 1304 ASP B N   1 
ATOM   1275 C CA  . ASP B 2 14  ? 27.420  -2.747  17.364  1.00 24.53 ? 1304 ASP B CA  1 
ATOM   1276 C C   . ASP B 2 14  ? 27.341  -1.446  16.572  1.00 21.08 ? 1304 ASP B C   1 
ATOM   1277 O O   . ASP B 2 14  ? 27.057  -1.460  15.371  1.00 22.38 ? 1304 ASP B O   1 
ATOM   1278 C CB  . ASP B 2 14  ? 28.487  -3.671  16.776  1.00 23.17 ? 1304 ASP B CB  1 
ATOM   1279 C CG  . ASP B 2 14  ? 29.885  -3.317  17.238  1.00 42.84 ? 1304 ASP B CG  1 
ATOM   1280 O OD1 . ASP B 2 14  ? 30.017  -2.464  18.142  1.00 45.31 ? 1304 ASP B OD1 1 
ATOM   1281 O OD2 . ASP B 2 14  ? 30.853  -3.892  16.698  1.00 55.09 ? 1304 ASP B OD2 1 
ATOM   1282 N N   . THR B 2 15  ? 27.597  -0.323  17.244  1.00 19.37 ? 1305 THR B N   1 
ATOM   1283 C CA  . THR B 2 15  ? 27.294  0.991   16.696  1.00 14.93 ? 1305 THR B CA  1 
ATOM   1284 C C   . THR B 2 15  ? 28.466  1.939   16.906  1.00 22.45 ? 1305 THR B C   1 
ATOM   1285 O O   . THR B 2 15  ? 29.132  1.893   17.945  1.00 22.58 ? 1305 THR B O   1 
ATOM   1286 C CB  . THR B 2 15  ? 26.027  1.566   17.353  1.00 20.56 ? 1305 THR B CB  1 
ATOM   1287 O OG1 . THR B 2 15  ? 24.927  0.684   17.112  1.00 17.26 ? 1305 THR B OG1 1 
ATOM   1288 C CG2 . THR B 2 15  ? 25.691  2.949   16.795  1.00 16.10 ? 1305 THR B CG2 1 
ATOM   1289 N N   . THR B 2 16  ? 28.711  2.795   15.915  1.00 15.78 ? 1306 THR B N   1 
ATOM   1290 C CA  . THR B 2 16  ? 29.744  3.821   15.989  1.00 17.42 ? 1306 THR B CA  1 
ATOM   1291 C C   . THR B 2 16  ? 29.186  5.134   15.463  1.00 23.32 ? 1306 THR B C   1 
ATOM   1292 O O   . THR B 2 16  ? 28.616  5.169   14.369  1.00 18.19 ? 1306 THR B O   1 
ATOM   1293 C CB  . THR B 2 16  ? 30.985  3.422   15.176  1.00 18.35 ? 1306 THR B CB  1 
ATOM   1294 O OG1 . THR B 2 16  ? 31.473  2.152   15.628  1.00 20.98 ? 1306 THR B OG1 1 
ATOM   1295 C CG2 . THR B 2 16  ? 32.080  4.465   15.319  1.00 22.36 ? 1306 THR B CG2 1 
ATOM   1296 N N   . ASP B 2 17  ? 29.354  6.208   16.235  1.00 18.26 ? 1307 ASP B N   1 
ATOM   1297 C CA  . ASP B 2 17  ? 28.952  7.536   15.787  1.00 20.02 ? 1307 ASP B CA  1 
ATOM   1298 C C   . ASP B 2 17  ? 30.050  8.154   14.931  1.00 20.62 ? 1307 ASP B C   1 
ATOM   1299 O O   . ASP B 2 17  ? 31.228  8.130   15.302  1.00 26.24 ? 1307 ASP B O   1 
ATOM   1300 C CB  . ASP B 2 17  ? 28.642  8.443   16.979  1.00 26.03 ? 1307 ASP B CB  1 
ATOM   1301 C CG  . ASP B 2 17  ? 27.613  7.846   17.916  1.00 24.46 ? 1307 ASP B CG  1 
ATOM   1302 O OD1 . ASP B 2 17  ? 27.647  8.172   19.122  1.00 35.69 ? 1307 ASP B OD1 1 
ATOM   1303 O OD2 . ASP B 2 17  ? 26.769  7.053   17.451  1.00 23.90 ? 1307 ASP B OD2 1 
ATOM   1304 N N   . LEU B 2 18  ? 29.663  8.712   13.790  1.00 18.03 ? 1308 LEU B N   1 
ATOM   1305 C CA  . LEU B 2 18  ? 30.625  9.285   12.855  1.00 25.72 ? 1308 LEU B CA  1 
ATOM   1306 C C   . LEU B 2 18  ? 30.464  10.795  12.736  1.00 30.65 ? 1308 LEU B C   1 
ATOM   1307 O O   . LEU B 2 18  ? 29.464  11.368  13.170  1.00 29.89 ? 1308 LEU B O   1 
ATOM   1308 C CB  . LEU B 2 18  ? 30.481  8.637   11.479  1.00 23.34 ? 1308 LEU B CB  1 
ATOM   1309 C CG  . LEU B 2 18  ? 30.477  7.108   11.444  1.00 20.30 ? 1308 LEU B CG  1 
ATOM   1310 C CD1 . LEU B 2 18  ? 30.044  6.615   10.076  1.00 26.89 ? 1308 LEU B CD1 1 
ATOM   1311 C CD2 . LEU B 2 18  ? 31.846  6.553   11.808  1.00 26.02 ? 1308 LEU B CD2 1 
ATOM   1312 O OXT . LEU B 2 18  ? 31.335  11.478  12.192  1.00 26.55 ? 1308 LEU B OXT 1 
HETATM 1313 C C1  . GOL C 3 .   ? 8.043   -3.380  9.160   1.00 39.36 ? 401  GOL A C1  1 
HETATM 1314 O O1  . GOL C 3 .   ? 7.916   -4.044  10.379  1.00 36.00 ? 401  GOL A O1  1 
HETATM 1315 C C2  . GOL C 3 .   ? 8.776   -4.347  8.199   1.00 44.40 ? 401  GOL A C2  1 
HETATM 1316 O O2  . GOL C 3 .   ? 8.080   -5.534  8.028   1.00 50.78 ? 401  GOL A O2  1 
HETATM 1317 C C3  . GOL C 3 .   ? 8.922   -3.558  6.877   1.00 50.57 ? 401  GOL A C3  1 
HETATM 1318 O O3  . GOL C 3 .   ? 9.716   -2.452  7.158   1.00 39.41 ? 401  GOL A O3  1 
HETATM 1319 C C1  . GOL D 3 .   ? 23.495  8.602   18.628  1.00 34.44 ? 1401 GOL B C1  1 
HETATM 1320 O O1  . GOL D 3 .   ? 23.001  7.836   19.683  1.00 35.39 ? 1401 GOL B O1  1 
HETATM 1321 C C2  . GOL D 3 .   ? 24.214  9.817   19.254  1.00 37.41 ? 1401 GOL B C2  1 
HETATM 1322 O O2  . GOL D 3 .   ? 25.348  9.443   19.959  1.00 31.83 ? 1401 GOL B O2  1 
HETATM 1323 C C3  . GOL D 3 .   ? 24.553  10.736  18.063  1.00 32.26 ? 1401 GOL B C3  1 
HETATM 1324 O O3  . GOL D 3 .   ? 23.477  10.677  17.176  1.00 24.02 ? 1401 GOL B O3  1 
HETATM 1325 O O   . HOH E 4 .   ? 37.300  -5.919  7.285   1.00 44.76 ? 501  HOH A O   1 
HETATM 1326 O O   . HOH E 4 .   ? -4.796  1.661   7.694   1.00 37.06 ? 502  HOH A O   1 
HETATM 1327 O O   . HOH E 4 .   ? -62.867 -8.612  -17.552 1.00 26.76 ? 503  HOH A O   1 
HETATM 1328 O O   . HOH E 4 .   ? 12.291  -5.331  15.054  1.00 43.85 ? 504  HOH A O   1 
HETATM 1329 O O   . HOH E 4 .   ? -65.468 -8.304  -18.647 1.00 29.89 ? 505  HOH A O   1 
HETATM 1330 O O   . HOH E 4 .   ? 29.487  -7.236  -3.611  1.00 37.98 ? 506  HOH A O   1 
HETATM 1331 O O   . HOH E 4 .   ? 29.701  4.627   -3.340  1.00 25.34 ? 507  HOH A O   1 
HETATM 1332 O O   . HOH E 4 .   ? 10.982  -4.163  16.899  1.00 29.43 ? 508  HOH A O   1 
HETATM 1333 O O   . HOH E 4 .   ? 35.829  11.124  6.684   1.00 30.22 ? 509  HOH A O   1 
HETATM 1334 O O   . HOH E 4 .   ? -60.342 -11.737 -28.891 1.00 20.17 ? 510  HOH A O   1 
HETATM 1335 O O   . HOH E 4 .   ? -30.457 -12.878 -8.751  1.00 26.42 ? 511  HOH A O   1 
HETATM 1336 O O   . HOH E 4 .   ? 37.703  1.134   13.302  1.00 35.93 ? 512  HOH A O   1 
HETATM 1337 O O   . HOH E 4 .   ? 21.144  -8.143  4.928   1.00 31.65 ? 513  HOH A O   1 
HETATM 1338 O O   . HOH E 4 .   ? 6.984   2.991   19.529  1.00 22.67 ? 514  HOH A O   1 
HETATM 1339 O O   . HOH E 4 .   ? -60.663 -12.310 -18.825 1.00 36.27 ? 515  HOH A O   1 
HETATM 1340 O O   . HOH E 4 .   ? -15.339 0.343   -2.385  1.00 33.38 ? 516  HOH A O   1 
HETATM 1341 O O   . HOH E 4 .   ? 25.962  -3.224  4.020   1.00 14.70 ? 517  HOH A O   1 
HETATM 1342 O O   . HOH E 4 .   ? -56.975 -14.755 -23.707 1.00 31.98 ? 518  HOH A O   1 
HETATM 1343 O O   . HOH E 4 .   ? 21.607  18.028  15.321  1.00 26.43 ? 519  HOH A O   1 
HETATM 1344 O O   . HOH E 4 .   ? 17.703  8.012   2.243   1.00 20.41 ? 520  HOH A O   1 
HETATM 1345 O O   . HOH E 4 .   ? 25.298  2.584   -6.522  1.00 35.33 ? 521  HOH A O   1 
HETATM 1346 O O   . HOH E 4 .   ? -59.466 -13.821 -22.853 1.00 20.96 ? 522  HOH A O   1 
HETATM 1347 O O   . HOH E 4 .   ? 12.350  -4.073  5.883   1.00 39.09 ? 523  HOH A O   1 
HETATM 1348 O O   . HOH E 4 .   ? 31.274  20.689  5.834   1.00 43.33 ? 524  HOH A O   1 
HETATM 1349 O O   . HOH E 4 .   ? 38.783  4.472   12.252  1.00 39.71 ? 525  HOH A O   1 
HETATM 1350 O O   . HOH E 4 .   ? -14.104 0.308   -5.975  1.00 32.66 ? 526  HOH A O   1 
HETATM 1351 O O   . HOH E 4 .   ? 32.134  4.800   -4.430  1.00 26.97 ? 527  HOH A O   1 
HETATM 1352 O O   . HOH E 4 .   ? 17.647  3.054   -2.530  1.00 29.96 ? 528  HOH A O   1 
HETATM 1353 O O   . HOH E 4 .   ? -80.072 -3.465  -34.311 1.00 30.64 ? 529  HOH A O   1 
HETATM 1354 O O   . HOH E 4 .   ? 7.589   -7.705  9.480   1.00 30.67 ? 530  HOH A O   1 
HETATM 1355 O O   . HOH E 4 .   ? -25.158 -13.081 1.004   1.00 35.00 ? 531  HOH A O   1 
HETATM 1356 O O   . HOH E 4 .   ? 19.918  -5.948  3.844   1.00 30.31 ? 532  HOH A O   1 
HETATM 1357 O O   . HOH E 4 .   ? -29.836 -10.496 -12.069 1.00 19.00 ? 533  HOH A O   1 
HETATM 1358 O O   . HOH E 4 .   ? -32.151 -14.238 -7.257  1.00 43.82 ? 534  HOH A O   1 
HETATM 1359 O O   . HOH E 4 .   ? 11.828  3.785   16.472  1.00 33.86 ? 535  HOH A O   1 
HETATM 1360 O O   . HOH E 4 .   ? 38.512  6.841   1.062   1.00 26.09 ? 536  HOH A O   1 
HETATM 1361 O O   . HOH E 4 .   ? 6.262   6.152   15.340  1.00 42.57 ? 537  HOH A O   1 
HETATM 1362 O O   . HOH E 4 .   ? -42.119 -16.067 -15.493 1.00 39.86 ? 538  HOH A O   1 
HETATM 1363 O O   . HOH E 4 .   ? -74.400 -10.771 -30.797 1.00 34.70 ? 539  HOH A O   1 
HETATM 1364 O O   . HOH E 4 .   ? -60.079 -4.063  -17.267 1.00 21.40 ? 540  HOH A O   1 
HETATM 1365 O O   . HOH E 4 .   ? 5.081   -4.715  10.436  1.00 18.26 ? 541  HOH A O   1 
HETATM 1366 O O   . HOH E 4 .   ? 21.697  2.766   18.887  1.00 39.08 ? 542  HOH A O   1 
HETATM 1367 O O   . HOH E 4 .   ? 33.389  -1.781  -4.485  1.00 21.63 ? 543  HOH A O   1 
HETATM 1368 O O   . HOH E 4 .   ? -47.351 -13.773 -19.461 1.00 37.95 ? 544  HOH A O   1 
HETATM 1369 O O   . HOH E 4 .   ? -68.655 -8.621  -35.169 1.00 30.99 ? 545  HOH A O   1 
HETATM 1370 O O   . HOH E 4 .   ? 14.632  4.113   6.218   1.00 22.79 ? 546  HOH A O   1 
HETATM 1371 O O   . HOH E 4 .   ? 38.869  10.591  10.145  1.00 45.38 ? 547  HOH A O   1 
HETATM 1372 O O   . HOH E 4 .   ? 18.065  18.134  8.877   1.00 30.49 ? 548  HOH A O   1 
HETATM 1373 O O   . HOH E 4 .   ? -2.144  -5.405  1.323   1.00 29.91 ? 549  HOH A O   1 
HETATM 1374 O O   . HOH E 4 .   ? -19.962 -0.486  0.054   1.00 22.14 ? 550  HOH A O   1 
HETATM 1375 O O   . HOH E 4 .   ? 23.383  -3.944  -3.414  1.00 40.88 ? 551  HOH A O   1 
HETATM 1376 O O   . HOH E 4 .   ? -67.542 -12.678 -22.471 1.00 17.79 ? 552  HOH A O   1 
HETATM 1377 O O   . HOH E 4 .   ? 4.360   2.420   12.930  1.00 26.90 ? 553  HOH A O   1 
HETATM 1378 O O   . HOH E 4 .   ? -35.673 -12.360 -1.573  1.00 28.19 ? 554  HOH A O   1 
HETATM 1379 O O   . HOH E 4 .   ? 25.718  -6.142  15.467  1.00 26.09 ? 555  HOH A O   1 
HETATM 1380 O O   . HOH E 4 .   ? -54.730 -8.577  -25.814 1.00 12.56 ? 556  HOH A O   1 
HETATM 1381 O O   . HOH E 4 .   ? 17.611  4.438   15.728  1.00 25.65 ? 557  HOH A O   1 
HETATM 1382 O O   . HOH E 4 .   ? -8.580  0.544   2.180   1.00 27.49 ? 558  HOH A O   1 
HETATM 1383 O O   . HOH E 4 .   ? 11.926  3.642   6.570   1.00 31.66 ? 559  HOH A O   1 
HETATM 1384 O O   . HOH E 4 .   ? 12.834  -2.614  3.843   1.00 41.66 ? 560  HOH A O   1 
HETATM 1385 O O   . HOH E 4 .   ? -48.485 -1.660  -9.198  1.00 54.03 ? 561  HOH A O   1 
HETATM 1386 O O   . HOH E 4 .   ? -10.861 -1.588  8.186   1.00 39.59 ? 562  HOH A O   1 
HETATM 1387 O O   . HOH E 4 .   ? -26.185 -1.704  -8.906  1.00 15.06 ? 563  HOH A O   1 
HETATM 1388 O O   . HOH E 4 .   ? -38.771 -12.146 -12.762 1.00 16.68 ? 564  HOH A O   1 
HETATM 1389 O O   . HOH E 4 .   ? -21.050 -12.307 0.244   1.00 22.27 ? 565  HOH A O   1 
HETATM 1390 O O   . HOH E 4 .   ? -51.793 -12.963 -14.954 1.00 28.68 ? 566  HOH A O   1 
HETATM 1391 O O   . HOH E 4 .   ? 25.832  -9.984  12.491  1.00 34.06 ? 567  HOH A O   1 
HETATM 1392 O O   . HOH E 4 .   ? -26.937 -1.871  -4.787  1.00 21.34 ? 568  HOH A O   1 
HETATM 1393 O O   . HOH E 4 .   ? 13.923  6.472   9.010   1.00 32.10 ? 569  HOH A O   1 
HETATM 1394 O O   . HOH E 4 .   ? 14.843  5.679   3.989   1.00 27.19 ? 570  HOH A O   1 
HETATM 1395 O O   . HOH E 4 .   ? 13.719  2.798   10.937  1.00 27.46 ? 571  HOH A O   1 
HETATM 1396 O O   . HOH E 4 .   ? 26.269  -7.340  9.978   1.00 24.96 ? 572  HOH A O   1 
HETATM 1397 O O   . HOH E 4 .   ? 5.922   3.731   11.177  1.00 37.54 ? 573  HOH A O   1 
HETATM 1398 O O   . HOH E 4 .   ? 1.239   -0.780  18.164  1.00 29.44 ? 574  HOH A O   1 
HETATM 1399 O O   . HOH E 4 .   ? -53.967 -6.462  -15.063 1.00 18.39 ? 575  HOH A O   1 
HETATM 1400 O O   . HOH E 4 .   ? -29.387 -0.854  -3.498  1.00 33.78 ? 576  HOH A O   1 
HETATM 1401 O O   . HOH E 4 .   ? -36.395 -11.026 -13.849 1.00 18.61 ? 577  HOH A O   1 
HETATM 1402 O O   . HOH E 4 .   ? -2.770  -3.002  2.926   1.00 24.38 ? 578  HOH A O   1 
HETATM 1403 O O   . HOH E 4 .   ? 35.058  15.627  -3.521  1.00 28.13 ? 579  HOH A O   1 
HETATM 1404 O O   . HOH E 4 .   ? 40.552  13.501  2.164   1.00 27.17 ? 580  HOH A O   1 
HETATM 1405 O O   . HOH E 4 .   ? 27.567  17.047  10.134  1.00 31.81 ? 581  HOH A O   1 
HETATM 1406 O O   . HOH E 4 .   ? -24.540 -1.080  1.127   1.00 31.89 ? 582  HOH A O   1 
HETATM 1407 O O   . HOH E 4 .   ? -53.631 -10.689 -26.778 1.00 15.62 ? 583  HOH A O   1 
HETATM 1408 O O   . HOH E 4 .   ? 35.919  -3.617  -2.065  1.00 31.87 ? 584  HOH A O   1 
HETATM 1409 O O   . HOH E 4 .   ? -29.344 -2.084  0.018   1.00 31.43 ? 585  HOH A O   1 
HETATM 1410 O O   . HOH E 4 .   ? -22.390 -9.935  -0.007  1.00 20.53 ? 586  HOH A O   1 
HETATM 1411 O O   . HOH E 4 .   ? 14.903  -8.022  10.296  1.00 32.94 ? 587  HOH A O   1 
HETATM 1412 O O   . HOH E 4 .   ? -1.979  1.086   13.529  1.00 27.08 ? 588  HOH A O   1 
HETATM 1413 O O   . HOH E 4 .   ? -61.827 -17.783 -30.078 1.00 43.96 ? 589  HOH A O   1 
HETATM 1414 O O   . HOH E 4 .   ? -60.603 -11.345 -16.536 1.00 37.79 ? 590  HOH A O   1 
HETATM 1415 O O   . HOH E 4 .   ? 14.608  -1.297  0.913   1.00 44.00 ? 591  HOH A O   1 
HETATM 1416 O O   . HOH E 4 .   ? -25.059 -11.043 -7.937  1.00 16.26 ? 592  HOH A O   1 
HETATM 1417 O O   . HOH E 4 .   ? -32.002 -14.695 -0.862  1.00 37.85 ? 593  HOH A O   1 
HETATM 1418 O O   . HOH E 4 .   ? 41.193  10.535  6.828   1.00 37.54 ? 594  HOH A O   1 
HETATM 1419 O O   . HOH E 4 .   ? -35.545 -1.318  -7.162  1.00 41.17 ? 595  HOH A O   1 
HETATM 1420 O O   . HOH E 4 .   ? -75.141 -9.181  -37.742 1.00 39.35 ? 596  HOH A O   1 
HETATM 1421 O O   . HOH E 4 .   ? 28.833  -5.643  6.189   1.00 37.40 ? 597  HOH A O   1 
HETATM 1422 O O   . HOH E 4 .   ? 16.216  9.323   9.616   1.00 24.51 ? 598  HOH A O   1 
HETATM 1423 O O   . HOH E 4 .   ? -0.593  -6.847  7.931   1.00 13.85 ? 599  HOH A O   1 
HETATM 1424 O O   . HOH E 4 .   ? -61.873 -11.643 -31.590 1.00 30.24 ? 600  HOH A O   1 
HETATM 1425 O O   . HOH E 4 .   ? 40.502  5.788   8.646   1.00 34.03 ? 601  HOH A O   1 
HETATM 1426 O O   . HOH E 4 .   ? 23.942  -11.604 15.322  1.00 38.20 ? 602  HOH A O   1 
HETATM 1427 O O   . HOH E 4 .   ? -10.981 -6.107  12.592  1.00 27.15 ? 603  HOH A O   1 
HETATM 1428 O O   . HOH E 4 .   ? -69.528 -12.956 -24.236 1.00 33.83 ? 604  HOH A O   1 
HETATM 1429 O O   . HOH E 4 .   ? 20.096  -4.850  0.381   1.00 43.63 ? 605  HOH A O   1 
HETATM 1430 O O   . HOH E 4 .   ? -15.168 -0.243  5.073   1.00 31.29 ? 606  HOH A O   1 
HETATM 1431 O O   . HOH E 4 .   ? -76.328 -5.347  -26.134 1.00 40.56 ? 607  HOH A O   1 
HETATM 1432 O O   . HOH E 4 .   ? -71.206 -8.835  -25.958 1.00 30.92 ? 608  HOH A O   1 
HETATM 1433 O O   . HOH E 4 .   ? -24.193 -1.920  -4.433  1.00 21.32 ? 609  HOH A O   1 
HETATM 1434 O O   . HOH E 4 .   ? -84.930 -5.406  -38.046 1.00 39.93 ? 610  HOH A O   1 
HETATM 1435 O O   . HOH E 4 .   ? 7.452   -1.293  21.498  1.00 17.34 ? 611  HOH A O   1 
HETATM 1436 O O   . HOH E 4 .   ? 23.813  -7.300  3.145   1.00 43.07 ? 612  HOH A O   1 
HETATM 1437 O O   . HOH E 4 .   ? 28.918  -5.862  9.825   1.00 26.95 ? 613  HOH A O   1 
HETATM 1438 O O   . HOH E 4 .   ? 1.944   -7.249  7.589   1.00 31.64 ? 614  HOH A O   1 
HETATM 1439 O O   . HOH E 4 .   ? -43.259 -11.707 -7.667  1.00 32.69 ? 615  HOH A O   1 
HETATM 1440 O O   . HOH E 4 .   ? 8.251   5.561   18.488  1.00 45.00 ? 616  HOH A O   1 
HETATM 1441 O O   . HOH E 4 .   ? 17.762  13.217  5.780   1.00 31.86 ? 617  HOH A O   1 
HETATM 1442 O O   . HOH E 4 .   ? 35.059  17.918  -1.593  1.00 42.47 ? 618  HOH A O   1 
HETATM 1443 O O   . HOH E 4 .   ? 34.498  -5.067  13.829  1.00 35.81 ? 619  HOH A O   1 
HETATM 1444 O O   . HOH E 4 .   ? 34.017  10.620  11.193  1.00 30.57 ? 620  HOH A O   1 
HETATM 1445 O O   . HOH E 4 .   ? 15.412  13.129  4.152   1.00 41.16 ? 621  HOH A O   1 
HETATM 1446 O O   . HOH E 4 .   ? 37.976  0.565   -5.100  1.00 31.67 ? 622  HOH A O   1 
HETATM 1447 O O   . HOH E 4 .   ? 10.617  -2.280  21.075  1.00 27.21 ? 623  HOH A O   1 
HETATM 1448 O O   . HOH E 4 .   ? 24.551  14.035  -2.708  1.00 29.64 ? 624  HOH A O   1 
HETATM 1449 O O   . HOH E 4 .   ? -37.887 -6.495  -20.306 1.00 20.05 ? 625  HOH A O   1 
HETATM 1450 O O   . HOH E 4 .   ? -1.232  -1.114  17.082  1.00 30.04 ? 626  HOH A O   1 
HETATM 1451 O O   . HOH E 4 .   ? -46.194 -15.879 -15.478 1.00 41.09 ? 627  HOH A O   1 
HETATM 1452 O O   . HOH E 4 .   ? -57.673 -6.472  -32.997 1.00 23.43 ? 628  HOH A O   1 
HETATM 1453 O O   . HOH E 4 .   ? -46.925 -10.839 -19.790 1.00 27.82 ? 629  HOH A O   1 
HETATM 1454 O O   . HOH E 4 .   ? -42.929 -0.392  -7.892  1.00 42.83 ? 630  HOH A O   1 
HETATM 1455 O O   . HOH E 4 .   ? 0.774   -6.972  4.924   1.00 23.03 ? 631  HOH A O   1 
HETATM 1456 O O   . HOH E 4 .   ? 1.415   -2.408  22.802  1.00 39.23 ? 632  HOH A O   1 
HETATM 1457 O O   . HOH E 4 .   ? 17.790  -4.466  16.234  1.00 38.24 ? 633  HOH A O   1 
HETATM 1458 O O   . HOH E 4 .   ? 31.422  -6.933  12.455  1.00 33.53 ? 634  HOH A O   1 
HETATM 1459 O O   . HOH E 4 .   ? -79.935 -6.843  -40.765 1.00 32.27 ? 635  HOH A O   1 
HETATM 1460 O O   . HOH E 4 .   ? 31.934  22.008  -0.446  1.00 36.01 ? 636  HOH A O   1 
HETATM 1461 O O   . HOH E 4 .   ? -59.078 -6.339  -11.020 1.00 36.31 ? 637  HOH A O   1 
HETATM 1462 O O   . HOH E 4 .   ? 17.290  11.912  8.466   1.00 33.19 ? 638  HOH A O   1 
HETATM 1463 O O   . HOH E 4 .   ? -32.405 -10.362 -11.404 1.00 27.07 ? 639  HOH A O   1 
HETATM 1464 O O   . HOH E 4 .   ? 29.819  2.328   -7.725  1.00 41.95 ? 640  HOH A O   1 
HETATM 1465 O O   . HOH E 4 .   ? 14.921  5.013   14.990  1.00 37.32 ? 641  HOH A O   1 
HETATM 1466 O O   . HOH E 4 .   ? -49.724 -9.143  -10.245 1.00 33.71 ? 642  HOH A O   1 
HETATM 1467 O O   . HOH E 4 .   ? -61.326 -11.736 -34.057 1.00 47.07 ? 643  HOH A O   1 
HETATM 1468 O O   . HOH E 4 .   ? -58.988 -11.090 -15.447 1.00 31.23 ? 644  HOH A O   1 
HETATM 1469 O O   . HOH E 4 .   ? -49.834 -7.218  -8.379  1.00 45.04 ? 645  HOH A O   1 
HETATM 1470 O O   . HOH E 4 .   ? -60.951 -14.266 -20.380 1.00 38.85 ? 646  HOH A O   1 
HETATM 1471 O O   . HOH E 4 .   ? 1.144   0.662   7.372   1.00 33.86 ? 647  HOH A O   1 
HETATM 1472 O O   . HOH E 4 .   ? 40.435  -2.274  12.135  0.50 34.04 ? 648  HOH A O   1 
HETATM 1473 O O   . HOH E 4 .   ? -30.741 -2.648  -2.280  1.00 28.08 ? 649  HOH A O   1 
HETATM 1474 O O   . HOH E 4 .   ? -8.235  -5.230  17.947  1.00 46.84 ? 650  HOH A O   1 
HETATM 1475 O O   . HOH E 4 .   ? -58.805 -16.130 -26.314 1.00 51.46 ? 651  HOH A O   1 
HETATM 1476 O O   . HOH E 4 .   ? 15.250  -10.414 8.766   1.00 35.83 ? 652  HOH A O   1 
HETATM 1477 O O   . HOH E 4 .   ? 11.523  6.766   6.368   1.00 48.31 ? 653  HOH A O   1 
HETATM 1478 O O   . HOH E 4 .   ? 23.462  13.057  -5.364  1.00 48.76 ? 654  HOH A O   1 
HETATM 1479 O O   . HOH E 4 .   ? 39.883  -0.601  13.564  0.50 42.16 ? 655  HOH A O   1 
HETATM 1480 O O   . HOH E 4 .   ? -47.709 0.117   -10.565 1.00 45.94 ? 656  HOH A O   1 
HETATM 1481 O O   . HOH E 4 .   ? -61.389 -14.221 -24.984 1.00 32.47 ? 657  HOH A O   1 
HETATM 1482 O O   . HOH E 4 .   ? -61.027 -15.509 -27.019 1.00 49.28 ? 658  HOH A O   1 
HETATM 1483 O O   . HOH E 4 .   ? 38.786  4.464   -0.120  1.00 31.60 ? 659  HOH A O   1 
HETATM 1484 O O   . HOH E 4 .   ? 3.031   0.040   5.983   1.00 40.40 ? 660  HOH A O   1 
HETATM 1485 O O   . HOH E 4 .   ? 14.199  -4.845  2.524   1.00 41.22 ? 661  HOH A O   1 
HETATM 1486 O O   . HOH E 4 .   ? -33.725 -9.315  -15.651 1.00 23.70 ? 662  HOH A O   1 
HETATM 1487 O O   . HOH E 4 .   ? 29.749  0.556   -8.734  1.00 47.05 ? 663  HOH A O   1 
HETATM 1488 O O   . HOH E 4 .   ? 14.522  -5.958  15.040  1.00 38.77 ? 664  HOH A O   1 
HETATM 1489 O O   . HOH E 4 .   ? -22.748 -0.374  -0.128  1.00 28.17 ? 665  HOH A O   1 
HETATM 1490 O O   . HOH E 4 .   ? -43.846 -1.120  -6.173  1.00 53.46 ? 666  HOH A O   1 
HETATM 1491 O O   . HOH E 4 .   ? -76.336 -7.069  -25.015 1.00 45.30 ? 667  HOH A O   1 
HETATM 1492 O O   . HOH E 4 .   ? -17.976 -0.435  4.538   1.00 30.69 ? 668  HOH A O   1 
HETATM 1493 O O   . HOH E 4 .   ? -26.527 1.427   -2.517  1.00 43.21 ? 669  HOH A O   1 
HETATM 1494 O O   . HOH E 4 .   ? 23.994  4.405   -8.384  1.00 45.10 ? 670  HOH A O   1 
HETATM 1495 O O   . HOH E 4 .   ? -34.364 -9.321  -13.051 1.00 24.26 ? 671  HOH A O   1 
HETATM 1496 O O   . HOH E 4 .   ? 16.703  17.917  4.830   1.00 43.42 ? 672  HOH A O   1 
HETATM 1497 O O   . HOH E 4 .   ? 26.540  16.901  12.794  1.00 29.67 ? 673  HOH A O   1 
HETATM 1498 O O   . HOH E 4 .   ? 10.961  -8.039  7.096   1.00 47.64 ? 674  HOH A O   1 
HETATM 1499 O O   . HOH E 4 .   ? 11.743  4.086   10.014  1.00 44.11 ? 675  HOH A O   1 
HETATM 1500 O O   . HOH E 4 .   ? 28.816  -9.631  -3.324  1.00 47.47 ? 676  HOH A O   1 
HETATM 1501 O O   . HOH E 4 .   ? -23.860 -0.043  -2.443  1.00 31.78 ? 677  HOH A O   1 
HETATM 1502 O O   . HOH E 4 .   ? -83.640 -2.077  -35.401 1.00 41.34 ? 678  HOH A O   1 
HETATM 1503 O O   . HOH E 4 .   ? -53.740 -5.922  -12.457 1.00 31.98 ? 679  HOH A O   1 
HETATM 1504 O O   . HOH E 4 .   ? -28.777 -13.010 -6.454  1.00 38.81 ? 680  HOH A O   1 
HETATM 1505 O O   . HOH E 4 .   ? -58.906 -8.208  -34.933 1.00 38.84 ? 681  HOH A O   1 
HETATM 1506 O O   . HOH E 4 .   ? 41.297  5.628   10.952  1.00 42.71 ? 682  HOH A O   1 
HETATM 1507 O O   . HOH E 4 .   ? 0.722   -2.866  19.593  1.00 33.34 ? 683  HOH A O   1 
HETATM 1508 O O   . HOH E 4 .   ? 8.609   7.953   18.617  1.00 38.11 ? 684  HOH A O   1 
HETATM 1509 O O   . HOH E 4 .   ? 24.470  -5.192  -2.151  1.00 48.53 ? 685  HOH A O   1 
HETATM 1510 O O   . HOH E 4 .   ? 34.296  16.416  18.382  1.00 48.43 ? 686  HOH A O   1 
HETATM 1511 O O   . HOH E 4 .   ? -34.639 0.660   -7.745  1.00 45.93 ? 687  HOH A O   1 
HETATM 1512 O O   . HOH E 4 .   ? 40.820  16.269  1.755   1.00 40.72 ? 688  HOH A O   1 
HETATM 1513 O O   . HOH E 4 .   ? 17.660  4.838   20.061  1.00 38.02 ? 689  HOH A O   1 
HETATM 1514 O O   . HOH E 4 .   ? -19.636 0.597   2.587   1.00 36.36 ? 690  HOH A O   1 
HETATM 1515 O O   . HOH E 4 .   ? 21.096  13.343  -4.382  1.00 47.72 ? 691  HOH A O   1 
HETATM 1516 O O   . HOH E 4 .   ? -27.208 0.860   -7.725  1.00 43.22 ? 692  HOH A O   1 
HETATM 1517 O O   . HOH E 4 .   ? 19.718  -10.491 3.856   1.00 51.34 ? 693  HOH A O   1 
HETATM 1518 O O   . HOH E 4 .   ? 39.894  -6.531  6.044   1.00 44.98 ? 694  HOH A O   1 
HETATM 1519 O O   . HOH E 4 .   ? -52.774 -3.187  -11.811 1.00 38.41 ? 695  HOH A O   1 
HETATM 1520 O O   . HOH F 4 .   ? 33.227  -4.057  16.100  1.00 40.35 ? 1501 HOH B O   1 
HETATM 1521 O O   . HOH F 4 .   ? 27.525  11.326  15.052  1.00 20.38 ? 1502 HOH B O   1 
HETATM 1522 O O   . HOH F 4 .   ? 25.065  10.210  14.926  1.00 19.48 ? 1503 HOH B O   1 
HETATM 1523 O O   . HOH F 4 .   ? 24.899  5.743   19.112  1.00 30.18 ? 1504 HOH B O   1 
HETATM 1524 O O   . HOH F 4 .   ? 30.661  5.874   18.746  1.00 32.18 ? 1505 HOH B O   1 
HETATM 1525 O O   . HOH F 4 .   ? 34.253  1.838   16.293  1.00 47.04 ? 1506 HOH B O   1 
HETATM 1526 O O   . HOH F 4 .   ? 26.101  12.130  20.890  1.00 22.28 ? 1507 HOH B O   1 
HETATM 1527 O O   . HOH F 4 .   ? 30.002  -6.494  14.624  1.00 41.01 ? 1508 HOH B O   1 
HETATM 1528 O O   . HOH F 4 .   ? 21.314  1.091   17.527  1.00 39.78 ? 1509 HOH B O   1 
# 
loop_
_pdbx_poly_seq_scheme.asym_id 
_pdbx_poly_seq_scheme.entity_id 
_pdbx_poly_seq_scheme.seq_id 
_pdbx_poly_seq_scheme.mon_id 
_pdbx_poly_seq_scheme.ndb_seq_num 
_pdbx_poly_seq_scheme.pdb_seq_num 
_pdbx_poly_seq_scheme.auth_seq_num 
_pdbx_poly_seq_scheme.pdb_mon_id 
_pdbx_poly_seq_scheme.auth_mon_id 
_pdbx_poly_seq_scheme.pdb_strand_id 
_pdbx_poly_seq_scheme.pdb_ins_code 
_pdbx_poly_seq_scheme.hetero 
A 1 1   GLY 1   193  ?    ?   ?   A . n 
A 1 2   GLY 2   194  ?    ?   ?   A . n 
A 1 3   VAL 3   195  ?    ?   ?   A . n 
A 1 4   ARG 4   196  ?    ?   ?   A . n 
A 1 5   GLY 5   197  ?    ?   ?   A . n 
A 1 6   SER 6   198  ?    ?   ?   A . n 
A 1 7   LEU 7   199  ?    ?   ?   A . n 
A 1 8   GLY 8   200  ?    ?   ?   A . n 
A 1 9   SER 9   201  ?    ?   ?   A . n 
A 1 10  PRO 10  202  ?    ?   ?   A . n 
A 1 11  GLY 11  203  ?    ?   ?   A . n 
A 1 12  ASN 12  204  ?    ?   ?   A . n 
A 1 13  ARG 13  205  ?    ?   ?   A . n 
A 1 14  GLU 14  206  ?    ?   ?   A . n 
A 1 15  ASN 15  207  ?    ?   ?   A . n 
A 1 16  LYS 16  208  208  LYS LYS A . n 
A 1 17  GLU 17  209  209  GLU GLU A . n 
A 1 18  LYS 18  210  210  LYS LYS A . n 
A 1 19  LYS 19  211  211  LYS LYS A . n 
A 1 20  VAL 20  212  212  VAL VAL A . n 
A 1 21  PHE 21  213  213  PHE PHE A . n 
A 1 22  ILE 22  214  214  ILE ILE A . n 
A 1 23  SER 23  215  215  SER SER A . n 
A 1 24  LEU 24  216  216  LEU LEU A . n 
A 1 25  VAL 25  217  217  VAL VAL A . n 
A 1 26  GLY 26  218  218  GLY GLY A . n 
A 1 27  SER 27  219  219  SER SER A . n 
A 1 28  ARG 28  220  220  ARG ARG A . n 
A 1 29  GLY 29  221  221  GLY GLY A . n 
A 1 30  LEU 30  222  222  LEU LEU A . n 
A 1 31  GLY 31  223  223  GLY GLY A . n 
A 1 32  CYS 32  224  224  CYS CYS A . n 
A 1 33  SER 33  225  225  SER SER A . n 
A 1 34  ILE 34  226  226  ILE ILE A . n 
A 1 35  SER 35  227  227  SER SER A . n 
A 1 36  SER 36  228  228  SER SER A . n 
A 1 37  GLY 37  229  229  GLY GLY A . n 
A 1 38  PRO 38  230  230  PRO PRO A . n 
A 1 39  ILE 39  231  231  ILE ILE A . n 
A 1 40  GLN 40  232  232  GLN GLN A . n 
A 1 41  LYS 41  233  233  LYS LYS A . n 
A 1 42  PRO 42  234  234  PRO PRO A . n 
A 1 43  GLY 43  235  235  GLY GLY A . n 
A 1 44  ILE 44  236  236  ILE ILE A . n 
A 1 45  PHE 45  237  237  PHE PHE A . n 
A 1 46  ILE 46  238  238  ILE ILE A . n 
A 1 47  SER 47  239  239  SER SER A . n 
A 1 48  HIS 48  240  240  HIS HIS A . n 
A 1 49  VAL 49  241  241  VAL VAL A . n 
A 1 50  LYS 50  242  242  LYS LYS A . n 
A 1 51  PRO 51  243  243  PRO PRO A . n 
A 1 52  GLY 52  244  244  GLY GLY A . n 
A 1 53  SER 53  245  245  SER SER A . n 
A 1 54  LEU 54  246  246  LEU LEU A . n 
A 1 55  SER 55  247  247  SER SER A . n 
A 1 56  ALA 56  248  248  ALA ALA A . n 
A 1 57  GLU 57  249  249  GLU GLU A . n 
A 1 58  VAL 58  250  250  VAL VAL A . n 
A 1 59  GLY 59  251  251  GLY GLY A . n 
A 1 60  LEU 60  252  252  LEU LEU A . n 
A 1 61  GLU 61  253  253  GLU GLU A . n 
A 1 62  ILE 62  254  254  ILE ILE A . n 
A 1 63  GLY 63  255  255  GLY GLY A . n 
A 1 64  ASP 64  256  256  ASP ASP A . n 
A 1 65  GLN 65  257  257  GLN GLN A . n 
A 1 66  ILE 66  258  258  ILE ILE A . n 
A 1 67  VAL 67  259  259  VAL VAL A . n 
A 1 68  GLU 68  260  260  GLU GLU A . n 
A 1 69  VAL 69  261  261  VAL VAL A . n 
A 1 70  ASN 70  262  262  ASN ASN A . n 
A 1 71  GLY 71  263  263  GLY GLY A . n 
A 1 72  VAL 72  264  264  VAL VAL A . n 
A 1 73  ASP 73  265  265  ASP ASP A . n 
A 1 74  PHE 74  266  266  PHE PHE A . n 
A 1 75  SER 75  267  267  SER SER A . n 
A 1 76  ASN 76  268  268  ASN ASN A . n 
A 1 77  LEU 77  269  269  LEU LEU A . n 
A 1 78  ASP 78  270  270  ASP ASP A . n 
A 1 79  HIS 79  271  271  HIS HIS A . n 
A 1 80  LYS 80  272  272  LYS LYS A . n 
A 1 81  GLU 81  273  273  GLU GLU A . n 
A 1 82  ALA 82  274  274  ALA ALA A . n 
A 1 83  VAL 83  275  275  VAL VAL A . n 
A 1 84  ASN 84  276  276  ASN ASN A . n 
A 1 85  VAL 85  277  277  VAL VAL A . n 
A 1 86  LEU 86  278  278  LEU LEU A . n 
A 1 87  LYS 87  279  279  LYS LYS A . n 
A 1 88  SER 88  280  280  SER SER A . n 
A 1 89  SER 89  281  281  SER SER A . n 
A 1 90  ARG 90  282  282  ARG ARG A . n 
A 1 91  SER 91  283  283  SER SER A . n 
A 1 92  LEU 92  284  284  LEU LEU A . n 
A 1 93  THR 93  285  285  THR THR A . n 
A 1 94  ILE 94  286  286  ILE ILE A . n 
A 1 95  SER 95  287  287  SER SER A . n 
A 1 96  ILE 96  288  288  ILE ILE A . n 
A 1 97  VAL 97  289  289  VAL VAL A . n 
A 1 98  ALA 98  290  290  ALA ALA A . n 
A 1 99  ALA 99  291  291  ALA ALA A . n 
A 1 100 ALA 100 292  292  ALA ALA A . n 
A 1 101 GLY 101 293  293  GLY GLY A . n 
A 1 102 ARG 102 294  294  ARG ARG A . n 
A 1 103 GLU 103 295  295  GLU GLU A . n 
A 1 104 LEU 104 296  296  LEU LEU A . n 
A 1 105 PHE 105 297  297  PHE PHE A . n 
A 1 106 MET 106 298  298  MET MET A . n 
A 1 107 THR 107 299  299  THR THR A . n 
A 1 108 ASP 108 300  300  ASP ASP A . n 
A 1 109 ARG 109 301  301  ARG ARG A . n 
A 1 110 GLU 110 302  302  GLU GLU A . n 
A 1 111 ARG 111 303  303  ARG ARG A . n 
A 1 112 LEU 112 304  304  LEU LEU A . n 
A 1 113 ALA 113 305  305  ALA ALA A . n 
A 1 114 GLU 114 306  306  GLU GLU A . n 
A 1 115 ALA 115 307  307  ALA ALA A . n 
A 1 116 ARG 116 308  308  ARG ARG A . n 
A 1 117 GLN 117 309  309  GLN GLN A . n 
A 1 118 ARG 118 310  310  ARG ARG A . n 
A 1 119 GLU 119 311  311  GLU GLU A . n 
A 1 120 LEU 120 312  312  LEU LEU A . n 
A 1 121 GLN 121 313  313  GLN GLN A . n 
A 1 122 ARG 122 314  314  ARG ARG A . n 
A 1 123 GLN 123 315  315  GLN GLN A . n 
A 1 124 GLU 124 316  316  GLU GLU A . n 
A 1 125 LEU 125 317  317  LEU LEU A . n 
A 1 126 LEU 126 318  318  LEU LEU A . n 
A 1 127 MET 127 319  319  MET MET A . n 
A 1 128 GLN 128 320  320  GLN GLN A . n 
A 1 129 LYS 129 321  321  LYS LYS A . n 
A 1 130 ARG 130 322  322  ARG ARG A . n 
A 1 131 LEU 131 323  323  LEU LEU A . n 
A 1 132 ALA 132 324  324  ALA ALA A . n 
A 1 133 MET 133 325  325  MET MET A . n 
A 1 134 GLU 134 326  326  GLU GLU A . n 
A 1 135 SER 135 327  327  SER SER A . n 
A 1 136 ASN 136 328  328  ASN ASN A . n 
A 1 137 LYS 137 329  329  LYS LYS A . n 
A 1 138 ILE 138 330  330  ILE ILE A . n 
A 1 139 LEU 139 331  331  LEU LEU A . n 
A 1 140 GLN 140 332  332  GLN GLN A . n 
A 1 141 GLU 141 333  333  GLU GLU A . n 
A 1 142 GLN 142 334  334  GLN GLN A . n 
A 1 143 GLN 143 335  335  GLN GLN A . n 
A 1 144 GLU 144 336  336  GLU GLU A . n 
A 1 145 MET 145 337  337  MET MET A . n 
A 1 146 GLU 146 338  338  GLU GLU A . n 
A 1 147 ARG 147 339  339  ARG ARG A . n 
A 1 148 GLN 148 340  340  GLN GLN A . n 
A 1 149 ARG 149 341  341  ARG ARG A . n 
A 1 150 ARG 150 342  342  ARG ARG A . n 
A 1 151 LYS 151 343  343  LYS LYS A . n 
A 1 152 GLU 152 344  344  GLU GLU A . n 
A 1 153 ILE 153 345  345  ILE ILE A . n 
A 1 154 ALA 154 346  346  ALA ALA A . n 
A 1 155 GLN 155 347  347  GLN GLN A . n 
A 1 156 LYS 156 348  348  LYS LYS A . n 
A 1 157 ALA 157 349  349  ALA ALA A . n 
A 1 158 ALA 158 350  350  ALA ALA A . n 
A 1 159 GLU 159 351  351  GLU GLU A . n 
A 1 160 GLU 160 352  352  GLU GLU A . n 
A 1 161 ASN 161 353  353  ASN ASN A . n 
A 1 162 GLU 162 354  354  GLU GLU A . n 
A 1 163 ARG 163 355  355  ARG ARG A . n 
A 1 164 TYR 164 356  356  TYR TYR A . n 
A 1 165 ARG 165 357  357  ARG ARG A . n 
A 1 166 LYS 166 358  358  LYS LYS A . n 
A 1 167 GLU 167 359  359  GLU GLU A . n 
A 1 168 MET 168 360  360  MET MET A . n 
A 1 169 GLU 169 361  361  GLU GLU A . n 
A 1 170 GLN 170 362  362  GLN GLN A . n 
A 1 171 ILE 171 363  363  ILE ILE A . n 
A 1 172 VAL 172 364  364  VAL VAL A . n 
A 1 173 GLU 173 365  365  GLU GLU A . n 
A 1 174 GLU 174 366  366  GLU GLU A . n 
A 1 175 GLU 175 367  367  GLU GLU A . n 
A 1 176 GLU 176 368  368  GLU GLU A . n 
A 1 177 LYS 177 369  369  LYS LYS A . n 
A 1 178 PHE 178 370  370  PHE PHE A . n 
B 2 1   GLN 1   1291 ?    ?   ?   B . n 
B 2 2   GLN 2   1292 ?    ?   ?   B . n 
B 2 3   LYS 3   1293 ?    ?   ?   B . n 
B 2 4   LYS 4   1294 ?    ?   ?   B . n 
B 2 5   ASN 5   1295 ?    ?   ?   B . n 
B 2 6   LEU 6   1296 ?    ?   ?   B . n 
B 2 7   SER 7   1297 ?    ?   ?   B . n 
B 2 8   PHE 8   1298 ?    ?   ?   B . n 
B 2 9   THR 9   1299 ?    ?   ?   B . n 
B 2 10  ASN 10  1300 ?    ?   ?   B . n 
B 2 11  PRO 11  1301 ?    ?   ?   B . n 
B 2 12  GLY 12  1302 1302 GLY GLY B . n 
B 2 13  LEU 13  1303 1303 LEU LEU B . n 
B 2 14  ASP 14  1304 1304 ASP ASP B . n 
B 2 15  THR 15  1305 1305 THR THR B . n 
B 2 16  THR 16  1306 1306 THR THR B . n 
B 2 17  ASP 17  1307 1307 ASP ASP B . n 
B 2 18  LEU 18  1308 1308 LEU LEU B . n 
# 
_pdbx_contact_author.id                 2 
_pdbx_contact_author.email              lijch@scut.edu.cn 
_pdbx_contact_author.name_first         Jianchao 
_pdbx_contact_author.name_last          Li 
_pdbx_contact_author.name_mi            ? 
_pdbx_contact_author.role               'principal investigator/group leader' 
_pdbx_contact_author.identifier_ORCID   0000-0002-8921-1626 
# 
loop_
_pdbx_nonpoly_scheme.asym_id 
_pdbx_nonpoly_scheme.entity_id 
_pdbx_nonpoly_scheme.mon_id 
_pdbx_nonpoly_scheme.ndb_seq_num 
_pdbx_nonpoly_scheme.pdb_seq_num 
_pdbx_nonpoly_scheme.auth_seq_num 
_pdbx_nonpoly_scheme.pdb_mon_id 
_pdbx_nonpoly_scheme.auth_mon_id 
_pdbx_nonpoly_scheme.pdb_strand_id 
_pdbx_nonpoly_scheme.pdb_ins_code 
C 3 GOL 1   401  394 GOL GOL A . 
D 3 GOL 1   1401 393 GOL GOL B . 
E 4 HOH 1   501  159 HOH HOH A . 
E 4 HOH 2   502  176 HOH HOH A . 
E 4 HOH 3   503  28  HOH HOH A . 
E 4 HOH 4   504  198 HOH HOH A . 
E 4 HOH 5   505  57  HOH HOH A . 
E 4 HOH 6   506  111 HOH HOH A . 
E 4 HOH 7   507  16  HOH HOH A . 
E 4 HOH 8   508  58  HOH HOH A . 
E 4 HOH 9   509  65  HOH HOH A . 
E 4 HOH 10  510  23  HOH HOH A . 
E 4 HOH 11  511  37  HOH HOH A . 
E 4 HOH 12  512  85  HOH HOH A . 
E 4 HOH 13  513  84  HOH HOH A . 
E 4 HOH 14  514  31  HOH HOH A . 
E 4 HOH 15  515  80  HOH HOH A . 
E 4 HOH 16  516  130 HOH HOH A . 
E 4 HOH 17  517  1   HOH HOH A . 
E 4 HOH 18  518  79  HOH HOH A . 
E 4 HOH 19  519  44  HOH HOH A . 
E 4 HOH 20  520  12  HOH HOH A . 
E 4 HOH 21  521  199 HOH HOH A . 
E 4 HOH 22  522  34  HOH HOH A . 
E 4 HOH 23  523  139 HOH HOH A . 
E 4 HOH 24  524  126 HOH HOH A . 
E 4 HOH 25  525  124 HOH HOH A . 
E 4 HOH 26  526  97  HOH HOH A . 
E 4 HOH 27  527  40  HOH HOH A . 
E 4 HOH 28  528  81  HOH HOH A . 
E 4 HOH 29  529  92  HOH HOH A . 
E 4 HOH 30  530  184 HOH HOH A . 
E 4 HOH 31  531  189 HOH HOH A . 
E 4 HOH 32  532  59  HOH HOH A . 
E 4 HOH 33  533  10  HOH HOH A . 
E 4 HOH 34  534  87  HOH HOH A . 
E 4 HOH 35  535  60  HOH HOH A . 
E 4 HOH 36  536  35  HOH HOH A . 
E 4 HOH 37  537  171 HOH HOH A . 
E 4 HOH 38  538  123 HOH HOH A . 
E 4 HOH 39  539  136 HOH HOH A . 
E 4 HOH 40  540  47  HOH HOH A . 
E 4 HOH 41  541  5   HOH HOH A . 
E 4 HOH 42  542  154 HOH HOH A . 
E 4 HOH 43  543  19  HOH HOH A . 
E 4 HOH 44  544  137 HOH HOH A . 
E 4 HOH 45  545  77  HOH HOH A . 
E 4 HOH 46  546  26  HOH HOH A . 
E 4 HOH 47  547  192 HOH HOH A . 
E 4 HOH 48  548  67  HOH HOH A . 
E 4 HOH 49  549  41  HOH HOH A . 
E 4 HOH 50  550  2   HOH HOH A . 
E 4 HOH 51  551  181 HOH HOH A . 
E 4 HOH 52  552  4   HOH HOH A . 
E 4 HOH 53  553  72  HOH HOH A . 
E 4 HOH 54  554  56  HOH HOH A . 
E 4 HOH 55  555  25  HOH HOH A . 
E 4 HOH 56  556  3   HOH HOH A . 
E 4 HOH 57  557  68  HOH HOH A . 
E 4 HOH 58  558  30  HOH HOH A . 
E 4 HOH 59  559  132 HOH HOH A . 
E 4 HOH 60  560  169 HOH HOH A . 
E 4 HOH 61  561  200 HOH HOH A . 
E 4 HOH 62  562  141 HOH HOH A . 
E 4 HOH 63  563  6   HOH HOH A . 
E 4 HOH 64  564  24  HOH HOH A . 
E 4 HOH 65  565  54  HOH HOH A . 
E 4 HOH 66  566  106 HOH HOH A . 
E 4 HOH 67  567  82  HOH HOH A . 
E 4 HOH 68  568  8   HOH HOH A . 
E 4 HOH 69  569  64  HOH HOH A . 
E 4 HOH 70  570  158 HOH HOH A . 
E 4 HOH 71  571  39  HOH HOH A . 
E 4 HOH 72  572  15  HOH HOH A . 
E 4 HOH 73  573  156 HOH HOH A . 
E 4 HOH 74  574  63  HOH HOH A . 
E 4 HOH 75  575  21  HOH HOH A . 
E 4 HOH 76  576  113 HOH HOH A . 
E 4 HOH 77  577  20  HOH HOH A . 
E 4 HOH 78  578  32  HOH HOH A . 
E 4 HOH 79  579  42  HOH HOH A . 
E 4 HOH 80  580  17  HOH HOH A . 
E 4 HOH 81  581  18  HOH HOH A . 
E 4 HOH 82  582  99  HOH HOH A . 
E 4 HOH 83  583  13  HOH HOH A . 
E 4 HOH 84  584  110 HOH HOH A . 
E 4 HOH 85  585  116 HOH HOH A . 
E 4 HOH 86  586  45  HOH HOH A . 
E 4 HOH 87  587  88  HOH HOH A . 
E 4 HOH 88  588  150 HOH HOH A . 
E 4 HOH 89  589  76  HOH HOH A . 
E 4 HOH 90  590  161 HOH HOH A . 
E 4 HOH 91  591  167 HOH HOH A . 
E 4 HOH 92  592  33  HOH HOH A . 
E 4 HOH 93  593  102 HOH HOH A . 
E 4 HOH 94  594  195 HOH HOH A . 
E 4 HOH 95  595  165 HOH HOH A . 
E 4 HOH 96  596  98  HOH HOH A . 
E 4 HOH 97  597  170 HOH HOH A . 
E 4 HOH 98  598  52  HOH HOH A . 
E 4 HOH 99  599  7   HOH HOH A . 
E 4 HOH 100 600  66  HOH HOH A . 
E 4 HOH 101 601  103 HOH HOH A . 
E 4 HOH 102 602  163 HOH HOH A . 
E 4 HOH 103 603  89  HOH HOH A . 
E 4 HOH 104 604  131 HOH HOH A . 
E 4 HOH 105 605  109 HOH HOH A . 
E 4 HOH 106 606  94  HOH HOH A . 
E 4 HOH 107 607  101 HOH HOH A . 
E 4 HOH 108 608  134 HOH HOH A . 
E 4 HOH 109 609  22  HOH HOH A . 
E 4 HOH 110 610  104 HOH HOH A . 
E 4 HOH 111 611  9   HOH HOH A . 
E 4 HOH 112 612  100 HOH HOH A . 
E 4 HOH 113 613  36  HOH HOH A . 
E 4 HOH 114 614  51  HOH HOH A . 
E 4 HOH 115 615  164 HOH HOH A . 
E 4 HOH 116 616  179 HOH HOH A . 
E 4 HOH 117 617  93  HOH HOH A . 
E 4 HOH 118 618  162 HOH HOH A . 
E 4 HOH 119 619  120 HOH HOH A . 
E 4 HOH 120 620  107 HOH HOH A . 
E 4 HOH 121 621  172 HOH HOH A . 
E 4 HOH 122 622  83  HOH HOH A . 
E 4 HOH 123 623  27  HOH HOH A . 
E 4 HOH 124 624  69  HOH HOH A . 
E 4 HOH 125 625  14  HOH HOH A . 
E 4 HOH 126 626  112 HOH HOH A . 
E 4 HOH 127 627  148 HOH HOH A . 
E 4 HOH 128 628  53  HOH HOH A . 
E 4 HOH 129 629  50  HOH HOH A . 
E 4 HOH 130 630  147 HOH HOH A . 
E 4 HOH 131 631  48  HOH HOH A . 
E 4 HOH 132 632  135 HOH HOH A . 
E 4 HOH 133 633  157 HOH HOH A . 
E 4 HOH 134 634  71  HOH HOH A . 
E 4 HOH 135 635  142 HOH HOH A . 
E 4 HOH 136 636  119 HOH HOH A . 
E 4 HOH 137 637  201 HOH HOH A . 
E 4 HOH 138 638  70  HOH HOH A . 
E 4 HOH 139 639  49  HOH HOH A . 
E 4 HOH 140 640  140 HOH HOH A . 
E 4 HOH 141 641  133 HOH HOH A . 
E 4 HOH 142 642  180 HOH HOH A . 
E 4 HOH 143 643  95  HOH HOH A . 
E 4 HOH 144 644  160 HOH HOH A . 
E 4 HOH 145 645  177 HOH HOH A . 
E 4 HOH 146 646  86  HOH HOH A . 
E 4 HOH 147 647  186 HOH HOH A . 
E 4 HOH 148 648  114 HOH HOH A . 
E 4 HOH 149 649  196 HOH HOH A . 
E 4 HOH 150 650  187 HOH HOH A . 
E 4 HOH 151 651  166 HOH HOH A . 
E 4 HOH 152 652  108 HOH HOH A . 
E 4 HOH 153 653  183 HOH HOH A . 
E 4 HOH 154 654  182 HOH HOH A . 
E 4 HOH 155 655  121 HOH HOH A . 
E 4 HOH 156 656  191 HOH HOH A . 
E 4 HOH 157 657  62  HOH HOH A . 
E 4 HOH 158 658  190 HOH HOH A . 
E 4 HOH 159 659  78  HOH HOH A . 
E 4 HOH 160 660  188 HOH HOH A . 
E 4 HOH 161 661  174 HOH HOH A . 
E 4 HOH 162 662  46  HOH HOH A . 
E 4 HOH 163 663  144 HOH HOH A . 
E 4 HOH 164 664  173 HOH HOH A . 
E 4 HOH 165 665  61  HOH HOH A . 
E 4 HOH 166 666  149 HOH HOH A . 
E 4 HOH 167 667  168 HOH HOH A . 
E 4 HOH 168 668  115 HOH HOH A . 
E 4 HOH 169 669  129 HOH HOH A . 
E 4 HOH 170 670  197 HOH HOH A . 
E 4 HOH 171 671  55  HOH HOH A . 
E 4 HOH 172 672  143 HOH HOH A . 
E 4 HOH 173 673  38  HOH HOH A . 
E 4 HOH 174 674  151 HOH HOH A . 
E 4 HOH 175 675  127 HOH HOH A . 
E 4 HOH 176 676  202 HOH HOH A . 
E 4 HOH 177 677  74  HOH HOH A . 
E 4 HOH 178 678  146 HOH HOH A . 
E 4 HOH 179 679  73  HOH HOH A . 
E 4 HOH 180 680  90  HOH HOH A . 
E 4 HOH 181 681  105 HOH HOH A . 
E 4 HOH 182 682  122 HOH HOH A . 
E 4 HOH 183 683  125 HOH HOH A . 
E 4 HOH 184 684  178 HOH HOH A . 
E 4 HOH 185 685  193 HOH HOH A . 
E 4 HOH 186 686  185 HOH HOH A . 
E 4 HOH 187 687  153 HOH HOH A . 
E 4 HOH 188 688  138 HOH HOH A . 
E 4 HOH 189 689  152 HOH HOH A . 
E 4 HOH 190 690  96  HOH HOH A . 
E 4 HOH 191 691  194 HOH HOH A . 
E 4 HOH 192 692  128 HOH HOH A . 
E 4 HOH 193 693  204 HOH HOH A . 
E 4 HOH 194 694  203 HOH HOH A . 
E 4 HOH 195 695  91  HOH HOH A . 
F 4 HOH 1   1501 145 HOH HOH B . 
F 4 HOH 2   1502 11  HOH HOH B . 
F 4 HOH 3   1503 29  HOH HOH B . 
F 4 HOH 4   1504 117 HOH HOH B . 
F 4 HOH 5   1505 75  HOH HOH B . 
F 4 HOH 6   1506 175 HOH HOH B . 
F 4 HOH 7   1507 43  HOH HOH B . 
F 4 HOH 8   1508 118 HOH HOH B . 
F 4 HOH 9   1509 155 HOH HOH B . 
# 
_pdbx_struct_assembly.id                   1 
_pdbx_struct_assembly.details              author_and_software_defined_assembly 
_pdbx_struct_assembly.method_details       PISA 
_pdbx_struct_assembly.oligomeric_details   tetrameric 
_pdbx_struct_assembly.oligomeric_count     4 
# 
_pdbx_struct_assembly_gen.assembly_id       1 
_pdbx_struct_assembly_gen.oper_expression   1,2 
_pdbx_struct_assembly_gen.asym_id_list      A,B,C,D,E,F 
# 
loop_
_pdbx_struct_assembly_prop.biol_id 
_pdbx_struct_assembly_prop.type 
_pdbx_struct_assembly_prop.value 
_pdbx_struct_assembly_prop.details 
1 'ABSA (A^2)' 5780  ? 
1 MORE         -29   ? 
1 'SSA (A^2)'  22120 ? 
# 
loop_
_pdbx_struct_oper_list.id 
_pdbx_struct_oper_list.type 
_pdbx_struct_oper_list.name 
_pdbx_struct_oper_list.symmetry_operation 
_pdbx_struct_oper_list.matrix[1][1] 
_pdbx_struct_oper_list.matrix[1][2] 
_pdbx_struct_oper_list.matrix[1][3] 
_pdbx_struct_oper_list.vector[1] 
_pdbx_struct_oper_list.matrix[2][1] 
_pdbx_struct_oper_list.matrix[2][2] 
_pdbx_struct_oper_list.matrix[2][3] 
_pdbx_struct_oper_list.vector[2] 
_pdbx_struct_oper_list.matrix[3][1] 
_pdbx_struct_oper_list.matrix[3][2] 
_pdbx_struct_oper_list.matrix[3][3] 
_pdbx_struct_oper_list.vector[3] 
1 'identity operation'         1_555 x,y,z       1.0000000000  0.0000000000  0.0000000000  0.0000000000   0.0000000000  1.0000000000 0.0000000000 0.0000000000  0.0000000000  0.0000000000 1.0000000000  0.0000000000   
2 'crystal symmetry operation' 2_656 -x+1,y,-z+1 -0.8818186520 -0.3587230814 -0.3061267969 -82.5992363214 -0.3587230814 0.0888541327 0.9292054100 -6.2680740858 -0.3061267969 0.9292054100 -0.2070354806 -24.5427264636 
# 
loop_
_pdbx_struct_special_symmetry.id 
_pdbx_struct_special_symmetry.PDB_model_num 
_pdbx_struct_special_symmetry.auth_asym_id 
_pdbx_struct_special_symmetry.auth_comp_id 
_pdbx_struct_special_symmetry.auth_seq_id 
_pdbx_struct_special_symmetry.PDB_ins_code 
_pdbx_struct_special_symmetry.label_asym_id 
_pdbx_struct_special_symmetry.label_comp_id 
_pdbx_struct_special_symmetry.label_seq_id 
1 1 A HOH 648 ? E HOH . 
2 1 A HOH 655 ? E HOH . 
# 
loop_
_pdbx_audit_revision_history.ordinal 
_pdbx_audit_revision_history.data_content_type 
_pdbx_audit_revision_history.major_revision 
_pdbx_audit_revision_history.minor_revision 
_pdbx_audit_revision_history.revision_date 
1 'Structure model' 1 0 2022-07-06 
2 'Structure model' 2 0 2023-11-29 
# 
_pdbx_audit_revision_details.ordinal             1 
_pdbx_audit_revision_details.revision_ordinal    1 
_pdbx_audit_revision_details.data_content_type   'Structure model' 
_pdbx_audit_revision_details.provider            repository 
_pdbx_audit_revision_details.type                'Initial release' 
_pdbx_audit_revision_details.description         ? 
_pdbx_audit_revision_details.details             ? 
# 
loop_
_pdbx_audit_revision_group.ordinal 
_pdbx_audit_revision_group.revision_ordinal 
_pdbx_audit_revision_group.data_content_type 
_pdbx_audit_revision_group.group 
1 2 'Structure model' 'Atomic model'           
2 2 'Structure model' 'Data collection'        
3 2 'Structure model' 'Derived calculations'   
4 2 'Structure model' 'Refinement description' 
# 
loop_
_pdbx_audit_revision_category.ordinal 
_pdbx_audit_revision_category.revision_ordinal 
_pdbx_audit_revision_category.data_content_type 
_pdbx_audit_revision_category.category 
1 2 'Structure model' atom_site                     
2 2 'Structure model' chem_comp_atom                
3 2 'Structure model' chem_comp_bond                
4 2 'Structure model' pdbx_initial_refinement_model 
5 2 'Structure model' pdbx_nonpoly_scheme           
6 2 'Structure model' pdbx_struct_assembly          
7 2 'Structure model' pdbx_struct_assembly_gen      
8 2 'Structure model' pdbx_struct_assembly_prop     
9 2 'Structure model' pdbx_struct_oper_list         
# 
loop_
_pdbx_audit_revision_item.ordinal 
_pdbx_audit_revision_item.revision_ordinal 
_pdbx_audit_revision_item.data_content_type 
_pdbx_audit_revision_item.item 
1 2 'Structure model' '_atom_site.B_iso_or_equiv'                 
2 2 'Structure model' '_atom_site.Cartn_x'                        
3 2 'Structure model' '_atom_site.Cartn_y'                        
4 2 'Structure model' '_atom_site.Cartn_z'                        
5 2 'Structure model' '_pdbx_nonpoly_scheme.auth_seq_num'         
6 2 'Structure model' '_pdbx_struct_assembly.oligomeric_count'    
7 2 'Structure model' '_pdbx_struct_assembly.oligomeric_details'  
8 2 'Structure model' '_pdbx_struct_assembly_gen.oper_expression' 
9 2 'Structure model' '_pdbx_struct_assembly_prop.value'          
# 
loop_
_software.citation_id 
_software.classification 
_software.compiler_name 
_software.compiler_version 
_software.contact_author 
_software.contact_author_email 
_software.date 
_software.description 
_software.dependencies 
_software.hardware 
_software.language 
_software.location 
_software.mods 
_software.name 
_software.os 
_software.os_version 
_software.type 
_software.version 
_software.pdbx_ordinal 
? 'data reduction'  ? ? ? ? ? ? ? ? ? ? ? DENZO       ? ? ? .    1 
? 'data scaling'    ? ? ? ? ? ? ? ? ? ? ? SCALEPACK   ? ? ? .    2 
? refinement        ? ? ? ? ? ? ? ? ? ? ? PHENIX      ? ? ? 1.8  3 
? 'data extraction' ? ? ? ? ? ? ? ? ? ? ? PDB_EXTRACT ? ? ? 3.27 4 
? phasing           ? ? ? ? ? ? ? ? ? ? ? PHASER      ? ? ? .    5 
# 
_pdbx_entry_details.entry_id                 7X2E 
_pdbx_entry_details.has_ligand_of_interest   N 
_pdbx_entry_details.compound_details         ? 
_pdbx_entry_details.source_details           ? 
_pdbx_entry_details.nonpolymer_details       ? 
_pdbx_entry_details.sequence_details         ? 
# 
loop_
_pdbx_validate_close_contact.id 
_pdbx_validate_close_contact.PDB_model_num 
_pdbx_validate_close_contact.auth_atom_id_1 
_pdbx_validate_close_contact.auth_asym_id_1 
_pdbx_validate_close_contact.auth_comp_id_1 
_pdbx_validate_close_contact.auth_seq_id_1 
_pdbx_validate_close_contact.PDB_ins_code_1 
_pdbx_validate_close_contact.label_alt_id_1 
_pdbx_validate_close_contact.auth_atom_id_2 
_pdbx_validate_close_contact.auth_asym_id_2 
_pdbx_validate_close_contact.auth_comp_id_2 
_pdbx_validate_close_contact.auth_seq_id_2 
_pdbx_validate_close_contact.PDB_ins_code_2 
_pdbx_validate_close_contact.label_alt_id_2 
_pdbx_validate_close_contact.dist 
1 1 O   A HOH 590 ? ? O A HOH 644  ? ? 1.96 
2 1 O   A HOH 640 ? ? O A HOH 663  ? ? 2.04 
3 1 O   A HOH 607 ? ? O A HOH 667  ? ? 2.05 
4 1 O   A HOH 630 ? ? O A HOH 666  ? ? 2.08 
5 1 O   A HOH 551 ? ? O A HOH 685  ? ? 2.08 
6 1 OD2 A ASP 270 ? ? O A HOH 501  ? ? 2.11 
7 1 O   A HOH 542 ? ? O B HOH 1509 ? ? 2.19 
# 
loop_
_pdbx_validate_symm_contact.id 
_pdbx_validate_symm_contact.PDB_model_num 
_pdbx_validate_symm_contact.auth_atom_id_1 
_pdbx_validate_symm_contact.auth_asym_id_1 
_pdbx_validate_symm_contact.auth_comp_id_1 
_pdbx_validate_symm_contact.auth_seq_id_1 
_pdbx_validate_symm_contact.PDB_ins_code_1 
_pdbx_validate_symm_contact.label_alt_id_1 
_pdbx_validate_symm_contact.site_symmetry_1 
_pdbx_validate_symm_contact.auth_atom_id_2 
_pdbx_validate_symm_contact.auth_asym_id_2 
_pdbx_validate_symm_contact.auth_comp_id_2 
_pdbx_validate_symm_contact.auth_seq_id_2 
_pdbx_validate_symm_contact.PDB_ins_code_2 
_pdbx_validate_symm_contact.label_alt_id_2 
_pdbx_validate_symm_contact.site_symmetry_2 
_pdbx_validate_symm_contact.dist 
1 1 O  A HOH 602 ? ? 1_555 O A HOH 615 ? ? 2_657 1.96 
2 1 OG A SER 219 ? ? 1_555 O A ILE 231 ? ? 3_445 2.10 
3 1 O  A HOH 641 ? ? 1_555 O A HOH 651 ? ? 3_446 2.16 
# 
_pdbx_validate_torsion.id              1 
_pdbx_validate_torsion.PDB_model_num   1 
_pdbx_validate_torsion.auth_comp_id    ASN 
_pdbx_validate_torsion.auth_asym_id    A 
_pdbx_validate_torsion.auth_seq_id     268 
_pdbx_validate_torsion.PDB_ins_code    ? 
_pdbx_validate_torsion.label_alt_id    ? 
_pdbx_validate_torsion.phi             64.09 
_pdbx_validate_torsion.psi             -0.22 
# 
_pdbx_distant_solvent_atoms.id                                1 
_pdbx_distant_solvent_atoms.PDB_model_num                     1 
_pdbx_distant_solvent_atoms.auth_atom_id                      O 
_pdbx_distant_solvent_atoms.label_alt_id                      ? 
_pdbx_distant_solvent_atoms.auth_asym_id                      A 
_pdbx_distant_solvent_atoms.auth_comp_id                      HOH 
_pdbx_distant_solvent_atoms.auth_seq_id                       695 
_pdbx_distant_solvent_atoms.PDB_ins_code                      ? 
_pdbx_distant_solvent_atoms.neighbor_macromolecule_distance   5.96 
_pdbx_distant_solvent_atoms.neighbor_ligand_distance          . 
# 
loop_
_pdbx_unobs_or_zero_occ_atoms.id 
_pdbx_unobs_or_zero_occ_atoms.PDB_model_num 
_pdbx_unobs_or_zero_occ_atoms.polymer_flag 
_pdbx_unobs_or_zero_occ_atoms.occupancy_flag 
_pdbx_unobs_or_zero_occ_atoms.auth_asym_id 
_pdbx_unobs_or_zero_occ_atoms.auth_comp_id 
_pdbx_unobs_or_zero_occ_atoms.auth_seq_id 
_pdbx_unobs_or_zero_occ_atoms.PDB_ins_code 
_pdbx_unobs_or_zero_occ_atoms.auth_atom_id 
_pdbx_unobs_or_zero_occ_atoms.label_alt_id 
_pdbx_unobs_or_zero_occ_atoms.label_asym_id 
_pdbx_unobs_or_zero_occ_atoms.label_comp_id 
_pdbx_unobs_or_zero_occ_atoms.label_seq_id 
_pdbx_unobs_or_zero_occ_atoms.label_atom_id 
1  1 Y 1 A LYS 208 ? CG  ? A LYS 16  CG  
2  1 Y 1 A LYS 208 ? CD  ? A LYS 16  CD  
3  1 Y 1 A LYS 208 ? CE  ? A LYS 16  CE  
4  1 Y 1 A LYS 208 ? NZ  ? A LYS 16  NZ  
5  1 Y 1 A LYS 210 ? CG  ? A LYS 18  CG  
6  1 Y 1 A LYS 210 ? CD  ? A LYS 18  CD  
7  1 Y 1 A LYS 210 ? CE  ? A LYS 18  CE  
8  1 Y 1 A LYS 210 ? NZ  ? A LYS 18  NZ  
9  1 Y 1 A LEU 216 ? CG  ? A LEU 24  CG  
10 1 Y 1 A LEU 216 ? CD1 ? A LEU 24  CD1 
11 1 Y 1 A LEU 216 ? CD2 ? A LEU 24  CD2 
12 1 Y 1 A ARG 220 ? CG  ? A ARG 28  CG  
13 1 Y 1 A ARG 220 ? CD  ? A ARG 28  CD  
14 1 Y 1 A ARG 220 ? NE  ? A ARG 28  NE  
15 1 Y 1 A ARG 220 ? CZ  ? A ARG 28  CZ  
16 1 Y 1 A ARG 220 ? NH1 ? A ARG 28  NH1 
17 1 Y 1 A ARG 220 ? NH2 ? A ARG 28  NH2 
18 1 Y 1 A GLU 249 ? CG  ? A GLU 57  CG  
19 1 Y 1 A GLU 249 ? CD  ? A GLU 57  CD  
20 1 Y 1 A GLU 249 ? OE1 ? A GLU 57  OE1 
21 1 Y 1 A GLU 249 ? OE2 ? A GLU 57  OE2 
22 1 Y 1 A ASN 268 ? CG  ? A ASN 76  CG  
23 1 Y 1 A ASN 268 ? OD1 ? A ASN 76  OD1 
24 1 Y 1 A ASN 268 ? ND2 ? A ASN 76  ND2 
25 1 Y 1 A LYS 272 ? CG  ? A LYS 80  CG  
26 1 Y 1 A LYS 272 ? CD  ? A LYS 80  CD  
27 1 Y 1 A LYS 272 ? CE  ? A LYS 80  CE  
28 1 Y 1 A LYS 272 ? NZ  ? A LYS 80  NZ  
29 1 Y 1 A GLU 273 ? CG  ? A GLU 81  CG  
30 1 Y 1 A GLU 273 ? CD  ? A GLU 81  CD  
31 1 Y 1 A GLU 273 ? OE1 ? A GLU 81  OE1 
32 1 Y 1 A GLU 273 ? OE2 ? A GLU 81  OE2 
33 1 Y 1 A ARG 282 ? CG  ? A ARG 90  CG  
34 1 Y 1 A ARG 282 ? CD  ? A ARG 90  CD  
35 1 Y 1 A ARG 282 ? NE  ? A ARG 90  NE  
36 1 Y 1 A ARG 282 ? CZ  ? A ARG 90  CZ  
37 1 Y 1 A ARG 282 ? NH1 ? A ARG 90  NH1 
38 1 Y 1 A ARG 282 ? NH2 ? A ARG 90  NH2 
39 1 Y 1 A GLU 316 ? CG  ? A GLU 124 CG  
40 1 Y 1 A GLU 316 ? CD  ? A GLU 124 CD  
41 1 Y 1 A GLU 316 ? OE1 ? A GLU 124 OE1 
42 1 Y 1 A GLU 316 ? OE2 ? A GLU 124 OE2 
# 
loop_
_pdbx_unobs_or_zero_occ_residues.id 
_pdbx_unobs_or_zero_occ_residues.PDB_model_num 
_pdbx_unobs_or_zero_occ_residues.polymer_flag 
_pdbx_unobs_or_zero_occ_residues.occupancy_flag 
_pdbx_unobs_or_zero_occ_residues.auth_asym_id 
_pdbx_unobs_or_zero_occ_residues.auth_comp_id 
_pdbx_unobs_or_zero_occ_residues.auth_seq_id 
_pdbx_unobs_or_zero_occ_residues.PDB_ins_code 
_pdbx_unobs_or_zero_occ_residues.label_asym_id 
_pdbx_unobs_or_zero_occ_residues.label_comp_id 
_pdbx_unobs_or_zero_occ_residues.label_seq_id 
1  1 Y 1 A GLY 193  ? A GLY 1  
2  1 Y 1 A GLY 194  ? A GLY 2  
3  1 Y 1 A VAL 195  ? A VAL 3  
4  1 Y 1 A ARG 196  ? A ARG 4  
5  1 Y 1 A GLY 197  ? A GLY 5  
6  1 Y 1 A SER 198  ? A SER 6  
7  1 Y 1 A LEU 199  ? A LEU 7  
8  1 Y 1 A GLY 200  ? A GLY 8  
9  1 Y 1 A SER 201  ? A SER 9  
10 1 Y 1 A PRO 202  ? A PRO 10 
11 1 Y 1 A GLY 203  ? A GLY 11 
12 1 Y 1 A ASN 204  ? A ASN 12 
13 1 Y 1 A ARG 205  ? A ARG 13 
14 1 Y 1 A GLU 206  ? A GLU 14 
15 1 Y 1 A ASN 207  ? A ASN 15 
16 1 Y 1 B GLN 1291 ? B GLN 1  
17 1 Y 1 B GLN 1292 ? B GLN 2  
18 1 Y 1 B LYS 1293 ? B LYS 3  
19 1 Y 1 B LYS 1294 ? B LYS 4  
20 1 Y 1 B ASN 1295 ? B ASN 5  
21 1 Y 1 B LEU 1296 ? B LEU 6  
22 1 Y 1 B SER 1297 ? B SER 7  
23 1 Y 1 B PHE 1298 ? B PHE 8  
24 1 Y 1 B THR 1299 ? B THR 9  
25 1 Y 1 B ASN 1300 ? B ASN 10 
26 1 Y 1 B PRO 1301 ? B PRO 11 
# 
loop_
_chem_comp_atom.comp_id 
_chem_comp_atom.atom_id 
_chem_comp_atom.type_symbol 
_chem_comp_atom.pdbx_aromatic_flag 
_chem_comp_atom.pdbx_stereo_config 
_chem_comp_atom.pdbx_ordinal 
ALA N    N N N 1   
ALA CA   C N S 2   
ALA C    C N N 3   
ALA O    O N N 4   
ALA CB   C N N 5   
ALA OXT  O N N 6   
ALA H    H N N 7   
ALA H2   H N N 8   
ALA HA   H N N 9   
ALA HB1  H N N 10  
ALA HB2  H N N 11  
ALA HB3  H N N 12  
ALA HXT  H N N 13  
ARG N    N N N 14  
ARG CA   C N S 15  
ARG C    C N N 16  
ARG O    O N N 17  
ARG CB   C N N 18  
ARG CG   C N N 19  
ARG CD   C N N 20  
ARG NE   N N N 21  
ARG CZ   C N N 22  
ARG NH1  N N N 23  
ARG NH2  N N N 24  
ARG OXT  O N N 25  
ARG H    H N N 26  
ARG H2   H N N 27  
ARG HA   H N N 28  
ARG HB2  H N N 29  
ARG HB3  H N N 30  
ARG HG2  H N N 31  
ARG HG3  H N N 32  
ARG HD2  H N N 33  
ARG HD3  H N N 34  
ARG HE   H N N 35  
ARG HH11 H N N 36  
ARG HH12 H N N 37  
ARG HH21 H N N 38  
ARG HH22 H N N 39  
ARG HXT  H N N 40  
ASN N    N N N 41  
ASN CA   C N S 42  
ASN C    C N N 43  
ASN O    O N N 44  
ASN CB   C N N 45  
ASN CG   C N N 46  
ASN OD1  O N N 47  
ASN ND2  N N N 48  
ASN OXT  O N N 49  
ASN H    H N N 50  
ASN H2   H N N 51  
ASN HA   H N N 52  
ASN HB2  H N N 53  
ASN HB3  H N N 54  
ASN HD21 H N N 55  
ASN HD22 H N N 56  
ASN HXT  H N N 57  
ASP N    N N N 58  
ASP CA   C N S 59  
ASP C    C N N 60  
ASP O    O N N 61  
ASP CB   C N N 62  
ASP CG   C N N 63  
ASP OD1  O N N 64  
ASP OD2  O N N 65  
ASP OXT  O N N 66  
ASP H    H N N 67  
ASP H2   H N N 68  
ASP HA   H N N 69  
ASP HB2  H N N 70  
ASP HB3  H N N 71  
ASP HD2  H N N 72  
ASP HXT  H N N 73  
CYS N    N N N 74  
CYS CA   C N R 75  
CYS C    C N N 76  
CYS O    O N N 77  
CYS CB   C N N 78  
CYS SG   S N N 79  
CYS OXT  O N N 80  
CYS H    H N N 81  
CYS H2   H N N 82  
CYS HA   H N N 83  
CYS HB2  H N N 84  
CYS HB3  H N N 85  
CYS HG   H N N 86  
CYS HXT  H N N 87  
GLN N    N N N 88  
GLN CA   C N S 89  
GLN C    C N N 90  
GLN O    O N N 91  
GLN CB   C N N 92  
GLN CG   C N N 93  
GLN CD   C N N 94  
GLN OE1  O N N 95  
GLN NE2  N N N 96  
GLN OXT  O N N 97  
GLN H    H N N 98  
GLN H2   H N N 99  
GLN HA   H N N 100 
GLN HB2  H N N 101 
GLN HB3  H N N 102 
GLN HG2  H N N 103 
GLN HG3  H N N 104 
GLN HE21 H N N 105 
GLN HE22 H N N 106 
GLN HXT  H N N 107 
GLU N    N N N 108 
GLU CA   C N S 109 
GLU C    C N N 110 
GLU O    O N N 111 
GLU CB   C N N 112 
GLU CG   C N N 113 
GLU CD   C N N 114 
GLU OE1  O N N 115 
GLU OE2  O N N 116 
GLU OXT  O N N 117 
GLU H    H N N 118 
GLU H2   H N N 119 
GLU HA   H N N 120 
GLU HB2  H N N 121 
GLU HB3  H N N 122 
GLU HG2  H N N 123 
GLU HG3  H N N 124 
GLU HE2  H N N 125 
GLU HXT  H N N 126 
GLY N    N N N 127 
GLY CA   C N N 128 
GLY C    C N N 129 
GLY O    O N N 130 
GLY OXT  O N N 131 
GLY H    H N N 132 
GLY H2   H N N 133 
GLY HA2  H N N 134 
GLY HA3  H N N 135 
GLY HXT  H N N 136 
GOL C1   C N N 137 
GOL O1   O N N 138 
GOL C2   C N N 139 
GOL O2   O N N 140 
GOL C3   C N N 141 
GOL O3   O N N 142 
GOL H11  H N N 143 
GOL H12  H N N 144 
GOL HO1  H N N 145 
GOL H2   H N N 146 
GOL HO2  H N N 147 
GOL H31  H N N 148 
GOL H32  H N N 149 
GOL HO3  H N N 150 
HIS N    N N N 151 
HIS CA   C N S 152 
HIS C    C N N 153 
HIS O    O N N 154 
HIS CB   C N N 155 
HIS CG   C Y N 156 
HIS ND1  N Y N 157 
HIS CD2  C Y N 158 
HIS CE1  C Y N 159 
HIS NE2  N Y N 160 
HIS OXT  O N N 161 
HIS H    H N N 162 
HIS H2   H N N 163 
HIS HA   H N N 164 
HIS HB2  H N N 165 
HIS HB3  H N N 166 
HIS HD1  H N N 167 
HIS HD2  H N N 168 
HIS HE1  H N N 169 
HIS HE2  H N N 170 
HIS HXT  H N N 171 
HOH O    O N N 172 
HOH H1   H N N 173 
HOH H2   H N N 174 
ILE N    N N N 175 
ILE CA   C N S 176 
ILE C    C N N 177 
ILE O    O N N 178 
ILE CB   C N S 179 
ILE CG1  C N N 180 
ILE CG2  C N N 181 
ILE CD1  C N N 182 
ILE OXT  O N N 183 
ILE H    H N N 184 
ILE H2   H N N 185 
ILE HA   H N N 186 
ILE HB   H N N 187 
ILE HG12 H N N 188 
ILE HG13 H N N 189 
ILE HG21 H N N 190 
ILE HG22 H N N 191 
ILE HG23 H N N 192 
ILE HD11 H N N 193 
ILE HD12 H N N 194 
ILE HD13 H N N 195 
ILE HXT  H N N 196 
LEU N    N N N 197 
LEU CA   C N S 198 
LEU C    C N N 199 
LEU O    O N N 200 
LEU CB   C N N 201 
LEU CG   C N N 202 
LEU CD1  C N N 203 
LEU CD2  C N N 204 
LEU OXT  O N N 205 
LEU H    H N N 206 
LEU H2   H N N 207 
LEU HA   H N N 208 
LEU HB2  H N N 209 
LEU HB3  H N N 210 
LEU HG   H N N 211 
LEU HD11 H N N 212 
LEU HD12 H N N 213 
LEU HD13 H N N 214 
LEU HD21 H N N 215 
LEU HD22 H N N 216 
LEU HD23 H N N 217 
LEU HXT  H N N 218 
LYS N    N N N 219 
LYS CA   C N S 220 
LYS C    C N N 221 
LYS O    O N N 222 
LYS CB   C N N 223 
LYS CG   C N N 224 
LYS CD   C N N 225 
LYS CE   C N N 226 
LYS NZ   N N N 227 
LYS OXT  O N N 228 
LYS H    H N N 229 
LYS H2   H N N 230 
LYS HA   H N N 231 
LYS HB2  H N N 232 
LYS HB3  H N N 233 
LYS HG2  H N N 234 
LYS HG3  H N N 235 
LYS HD2  H N N 236 
LYS HD3  H N N 237 
LYS HE2  H N N 238 
LYS HE3  H N N 239 
LYS HZ1  H N N 240 
LYS HZ2  H N N 241 
LYS HZ3  H N N 242 
LYS HXT  H N N 243 
MET N    N N N 244 
MET CA   C N S 245 
MET C    C N N 246 
MET O    O N N 247 
MET CB   C N N 248 
MET CG   C N N 249 
MET SD   S N N 250 
MET CE   C N N 251 
MET OXT  O N N 252 
MET H    H N N 253 
MET H2   H N N 254 
MET HA   H N N 255 
MET HB2  H N N 256 
MET HB3  H N N 257 
MET HG2  H N N 258 
MET HG3  H N N 259 
MET HE1  H N N 260 
MET HE2  H N N 261 
MET HE3  H N N 262 
MET HXT  H N N 263 
PHE N    N N N 264 
PHE CA   C N S 265 
PHE C    C N N 266 
PHE O    O N N 267 
PHE CB   C N N 268 
PHE CG   C Y N 269 
PHE CD1  C Y N 270 
PHE CD2  C Y N 271 
PHE CE1  C Y N 272 
PHE CE2  C Y N 273 
PHE CZ   C Y N 274 
PHE OXT  O N N 275 
PHE H    H N N 276 
PHE H2   H N N 277 
PHE HA   H N N 278 
PHE HB2  H N N 279 
PHE HB3  H N N 280 
PHE HD1  H N N 281 
PHE HD2  H N N 282 
PHE HE1  H N N 283 
PHE HE2  H N N 284 
PHE HZ   H N N 285 
PHE HXT  H N N 286 
PRO N    N N N 287 
PRO CA   C N S 288 
PRO C    C N N 289 
PRO O    O N N 290 
PRO CB   C N N 291 
PRO CG   C N N 292 
PRO CD   C N N 293 
PRO OXT  O N N 294 
PRO H    H N N 295 
PRO HA   H N N 296 
PRO HB2  H N N 297 
PRO HB3  H N N 298 
PRO HG2  H N N 299 
PRO HG3  H N N 300 
PRO HD2  H N N 301 
PRO HD3  H N N 302 
PRO HXT  H N N 303 
SER N    N N N 304 
SER CA   C N S 305 
SER C    C N N 306 
SER O    O N N 307 
SER CB   C N N 308 
SER OG   O N N 309 
SER OXT  O N N 310 
SER H    H N N 311 
SER H2   H N N 312 
SER HA   H N N 313 
SER HB2  H N N 314 
SER HB3  H N N 315 
SER HG   H N N 316 
SER HXT  H N N 317 
THR N    N N N 318 
THR CA   C N S 319 
THR C    C N N 320 
THR O    O N N 321 
THR CB   C N R 322 
THR OG1  O N N 323 
THR CG2  C N N 324 
THR OXT  O N N 325 
THR H    H N N 326 
THR H2   H N N 327 
THR HA   H N N 328 
THR HB   H N N 329 
THR HG1  H N N 330 
THR HG21 H N N 331 
THR HG22 H N N 332 
THR HG23 H N N 333 
THR HXT  H N N 334 
TYR N    N N N 335 
TYR CA   C N S 336 
TYR C    C N N 337 
TYR O    O N N 338 
TYR CB   C N N 339 
TYR CG   C Y N 340 
TYR CD1  C Y N 341 
TYR CD2  C Y N 342 
TYR CE1  C Y N 343 
TYR CE2  C Y N 344 
TYR CZ   C Y N 345 
TYR OH   O N N 346 
TYR OXT  O N N 347 
TYR H    H N N 348 
TYR H2   H N N 349 
TYR HA   H N N 350 
TYR HB2  H N N 351 
TYR HB3  H N N 352 
TYR HD1  H N N 353 
TYR HD2  H N N 354 
TYR HE1  H N N 355 
TYR HE2  H N N 356 
TYR HH   H N N 357 
TYR HXT  H N N 358 
VAL N    N N N 359 
VAL CA   C N S 360 
VAL C    C N N 361 
VAL O    O N N 362 
VAL CB   C N N 363 
VAL CG1  C N N 364 
VAL CG2  C N N 365 
VAL OXT  O N N 366 
VAL H    H N N 367 
VAL H2   H N N 368 
VAL HA   H N N 369 
VAL HB   H N N 370 
VAL HG11 H N N 371 
VAL HG12 H N N 372 
VAL HG13 H N N 373 
VAL HG21 H N N 374 
VAL HG22 H N N 375 
VAL HG23 H N N 376 
VAL HXT  H N N 377 
# 
loop_
_chem_comp_bond.comp_id 
_chem_comp_bond.atom_id_1 
_chem_comp_bond.atom_id_2 
_chem_comp_bond.value_order 
_chem_comp_bond.pdbx_aromatic_flag 
_chem_comp_bond.pdbx_stereo_config 
_chem_comp_bond.pdbx_ordinal 
ALA N   CA   sing N N 1   
ALA N   H    sing N N 2   
ALA N   H2   sing N N 3   
ALA CA  C    sing N N 4   
ALA CA  CB   sing N N 5   
ALA CA  HA   sing N N 6   
ALA C   O    doub N N 7   
ALA C   OXT  sing N N 8   
ALA CB  HB1  sing N N 9   
ALA CB  HB2  sing N N 10  
ALA CB  HB3  sing N N 11  
ALA OXT HXT  sing N N 12  
ARG N   CA   sing N N 13  
ARG N   H    sing N N 14  
ARG N   H2   sing N N 15  
ARG CA  C    sing N N 16  
ARG CA  CB   sing N N 17  
ARG CA  HA   sing N N 18  
ARG C   O    doub N N 19  
ARG C   OXT  sing N N 20  
ARG CB  CG   sing N N 21  
ARG CB  HB2  sing N N 22  
ARG CB  HB3  sing N N 23  
ARG CG  CD   sing N N 24  
ARG CG  HG2  sing N N 25  
ARG CG  HG3  sing N N 26  
ARG CD  NE   sing N N 27  
ARG CD  HD2  sing N N 28  
ARG CD  HD3  sing N N 29  
ARG NE  CZ   sing N N 30  
ARG NE  HE   sing N N 31  
ARG CZ  NH1  sing N N 32  
ARG CZ  NH2  doub N N 33  
ARG NH1 HH11 sing N N 34  
ARG NH1 HH12 sing N N 35  
ARG NH2 HH21 sing N N 36  
ARG NH2 HH22 sing N N 37  
ARG OXT HXT  sing N N 38  
ASN N   CA   sing N N 39  
ASN N   H    sing N N 40  
ASN N   H2   sing N N 41  
ASN CA  C    sing N N 42  
ASN CA  CB   sing N N 43  
ASN CA  HA   sing N N 44  
ASN C   O    doub N N 45  
ASN C   OXT  sing N N 46  
ASN CB  CG   sing N N 47  
ASN CB  HB2  sing N N 48  
ASN CB  HB3  sing N N 49  
ASN CG  OD1  doub N N 50  
ASN CG  ND2  sing N N 51  
ASN ND2 HD21 sing N N 52  
ASN ND2 HD22 sing N N 53  
ASN OXT HXT  sing N N 54  
ASP N   CA   sing N N 55  
ASP N   H    sing N N 56  
ASP N   H2   sing N N 57  
ASP CA  C    sing N N 58  
ASP CA  CB   sing N N 59  
ASP CA  HA   sing N N 60  
ASP C   O    doub N N 61  
ASP C   OXT  sing N N 62  
ASP CB  CG   sing N N 63  
ASP CB  HB2  sing N N 64  
ASP CB  HB3  sing N N 65  
ASP CG  OD1  doub N N 66  
ASP CG  OD2  sing N N 67  
ASP OD2 HD2  sing N N 68  
ASP OXT HXT  sing N N 69  
CYS N   CA   sing N N 70  
CYS N   H    sing N N 71  
CYS N   H2   sing N N 72  
CYS CA  C    sing N N 73  
CYS CA  CB   sing N N 74  
CYS CA  HA   sing N N 75  
CYS C   O    doub N N 76  
CYS C   OXT  sing N N 77  
CYS CB  SG   sing N N 78  
CYS CB  HB2  sing N N 79  
CYS CB  HB3  sing N N 80  
CYS SG  HG   sing N N 81  
CYS OXT HXT  sing N N 82  
GLN N   CA   sing N N 83  
GLN N   H    sing N N 84  
GLN N   H2   sing N N 85  
GLN CA  C    sing N N 86  
GLN CA  CB   sing N N 87  
GLN CA  HA   sing N N 88  
GLN C   O    doub N N 89  
GLN C   OXT  sing N N 90  
GLN CB  CG   sing N N 91  
GLN CB  HB2  sing N N 92  
GLN CB  HB3  sing N N 93  
GLN CG  CD   sing N N 94  
GLN CG  HG2  sing N N 95  
GLN CG  HG3  sing N N 96  
GLN CD  OE1  doub N N 97  
GLN CD  NE2  sing N N 98  
GLN NE2 HE21 sing N N 99  
GLN NE2 HE22 sing N N 100 
GLN OXT HXT  sing N N 101 
GLU N   CA   sing N N 102 
GLU N   H    sing N N 103 
GLU N   H2   sing N N 104 
GLU CA  C    sing N N 105 
GLU CA  CB   sing N N 106 
GLU CA  HA   sing N N 107 
GLU C   O    doub N N 108 
GLU C   OXT  sing N N 109 
GLU CB  CG   sing N N 110 
GLU CB  HB2  sing N N 111 
GLU CB  HB3  sing N N 112 
GLU CG  CD   sing N N 113 
GLU CG  HG2  sing N N 114 
GLU CG  HG3  sing N N 115 
GLU CD  OE1  doub N N 116 
GLU CD  OE2  sing N N 117 
GLU OE2 HE2  sing N N 118 
GLU OXT HXT  sing N N 119 
GLY N   CA   sing N N 120 
GLY N   H    sing N N 121 
GLY N   H2   sing N N 122 
GLY CA  C    sing N N 123 
GLY CA  HA2  sing N N 124 
GLY CA  HA3  sing N N 125 
GLY C   O    doub N N 126 
GLY C   OXT  sing N N 127 
GLY OXT HXT  sing N N 128 
GOL C1  O1   sing N N 129 
GOL C1  C2   sing N N 130 
GOL C1  H11  sing N N 131 
GOL C1  H12  sing N N 132 
GOL O1  HO1  sing N N 133 
GOL C2  O2   sing N N 134 
GOL C2  C3   sing N N 135 
GOL C2  H2   sing N N 136 
GOL O2  HO2  sing N N 137 
GOL C3  O3   sing N N 138 
GOL C3  H31  sing N N 139 
GOL C3  H32  sing N N 140 
GOL O3  HO3  sing N N 141 
HIS N   CA   sing N N 142 
HIS N   H    sing N N 143 
HIS N   H2   sing N N 144 
HIS CA  C    sing N N 145 
HIS CA  CB   sing N N 146 
HIS CA  HA   sing N N 147 
HIS C   O    doub N N 148 
HIS C   OXT  sing N N 149 
HIS CB  CG   sing N N 150 
HIS CB  HB2  sing N N 151 
HIS CB  HB3  sing N N 152 
HIS CG  ND1  sing Y N 153 
HIS CG  CD2  doub Y N 154 
HIS ND1 CE1  doub Y N 155 
HIS ND1 HD1  sing N N 156 
HIS CD2 NE2  sing Y N 157 
HIS CD2 HD2  sing N N 158 
HIS CE1 NE2  sing Y N 159 
HIS CE1 HE1  sing N N 160 
HIS NE2 HE2  sing N N 161 
HIS OXT HXT  sing N N 162 
HOH O   H1   sing N N 163 
HOH O   H2   sing N N 164 
ILE N   CA   sing N N 165 
ILE N   H    sing N N 166 
ILE N   H2   sing N N 167 
ILE CA  C    sing N N 168 
ILE CA  CB   sing N N 169 
ILE CA  HA   sing N N 170 
ILE C   O    doub N N 171 
ILE C   OXT  sing N N 172 
ILE CB  CG1  sing N N 173 
ILE CB  CG2  sing N N 174 
ILE CB  HB   sing N N 175 
ILE CG1 CD1  sing N N 176 
ILE CG1 HG12 sing N N 177 
ILE CG1 HG13 sing N N 178 
ILE CG2 HG21 sing N N 179 
ILE CG2 HG22 sing N N 180 
ILE CG2 HG23 sing N N 181 
ILE CD1 HD11 sing N N 182 
ILE CD1 HD12 sing N N 183 
ILE CD1 HD13 sing N N 184 
ILE OXT HXT  sing N N 185 
LEU N   CA   sing N N 186 
LEU N   H    sing N N 187 
LEU N   H2   sing N N 188 
LEU CA  C    sing N N 189 
LEU CA  CB   sing N N 190 
LEU CA  HA   sing N N 191 
LEU C   O    doub N N 192 
LEU C   OXT  sing N N 193 
LEU CB  CG   sing N N 194 
LEU CB  HB2  sing N N 195 
LEU CB  HB3  sing N N 196 
LEU CG  CD1  sing N N 197 
LEU CG  CD2  sing N N 198 
LEU CG  HG   sing N N 199 
LEU CD1 HD11 sing N N 200 
LEU CD1 HD12 sing N N 201 
LEU CD1 HD13 sing N N 202 
LEU CD2 HD21 sing N N 203 
LEU CD2 HD22 sing N N 204 
LEU CD2 HD23 sing N N 205 
LEU OXT HXT  sing N N 206 
LYS N   CA   sing N N 207 
LYS N   H    sing N N 208 
LYS N   H2   sing N N 209 
LYS CA  C    sing N N 210 
LYS CA  CB   sing N N 211 
LYS CA  HA   sing N N 212 
LYS C   O    doub N N 213 
LYS C   OXT  sing N N 214 
LYS CB  CG   sing N N 215 
LYS CB  HB2  sing N N 216 
LYS CB  HB3  sing N N 217 
LYS CG  CD   sing N N 218 
LYS CG  HG2  sing N N 219 
LYS CG  HG3  sing N N 220 
LYS CD  CE   sing N N 221 
LYS CD  HD2  sing N N 222 
LYS CD  HD3  sing N N 223 
LYS CE  NZ   sing N N 224 
LYS CE  HE2  sing N N 225 
LYS CE  HE3  sing N N 226 
LYS NZ  HZ1  sing N N 227 
LYS NZ  HZ2  sing N N 228 
LYS NZ  HZ3  sing N N 229 
LYS OXT HXT  sing N N 230 
MET N   CA   sing N N 231 
MET N   H    sing N N 232 
MET N   H2   sing N N 233 
MET CA  C    sing N N 234 
MET CA  CB   sing N N 235 
MET CA  HA   sing N N 236 
MET C   O    doub N N 237 
MET C   OXT  sing N N 238 
MET CB  CG   sing N N 239 
MET CB  HB2  sing N N 240 
MET CB  HB3  sing N N 241 
MET CG  SD   sing N N 242 
MET CG  HG2  sing N N 243 
MET CG  HG3  sing N N 244 
MET SD  CE   sing N N 245 
MET CE  HE1  sing N N 246 
MET CE  HE2  sing N N 247 
MET CE  HE3  sing N N 248 
MET OXT HXT  sing N N 249 
PHE N   CA   sing N N 250 
PHE N   H    sing N N 251 
PHE N   H2   sing N N 252 
PHE CA  C    sing N N 253 
PHE CA  CB   sing N N 254 
PHE CA  HA   sing N N 255 
PHE C   O    doub N N 256 
PHE C   OXT  sing N N 257 
PHE CB  CG   sing N N 258 
PHE CB  HB2  sing N N 259 
PHE CB  HB3  sing N N 260 
PHE CG  CD1  doub Y N 261 
PHE CG  CD2  sing Y N 262 
PHE CD1 CE1  sing Y N 263 
PHE CD1 HD1  sing N N 264 
PHE CD2 CE2  doub Y N 265 
PHE CD2 HD2  sing N N 266 
PHE CE1 CZ   doub Y N 267 
PHE CE1 HE1  sing N N 268 
PHE CE2 CZ   sing Y N 269 
PHE CE2 HE2  sing N N 270 
PHE CZ  HZ   sing N N 271 
PHE OXT HXT  sing N N 272 
PRO N   CA   sing N N 273 
PRO N   CD   sing N N 274 
PRO N   H    sing N N 275 
PRO CA  C    sing N N 276 
PRO CA  CB   sing N N 277 
PRO CA  HA   sing N N 278 
PRO C   O    doub N N 279 
PRO C   OXT  sing N N 280 
PRO CB  CG   sing N N 281 
PRO CB  HB2  sing N N 282 
PRO CB  HB3  sing N N 283 
PRO CG  CD   sing N N 284 
PRO CG  HG2  sing N N 285 
PRO CG  HG3  sing N N 286 
PRO CD  HD2  sing N N 287 
PRO CD  HD3  sing N N 288 
PRO OXT HXT  sing N N 289 
SER N   CA   sing N N 290 
SER N   H    sing N N 291 
SER N   H2   sing N N 292 
SER CA  C    sing N N 293 
SER CA  CB   sing N N 294 
SER CA  HA   sing N N 295 
SER C   O    doub N N 296 
SER C   OXT  sing N N 297 
SER CB  OG   sing N N 298 
SER CB  HB2  sing N N 299 
SER CB  HB3  sing N N 300 
SER OG  HG   sing N N 301 
SER OXT HXT  sing N N 302 
THR N   CA   sing N N 303 
THR N   H    sing N N 304 
THR N   H2   sing N N 305 
THR CA  C    sing N N 306 
THR CA  CB   sing N N 307 
THR CA  HA   sing N N 308 
THR C   O    doub N N 309 
THR C   OXT  sing N N 310 
THR CB  OG1  sing N N 311 
THR CB  CG2  sing N N 312 
THR CB  HB   sing N N 313 
THR OG1 HG1  sing N N 314 
THR CG2 HG21 sing N N 315 
THR CG2 HG22 sing N N 316 
THR CG2 HG23 sing N N 317 
THR OXT HXT  sing N N 318 
TYR N   CA   sing N N 319 
TYR N   H    sing N N 320 
TYR N   H2   sing N N 321 
TYR CA  C    sing N N 322 
TYR CA  CB   sing N N 323 
TYR CA  HA   sing N N 324 
TYR C   O    doub N N 325 
TYR C   OXT  sing N N 326 
TYR CB  CG   sing N N 327 
TYR CB  HB2  sing N N 328 
TYR CB  HB3  sing N N 329 
TYR CG  CD1  doub Y N 330 
TYR CG  CD2  sing Y N 331 
TYR CD1 CE1  sing Y N 332 
TYR CD1 HD1  sing N N 333 
TYR CD2 CE2  doub Y N 334 
TYR CD2 HD2  sing N N 335 
TYR CE1 CZ   doub Y N 336 
TYR CE1 HE1  sing N N 337 
TYR CE2 CZ   sing Y N 338 
TYR CE2 HE2  sing N N 339 
TYR CZ  OH   sing N N 340 
TYR OH  HH   sing N N 341 
TYR OXT HXT  sing N N 342 
VAL N   CA   sing N N 343 
VAL N   H    sing N N 344 
VAL N   H2   sing N N 345 
VAL CA  C    sing N N 346 
VAL CA  CB   sing N N 347 
VAL CA  HA   sing N N 348 
VAL C   O    doub N N 349 
VAL C   OXT  sing N N 350 
VAL CB  CG1  sing N N 351 
VAL CB  CG2  sing N N 352 
VAL CB  HB   sing N N 353 
VAL CG1 HG11 sing N N 354 
VAL CG1 HG12 sing N N 355 
VAL CG1 HG13 sing N N 356 
VAL CG2 HG21 sing N N 357 
VAL CG2 HG22 sing N N 358 
VAL CG2 HG23 sing N N 359 
VAL OXT HXT  sing N N 360 
# 
_pdbx_audit_support.funding_organization   'National Natural Science Foundation of China (NSFC)' 
_pdbx_audit_support.country                China 
_pdbx_audit_support.grant_number           ? 
_pdbx_audit_support.ordinal                1 
# 
loop_
_pdbx_entity_nonpoly.entity_id 
_pdbx_entity_nonpoly.name 
_pdbx_entity_nonpoly.comp_id 
3 GLYCEROL GOL 
4 water    HOH 
# 
_pdbx_initial_refinement_model.id               1 
_pdbx_initial_refinement_model.entity_id_list   ? 
_pdbx_initial_refinement_model.type             'experimental model' 
_pdbx_initial_refinement_model.source_name      PDB 
_pdbx_initial_refinement_model.accession_code   2KBS 
_pdbx_initial_refinement_model.details          ? 
# 
_pdbx_struct_assembly_auth_evidence.id                     1 
_pdbx_struct_assembly_auth_evidence.assembly_id            1 
_pdbx_struct_assembly_auth_evidence.experimental_support   'isothermal titration calorimetry' 
_pdbx_struct_assembly_auth_evidence.details                ? 
# 
